data_8XRA
#
_entry.id   8XRA
#
_cell.length_a   1.00
_cell.length_b   1.00
_cell.length_c   1.00
_cell.angle_alpha   90.00
_cell.angle_beta   90.00
_cell.angle_gamma   90.00
#
_symmetry.space_group_name_H-M   'P 1'
#
loop_
_entity.id
_entity.type
_entity.pdbx_description
1 polymer Hemagglutinin
2 branched 'N-acetyl-alpha-neuraminic acid-(2-3)-beta-D-galactopyranose'
3 non-polymer 2-acetamido-2-deoxy-beta-D-glucopyranose
4 non-polymer 'N-acetyl-alpha-neuraminic acid'
#
_entity_poly.entity_id   1
_entity_poly.type   'polypeptide(L)'
_entity_poly.pdbx_seq_one_letter_code
;DQICIGYHANNSTETVDTILERNVTVTHAKDILEKTHNGKLCKLNGIPPLELGDCSIAGWLLGNPECDRLLSVPEWSYIM
EKENPRDGLCYPGSFNDYEELKHLLSSVKHFEKVKILPKDRWTQHTTTGGSRACAVSGNPSFFRNMVWLTKKGSNYPVAK
GSYNNTSGEQMLIIWGVHHPNDETEQRTLYQNVGTYVSVGTSTLNKRSTPDIATRPKVNGLGSRMEFSWTLLDMWDTINF
ESTGNLIAPEYGFKISKRGSSGIMKTEGTLENCETKCQTPLGAINTTLPFHNVHPLTIGECPKYVKSEKLVLATGLRNVP
QIESRGLFGAIAGFIEGGWQGMVDGWYGYHHSNDQGSGYAADKESTQKAFDGITNKVNSVIEKMNTQFEAVGKEFSNLER
RLENLNKKMEDGFLDVWTYNAELLVLMENERTLDFHDSNVKNLYDKVRMQLRDNVKELGNGCFEFYHKCDDECMNSVKNG
TYDYPKYEEESKLNRNE
;
_entity_poly.pdbx_strand_id   A,B,C
#
loop_
_chem_comp.id
_chem_comp.type
_chem_comp.name
_chem_comp.formula
GAL D-saccharide, beta linking beta-D-galactopyranose 'C6 H12 O6'
NAG D-saccharide, beta linking 2-acetamido-2-deoxy-beta-D-glucopyranose 'C8 H15 N O6'
SIA D-saccharide, alpha linking 'N-acetyl-alpha-neuraminic acid' 'C11 H19 N O9'
#
# COMPACT_ATOMS: atom_id res chain seq x y z
N ASP A 1 40.87 -11.92 49.90
CA ASP A 1 40.40 -12.90 48.93
C ASP A 1 38.99 -12.55 48.46
N GLN A 2 38.86 -12.11 47.21
CA GLN A 2 37.55 -11.70 46.73
C GLN A 2 37.41 -11.95 45.24
N ILE A 3 36.17 -12.04 44.80
CA ILE A 3 35.84 -12.34 43.41
C ILE A 3 34.74 -11.38 42.97
N CYS A 4 34.92 -10.75 41.80
CA CYS A 4 33.98 -9.78 41.28
C CYS A 4 33.47 -10.16 39.90
N ILE A 5 32.20 -9.83 39.65
CA ILE A 5 31.51 -10.10 38.39
C ILE A 5 31.24 -8.78 37.69
N GLY A 6 31.54 -8.71 36.40
CA GLY A 6 31.36 -7.44 35.71
C GLY A 6 31.34 -7.61 34.21
N TYR A 7 31.22 -6.48 33.52
CA TYR A 7 31.16 -6.46 32.07
C TYR A 7 32.28 -5.60 31.50
N HIS A 8 32.22 -5.37 30.19
CA HIS A 8 33.35 -4.97 29.37
C HIS A 8 33.14 -3.57 28.81
N ALA A 9 34.20 -2.76 28.82
CA ALA A 9 34.17 -1.41 28.28
C ALA A 9 35.41 -1.18 27.43
N ASN A 10 35.29 -0.28 26.46
CA ASN A 10 36.38 0.07 25.56
C ASN A 10 36.32 1.56 25.27
N ASN A 11 37.06 1.99 24.24
CA ASN A 11 37.15 3.40 23.87
C ASN A 11 36.35 3.71 22.61
N SER A 12 35.29 2.96 22.36
CA SER A 12 34.44 3.22 21.20
C SER A 12 33.59 4.47 21.44
N THR A 13 33.19 5.10 20.34
CA THR A 13 32.38 6.31 20.41
C THR A 13 31.11 6.22 19.56
N GLU A 14 30.66 5.00 19.25
CA GLU A 14 29.43 4.83 18.50
C GLU A 14 28.22 5.18 19.38
N THR A 15 27.11 5.53 18.72
CA THR A 15 25.93 6.01 19.40
C THR A 15 24.69 5.41 18.76
N VAL A 16 23.75 4.94 19.60
CA VAL A 16 22.49 4.40 19.15
C VAL A 16 21.36 5.15 19.86
N ASP A 17 20.13 4.89 19.41
CA ASP A 17 18.94 5.53 19.95
C ASP A 17 17.94 4.46 20.36
N THR A 18 17.41 4.57 21.57
CA THR A 18 16.40 3.67 22.09
C THR A 18 15.08 4.43 22.25
N ILE A 19 14.04 3.69 22.66
CA ILE A 19 12.72 4.29 22.77
C ILE A 19 12.60 5.16 24.01
N LEU A 20 13.45 4.95 25.02
CA LEU A 20 13.41 5.74 26.23
C LEU A 20 14.58 6.69 26.38
N GLU A 21 15.66 6.49 25.63
CA GLU A 21 16.85 7.32 25.75
C GLU A 21 17.33 7.71 24.36
N ARG A 22 18.09 8.80 24.31
CA ARG A 22 18.69 9.30 23.08
C ARG A 22 20.18 9.48 23.26
N ASN A 23 20.94 9.17 22.20
CA ASN A 23 22.39 9.37 22.16
C ASN A 23 23.09 8.60 23.28
N VAL A 24 23.01 7.28 23.18
CA VAL A 24 23.61 6.37 24.14
C VAL A 24 24.84 5.72 23.51
N THR A 25 25.97 5.80 24.21
CA THR A 25 27.21 5.22 23.73
C THR A 25 27.23 3.72 23.96
N VAL A 26 27.73 2.98 22.96
CA VAL A 26 27.77 1.53 23.00
C VAL A 26 29.15 1.05 22.58
N THR A 27 29.43 -0.22 22.91
CA THR A 27 30.73 -0.80 22.60
C THR A 27 30.82 -1.19 21.13
N HIS A 28 29.82 -1.91 20.62
CA HIS A 28 29.76 -2.29 19.22
C HIS A 28 28.39 -1.96 18.67
N ALA A 29 28.34 -1.68 17.37
CA ALA A 29 27.08 -1.37 16.70
C ALA A 29 27.20 -1.76 15.24
N LYS A 30 26.03 -1.94 14.61
CA LYS A 30 25.96 -2.32 13.20
C LYS A 30 25.06 -1.36 12.46
N ASP A 31 25.55 -0.77 11.38
CA ASP A 31 24.75 0.11 10.54
C ASP A 31 24.03 -0.71 9.48
N ILE A 32 22.71 -0.59 9.44
CA ILE A 32 21.90 -1.31 8.46
C ILE A 32 21.27 -0.36 7.45
N LEU A 33 21.87 0.82 7.26
CA LEU A 33 21.45 1.77 6.24
C LEU A 33 22.67 2.12 5.40
N GLU A 34 22.56 1.91 4.09
CA GLU A 34 23.65 2.22 3.17
C GLU A 34 23.48 3.64 2.64
N LYS A 35 24.55 4.44 2.74
CA LYS A 35 24.50 5.84 2.37
C LYS A 35 25.63 6.22 1.42
N THR A 36 26.08 5.29 0.59
CA THR A 36 27.20 5.54 -0.30
C THR A 36 26.97 4.86 -1.63
N HIS A 37 27.65 5.36 -2.66
CA HIS A 37 27.52 4.84 -4.01
C HIS A 37 28.81 5.09 -4.77
N ASN A 38 28.98 4.33 -5.85
CA ASN A 38 30.21 4.42 -6.64
C ASN A 38 30.33 5.79 -7.29
N GLY A 39 29.24 6.30 -7.86
CA GLY A 39 29.29 7.53 -8.62
C GLY A 39 29.44 7.34 -10.11
N LYS A 40 29.26 6.13 -10.61
CA LYS A 40 29.47 5.82 -12.01
C LYS A 40 28.27 5.05 -12.55
N LEU A 41 28.06 5.15 -13.85
CA LEU A 41 27.06 4.33 -14.53
C LEU A 41 27.73 3.06 -15.05
N CYS A 42 27.38 1.93 -14.44
CA CYS A 42 28.09 0.68 -14.64
C CYS A 42 27.36 -0.20 -15.64
N LYS A 43 27.85 -1.42 -15.77
CA LYS A 43 27.24 -2.46 -16.59
C LYS A 43 26.56 -3.47 -15.67
N LEU A 44 25.29 -3.74 -15.93
CA LEU A 44 24.48 -4.60 -15.07
C LEU A 44 24.61 -6.04 -15.54
N ASN A 45 25.16 -6.89 -14.68
CA ASN A 45 25.36 -8.31 -14.96
C ASN A 45 26.19 -8.52 -16.23
N GLY A 46 27.18 -7.66 -16.43
CA GLY A 46 28.10 -7.77 -17.55
C GLY A 46 27.66 -7.13 -18.84
N ILE A 47 26.37 -7.15 -19.13
CA ILE A 47 25.88 -6.60 -20.40
C ILE A 47 25.92 -5.08 -20.34
N PRO A 48 26.56 -4.42 -21.29
CA PRO A 48 26.58 -2.95 -21.31
C PRO A 48 25.20 -2.39 -21.57
N PRO A 49 24.92 -1.18 -21.09
CA PRO A 49 23.62 -0.56 -21.35
C PRO A 49 23.52 -0.05 -22.77
N LEU A 50 22.31 0.35 -23.13
CA LEU A 50 22.05 1.05 -24.39
C LEU A 50 22.14 2.55 -24.13
N GLU A 51 23.14 3.19 -24.73
CA GLU A 51 23.35 4.62 -24.58
C GLU A 51 22.76 5.34 -25.79
N LEU A 52 21.66 6.06 -25.57
CA LEU A 52 21.01 6.78 -26.65
C LEU A 52 21.64 8.15 -26.90
N GLY A 53 22.31 8.72 -25.91
CA GLY A 53 22.93 10.02 -26.08
C GLY A 53 21.91 11.14 -26.21
N ASP A 54 21.96 11.86 -27.32
CA ASP A 54 21.02 12.95 -27.59
C ASP A 54 19.79 12.48 -28.35
N CYS A 55 19.41 11.22 -28.21
CA CYS A 55 18.33 10.62 -28.98
C CYS A 55 17.17 10.24 -28.09
N SER A 56 16.02 10.05 -28.71
CA SER A 56 14.83 9.52 -28.07
C SER A 56 14.53 8.14 -28.61
N ILE A 57 13.58 7.46 -27.96
CA ILE A 57 13.19 6.14 -28.41
C ILE A 57 12.53 6.21 -29.79
N ALA A 58 11.72 7.23 -30.02
CA ALA A 58 11.11 7.42 -31.33
C ALA A 58 12.16 7.67 -32.40
N GLY A 59 13.18 8.48 -32.08
CA GLY A 59 14.23 8.73 -33.05
C GLY A 59 15.04 7.49 -33.39
N TRP A 60 15.34 6.68 -32.38
CA TRP A 60 16.05 5.44 -32.62
C TRP A 60 15.21 4.47 -33.45
N LEU A 61 13.93 4.34 -33.13
CA LEU A 61 13.09 3.37 -33.82
C LEU A 61 12.70 3.80 -35.23
N LEU A 62 12.60 5.10 -35.50
CA LEU A 62 12.22 5.57 -36.81
C LEU A 62 13.39 5.83 -37.73
N GLY A 63 14.59 6.04 -37.19
CA GLY A 63 15.76 6.25 -38.00
C GLY A 63 16.07 7.71 -38.28
N ASN A 64 16.19 8.51 -37.23
CA ASN A 64 16.57 9.91 -37.41
C ASN A 64 17.97 9.98 -38.01
N PRO A 65 18.18 10.78 -39.05
CA PRO A 65 19.51 10.80 -39.69
C PRO A 65 20.63 11.20 -38.75
N GLU A 66 20.34 11.99 -37.72
CA GLU A 66 21.38 12.33 -36.76
C GLU A 66 21.81 11.13 -35.93
N CYS A 67 20.89 10.22 -35.65
CA CYS A 67 21.17 9.06 -34.82
C CYS A 67 21.51 7.84 -35.68
N ASP A 68 22.51 7.99 -36.53
CA ASP A 68 22.97 6.91 -37.38
C ASP A 68 23.93 5.97 -36.68
N ARG A 69 24.33 6.30 -35.44
CA ARG A 69 25.18 5.42 -34.65
C ARG A 69 24.43 4.21 -34.13
N LEU A 70 23.14 4.32 -33.88
CA LEU A 70 22.34 3.27 -33.26
C LEU A 70 21.56 2.45 -34.28
N LEU A 71 22.13 2.22 -35.47
CA LEU A 71 21.49 1.38 -36.47
C LEU A 71 21.80 -0.10 -36.30
N SER A 72 22.78 -0.45 -35.47
CA SER A 72 23.19 -1.84 -35.25
C SER A 72 23.38 -2.09 -33.76
N VAL A 73 22.40 -1.69 -32.96
CA VAL A 73 22.52 -1.76 -31.50
C VAL A 73 22.72 -3.21 -31.05
N PRO A 74 23.71 -3.51 -30.23
CA PRO A 74 23.85 -4.86 -29.68
C PRO A 74 23.02 -5.08 -28.43
N GLU A 75 23.21 -6.23 -27.79
CA GLU A 75 22.47 -6.57 -26.59
C GLU A 75 22.71 -5.54 -25.49
N TRP A 76 21.67 -5.26 -24.71
CA TRP A 76 21.72 -4.23 -23.68
C TRP A 76 21.15 -4.78 -22.38
N SER A 77 21.44 -4.07 -21.29
CA SER A 77 20.91 -4.38 -19.97
C SER A 77 19.84 -3.39 -19.50
N TYR A 78 20.01 -2.11 -19.81
CA TYR A 78 18.98 -1.11 -19.55
C TYR A 78 19.22 0.06 -20.49
N ILE A 79 18.20 0.90 -20.65
CA ILE A 79 18.23 2.02 -21.57
C ILE A 79 18.55 3.29 -20.79
N MET A 80 19.48 4.09 -21.32
CA MET A 80 19.84 5.38 -20.74
C MET A 80 19.36 6.48 -21.67
N GLU A 81 18.53 7.39 -21.14
CA GLU A 81 17.94 8.47 -21.91
C GLU A 81 18.13 9.78 -21.15
N LYS A 82 17.88 10.88 -21.84
CA LYS A 82 17.93 12.21 -21.25
C LYS A 82 16.51 12.70 -20.94
N GLU A 83 16.44 13.66 -20.01
CA GLU A 83 15.14 14.18 -19.61
C GLU A 83 14.45 14.89 -20.77
N ASN A 84 15.20 15.68 -21.52
CA ASN A 84 14.67 16.38 -22.70
C ASN A 84 15.61 16.10 -23.87
N PRO A 85 15.47 14.94 -24.51
CA PRO A 85 16.32 14.63 -25.65
C PRO A 85 16.12 15.60 -26.79
N ARG A 86 17.19 15.86 -27.52
CA ARG A 86 17.19 16.87 -28.58
C ARG A 86 16.78 16.30 -29.93
N ASP A 87 17.27 15.13 -30.30
CA ASP A 87 17.03 14.55 -31.61
C ASP A 87 15.95 13.48 -31.51
N GLY A 88 14.71 13.90 -31.71
CA GLY A 88 13.58 12.99 -31.70
C GLY A 88 12.88 12.92 -33.05
N LEU A 89 11.70 13.51 -33.12
CA LEU A 89 10.94 13.57 -34.37
C LEU A 89 11.35 14.83 -35.13
N CYS A 90 12.24 14.66 -36.11
CA CYS A 90 12.70 15.81 -36.89
C CYS A 90 11.56 16.45 -37.65
N TYR A 91 10.72 15.63 -38.29
CA TYR A 91 9.49 16.13 -38.88
C TYR A 91 8.43 16.22 -37.79
N PRO A 92 7.81 17.38 -37.59
CA PRO A 92 6.88 17.54 -36.46
C PRO A 92 5.70 16.59 -36.56
N GLY A 93 5.22 16.16 -35.40
CA GLY A 93 4.10 15.23 -35.37
C GLY A 93 3.89 14.65 -33.98
N SER A 94 3.33 13.45 -33.96
CA SER A 94 2.99 12.78 -32.71
C SER A 94 3.14 11.28 -32.88
N PHE A 95 3.22 10.59 -31.74
CA PHE A 95 3.39 9.14 -31.69
C PHE A 95 2.33 8.57 -30.77
N ASN A 96 1.38 7.84 -31.33
CA ASN A 96 0.29 7.29 -30.53
C ASN A 96 0.78 6.13 -29.65
N ASP A 97 0.28 6.09 -28.42
CA ASP A 97 0.63 5.06 -27.45
C ASP A 97 2.14 4.95 -27.24
N TYR A 98 2.77 6.12 -27.10
CA TYR A 98 4.22 6.18 -26.93
C TYR A 98 4.65 5.55 -25.61
N GLU A 99 3.91 5.81 -24.54
CA GLU A 99 4.29 5.30 -23.23
C GLU A 99 4.14 3.78 -23.16
N GLU A 100 3.12 3.24 -23.81
CA GLU A 100 2.98 1.78 -23.86
C GLU A 100 4.13 1.15 -24.64
N LEU A 101 4.57 1.80 -25.71
CA LEU A 101 5.72 1.31 -26.46
C LEU A 101 6.97 1.31 -25.59
N LYS A 102 7.17 2.36 -24.80
CA LYS A 102 8.33 2.40 -23.91
C LYS A 102 8.23 1.31 -22.84
N HIS A 103 7.03 1.10 -22.30
CA HIS A 103 6.84 0.04 -21.30
C HIS A 103 7.14 -1.33 -21.89
N LEU A 104 6.73 -1.57 -23.14
CA LEU A 104 7.08 -2.82 -23.79
C LEU A 104 8.58 -2.93 -23.99
N LEU A 105 9.22 -1.85 -24.43
CA LEU A 105 10.67 -1.85 -24.65
C LEU A 105 11.45 -2.01 -23.36
N SER A 106 10.82 -1.82 -22.21
CA SER A 106 11.51 -2.08 -20.95
C SER A 106 11.91 -3.55 -20.83
N SER A 107 10.95 -4.46 -21.01
CA SER A 107 11.19 -5.89 -20.79
C SER A 107 11.56 -6.59 -22.10
N VAL A 108 12.53 -6.01 -22.80
CA VAL A 108 13.07 -6.57 -24.04
C VAL A 108 14.56 -6.33 -24.04
N LYS A 109 15.30 -7.20 -24.73
CA LYS A 109 16.74 -7.05 -24.84
C LYS A 109 17.20 -7.45 -26.25
N HIS A 110 18.45 -7.13 -26.53
CA HIS A 110 19.10 -7.36 -27.82
C HIS A 110 18.40 -6.68 -28.98
N PHE A 111 17.26 -7.25 -29.43
CA PHE A 111 16.40 -6.65 -30.45
C PHE A 111 17.03 -6.84 -31.83
N GLU A 112 16.27 -7.31 -32.81
CA GLU A 112 16.81 -7.53 -34.16
C GLU A 112 15.96 -6.78 -35.17
N LYS A 113 16.56 -6.49 -36.33
CA LYS A 113 15.91 -5.76 -37.40
C LYS A 113 15.86 -6.62 -38.64
N VAL A 114 14.68 -6.72 -39.28
CA VAL A 114 14.51 -7.54 -40.46
C VAL A 114 13.77 -6.73 -41.53
N LYS A 115 14.32 -6.70 -42.74
CA LYS A 115 13.69 -6.01 -43.85
C LYS A 115 12.51 -6.82 -44.36
N ILE A 116 11.34 -6.18 -44.45
CA ILE A 116 10.09 -6.85 -44.76
C ILE A 116 9.46 -6.35 -46.04
N LEU A 117 9.47 -5.03 -46.25
CA LEU A 117 8.93 -4.42 -47.46
C LEU A 117 10.03 -3.58 -48.10
N PRO A 118 10.90 -4.20 -48.88
CA PRO A 118 12.01 -3.45 -49.47
C PRO A 118 11.52 -2.29 -50.32
N LYS A 119 12.26 -1.19 -50.28
CA LYS A 119 11.83 0.04 -50.94
C LYS A 119 11.69 -0.15 -52.45
N ASP A 120 12.40 -1.13 -53.01
CA ASP A 120 12.42 -1.33 -54.45
C ASP A 120 11.18 -2.06 -54.98
N ARG A 121 10.24 -2.46 -54.12
CA ARG A 121 9.04 -3.14 -54.60
C ARG A 121 7.95 -2.18 -55.05
N TRP A 122 8.03 -0.91 -54.64
CA TRP A 122 7.02 0.09 -55.02
C TRP A 122 7.37 0.62 -56.40
N THR A 123 7.06 -0.18 -57.41
CA THR A 123 7.40 0.18 -58.79
C THR A 123 6.40 1.15 -59.41
N GLN A 124 5.26 1.38 -58.77
CA GLN A 124 4.22 2.27 -59.28
C GLN A 124 4.10 3.56 -58.48
N HIS A 125 5.11 3.88 -57.68
CA HIS A 125 5.10 5.09 -56.86
C HIS A 125 6.51 5.63 -56.75
N THR A 126 6.63 6.90 -56.36
CA THR A 126 7.91 7.51 -56.06
C THR A 126 8.25 7.28 -54.59
N THR A 127 9.54 7.09 -54.32
CA THR A 127 9.98 6.72 -52.98
C THR A 127 11.18 7.53 -52.49
N THR A 128 11.52 8.65 -53.14
CA THR A 128 12.69 9.42 -52.79
C THR A 128 12.35 10.75 -52.13
N GLY A 129 11.19 10.83 -51.48
CA GLY A 129 10.79 12.07 -50.84
C GLY A 129 11.66 12.41 -49.64
N GLY A 130 11.65 13.69 -49.29
CA GLY A 130 12.45 14.17 -48.18
C GLY A 130 12.03 15.56 -47.77
N SER A 131 12.55 16.00 -46.63
CA SER A 131 12.23 17.29 -46.06
C SER A 131 13.49 17.94 -45.53
N ARG A 132 13.43 19.27 -45.42
CA ARG A 132 14.57 20.04 -44.92
C ARG A 132 14.73 19.95 -43.41
N ALA A 133 13.69 19.55 -42.68
CA ALA A 133 13.84 19.36 -41.24
C ALA A 133 14.82 18.24 -40.93
N CYS A 134 14.69 17.11 -41.64
CA CYS A 134 15.62 16.00 -41.51
C CYS A 134 16.62 16.06 -42.67
N ALA A 135 17.50 17.04 -42.61
CA ALA A 135 18.47 17.29 -43.67
C ALA A 135 19.85 16.79 -43.27
N VAL A 136 20.56 16.20 -44.22
CA VAL A 136 21.93 15.76 -44.04
C VAL A 136 22.82 16.55 -45.00
N SER A 137 23.80 17.26 -44.45
CA SER A 137 24.74 18.05 -45.24
C SER A 137 24.02 19.05 -46.15
N GLY A 138 22.95 19.64 -45.64
CA GLY A 138 22.18 20.63 -46.37
C GLY A 138 21.08 20.08 -47.26
N ASN A 139 21.35 18.97 -47.94
CA ASN A 139 20.36 18.38 -48.83
C ASN A 139 19.22 17.75 -48.02
N PRO A 140 18.00 17.78 -48.56
CA PRO A 140 16.87 17.17 -47.85
C PRO A 140 17.01 15.67 -47.75
N SER A 141 16.47 15.11 -46.66
CA SER A 141 16.47 13.67 -46.44
C SER A 141 15.23 13.31 -45.65
N PHE A 142 15.20 12.08 -45.12
CA PHE A 142 14.04 11.54 -44.46
C PHE A 142 14.51 10.54 -43.40
N PHE A 143 13.55 9.91 -42.73
CA PHE A 143 13.88 8.83 -41.82
C PHE A 143 14.50 7.66 -42.58
N ARG A 144 15.35 6.90 -41.90
CA ARG A 144 16.06 5.82 -42.56
C ARG A 144 15.24 4.54 -42.61
N ASN A 145 14.33 4.34 -41.66
CA ASN A 145 13.56 3.11 -41.57
C ASN A 145 12.18 3.21 -42.21
N MET A 146 11.84 4.34 -42.83
CA MET A 146 10.51 4.53 -43.39
C MET A 146 10.61 5.07 -44.82
N VAL A 147 9.54 4.85 -45.58
CA VAL A 147 9.44 5.24 -46.97
C VAL A 147 8.25 6.19 -47.13
N TRP A 148 8.47 7.31 -47.81
CA TRP A 148 7.43 8.27 -48.12
C TRP A 148 6.97 8.03 -49.55
N LEU A 149 5.73 7.58 -49.71
CA LEU A 149 5.19 7.26 -51.03
C LEU A 149 4.55 8.50 -51.64
N THR A 150 5.02 8.90 -52.80
CA THR A 150 4.52 10.06 -53.53
C THR A 150 4.14 9.62 -54.94
N LYS A 151 3.27 10.41 -55.57
CA LYS A 151 2.79 10.07 -56.91
C LYS A 151 3.94 10.06 -57.91
N LYS A 152 3.82 9.17 -58.88
CA LYS A 152 4.78 9.06 -59.99
C LYS A 152 4.10 9.48 -61.27
N GLY A 153 4.69 10.43 -61.98
CA GLY A 153 4.06 10.97 -63.16
C GLY A 153 2.91 11.88 -62.80
N SER A 154 1.68 11.44 -63.05
CA SER A 154 0.51 12.21 -62.65
C SER A 154 -0.57 11.30 -62.09
N ASN A 155 -0.20 10.16 -61.54
CA ASN A 155 -1.16 9.20 -61.01
C ASN A 155 -0.66 8.63 -59.70
N TYR A 156 -1.61 8.23 -58.84
CA TYR A 156 -1.33 7.56 -57.58
C TYR A 156 -2.20 6.31 -57.53
N PRO A 157 -1.72 5.19 -58.07
CA PRO A 157 -2.48 3.95 -57.98
C PRO A 157 -2.59 3.49 -56.54
N VAL A 158 -3.61 2.65 -56.29
CA VAL A 158 -3.85 2.14 -54.95
C VAL A 158 -2.65 1.31 -54.50
N ALA A 159 -2.13 1.62 -53.31
CA ALA A 159 -0.93 0.99 -52.79
C ALA A 159 -1.32 -0.12 -51.83
N LYS A 160 -0.78 -1.32 -52.07
CA LYS A 160 -1.06 -2.49 -51.26
C LYS A 160 0.25 -3.17 -50.87
N GLY A 161 0.28 -3.71 -49.65
CA GLY A 161 1.46 -4.42 -49.19
C GLY A 161 1.19 -5.37 -48.05
N SER A 162 1.65 -6.62 -48.17
CA SER A 162 1.38 -7.64 -47.16
C SER A 162 2.67 -8.27 -46.67
N TYR A 163 2.69 -8.61 -45.39
CA TYR A 163 3.84 -9.32 -44.83
C TYR A 163 3.36 -10.45 -43.92
N ASN A 164 3.93 -11.63 -44.13
CA ASN A 164 3.69 -12.80 -43.30
C ASN A 164 4.84 -12.96 -42.31
N ASN A 165 4.51 -13.12 -41.03
CA ASN A 165 5.53 -13.19 -39.98
C ASN A 165 6.03 -14.62 -39.85
N THR A 166 7.13 -14.92 -40.54
CA THR A 166 7.78 -16.22 -40.45
C THR A 166 9.17 -16.10 -39.83
N SER A 167 9.41 -15.01 -39.09
CA SER A 167 10.73 -14.74 -38.54
C SER A 167 11.07 -15.71 -37.40
N GLY A 168 10.13 -15.91 -36.48
CA GLY A 168 10.37 -16.83 -35.39
C GLY A 168 9.99 -16.27 -34.03
N GLU A 169 9.64 -14.99 -33.98
CA GLU A 169 9.25 -14.36 -32.73
C GLU A 169 8.31 -13.21 -33.03
N GLN A 170 7.81 -12.57 -31.97
CA GLN A 170 6.93 -11.42 -32.12
C GLN A 170 7.68 -10.25 -32.74
N MET A 171 6.93 -9.40 -33.42
CA MET A 171 7.52 -8.33 -34.21
C MET A 171 6.82 -7.03 -33.93
N LEU A 172 7.56 -5.93 -34.02
CA LEU A 172 7.03 -4.59 -33.84
C LEU A 172 7.07 -3.86 -35.18
N ILE A 173 5.94 -3.28 -35.58
CA ILE A 173 5.80 -2.60 -36.86
C ILE A 173 5.21 -1.22 -36.60
N ILE A 174 5.80 -0.19 -37.22
CA ILE A 174 5.36 1.19 -37.08
C ILE A 174 5.05 1.76 -38.46
N TRP A 175 3.90 2.42 -38.58
CA TRP A 175 3.52 3.12 -39.80
C TRP A 175 3.09 4.54 -39.45
N GLY A 176 2.79 5.33 -40.48
CA GLY A 176 2.45 6.73 -40.27
C GLY A 176 1.51 7.28 -41.31
N VAL A 177 0.93 8.44 -40.98
CA VAL A 177 -0.02 9.16 -41.83
C VAL A 177 0.40 10.62 -41.88
N HIS A 178 0.31 11.23 -43.05
CA HIS A 178 0.74 12.61 -43.27
C HIS A 178 -0.46 13.55 -43.30
N HIS A 179 -0.41 14.58 -42.46
CA HIS A 179 -1.44 15.62 -42.44
C HIS A 179 -0.88 16.89 -43.07
N PRO A 180 -1.31 17.27 -44.26
CA PRO A 180 -0.73 18.42 -44.95
C PRO A 180 -1.27 19.75 -44.39
N ASN A 181 -0.83 20.84 -45.02
CA ASN A 181 -1.18 22.19 -44.60
C ASN A 181 -2.27 22.81 -45.45
N ASP A 182 -2.26 22.58 -46.75
CA ASP A 182 -3.28 23.13 -47.65
C ASP A 182 -3.60 22.10 -48.73
N GLU A 183 -4.64 22.40 -49.51
CA GLU A 183 -5.08 21.47 -50.55
C GLU A 183 -4.08 21.40 -51.71
N THR A 184 -3.36 22.50 -51.97
CA THR A 184 -2.38 22.48 -53.04
C THR A 184 -1.27 21.48 -52.75
N GLU A 185 -0.82 21.41 -51.50
CA GLU A 185 0.16 20.40 -51.10
C GLU A 185 -0.38 18.99 -51.36
N GLN A 186 -1.64 18.75 -51.01
CA GLN A 186 -2.23 17.44 -51.22
C GLN A 186 -2.27 17.08 -52.69
N ARG A 187 -2.66 18.02 -53.55
CA ARG A 187 -2.72 17.73 -54.97
C ARG A 187 -1.33 17.58 -55.57
N THR A 188 -0.34 18.27 -55.03
CA THR A 188 1.01 18.16 -55.56
C THR A 188 1.67 16.85 -55.15
N LEU A 189 1.32 16.31 -53.98
CA LEU A 189 1.95 15.09 -53.51
C LEU A 189 1.18 13.82 -53.85
N TYR A 190 -0.14 13.88 -53.99
CA TYR A 190 -0.94 12.67 -54.12
C TYR A 190 -1.99 12.71 -55.23
N GLN A 191 -2.22 13.86 -55.86
CA GLN A 191 -3.02 13.99 -57.09
C GLN A 191 -4.51 13.80 -56.86
N ASN A 192 -4.92 13.43 -55.65
CA ASN A 192 -6.35 13.27 -55.39
C ASN A 192 -6.64 13.67 -53.95
N VAL A 193 -7.88 14.07 -53.71
CA VAL A 193 -8.33 14.49 -52.39
C VAL A 193 -9.37 13.49 -51.91
N GLY A 194 -9.43 13.31 -50.59
CA GLY A 194 -10.31 12.31 -50.01
C GLY A 194 -9.68 10.93 -50.00
N THR A 195 -8.53 10.82 -49.35
CA THR A 195 -7.76 9.59 -49.30
C THR A 195 -7.93 8.92 -47.94
N TYR A 196 -7.38 7.70 -47.83
CA TYR A 196 -7.46 6.94 -46.59
C TYR A 196 -6.25 6.05 -46.47
N VAL A 197 -5.96 5.64 -45.24
CA VAL A 197 -4.93 4.65 -44.94
C VAL A 197 -5.56 3.56 -44.09
N SER A 198 -5.53 2.32 -44.58
CA SER A 198 -6.14 1.18 -43.93
C SER A 198 -5.07 0.17 -43.53
N VAL A 199 -5.13 -0.29 -42.28
CA VAL A 199 -4.19 -1.27 -41.76
C VAL A 199 -4.98 -2.42 -41.16
N GLY A 200 -4.61 -3.65 -41.52
CA GLY A 200 -5.35 -4.81 -41.04
C GLY A 200 -4.50 -6.02 -40.66
N THR A 201 -4.76 -6.57 -39.49
CA THR A 201 -4.18 -7.83 -39.04
C THR A 201 -5.32 -8.77 -38.62
N SER A 202 -4.95 -9.88 -37.98
CA SER A 202 -5.97 -10.81 -37.49
C SER A 202 -6.75 -10.23 -36.32
N THR A 203 -6.11 -9.38 -35.51
CA THR A 203 -6.77 -8.77 -34.36
C THR A 203 -6.80 -7.26 -34.42
N LEU A 204 -6.45 -6.65 -35.55
CA LEU A 204 -6.41 -5.20 -35.69
C LEU A 204 -7.15 -4.78 -36.95
N ASN A 205 -7.78 -3.62 -36.88
CA ASN A 205 -8.54 -3.08 -38.01
C ASN A 205 -8.58 -1.57 -37.81
N LYS A 206 -7.84 -0.83 -38.64
CA LYS A 206 -7.75 0.62 -38.47
C LYS A 206 -7.91 1.32 -39.81
N ARG A 207 -8.69 2.40 -39.82
CA ARG A 207 -8.84 3.26 -40.98
C ARG A 207 -8.63 4.70 -40.54
N SER A 208 -7.78 5.43 -41.26
CA SER A 208 -7.44 6.80 -40.91
C SER A 208 -7.58 7.70 -42.12
N THR A 209 -7.94 8.96 -41.86
CA THR A 209 -8.18 9.96 -42.88
C THR A 209 -7.34 11.19 -42.60
N PRO A 210 -6.71 11.76 -43.63
CA PRO A 210 -5.87 12.95 -43.41
C PRO A 210 -6.68 14.16 -42.98
N ASP A 211 -6.01 15.03 -42.24
CA ASP A 211 -6.56 16.32 -41.82
C ASP A 211 -5.78 17.44 -42.49
N ILE A 212 -6.49 18.33 -43.17
CA ILE A 212 -5.88 19.45 -43.88
C ILE A 212 -6.35 20.73 -43.20
N ALA A 213 -5.43 21.44 -42.56
CA ALA A 213 -5.77 22.66 -41.85
C ALA A 213 -4.51 23.48 -41.65
N THR A 214 -4.70 24.80 -41.48
CA THR A 214 -3.60 25.70 -41.19
C THR A 214 -3.22 25.58 -39.71
N ARG A 215 -1.93 25.40 -39.45
CA ARG A 215 -1.41 25.11 -38.13
C ARG A 215 -0.20 25.98 -37.84
N PRO A 216 0.11 26.22 -36.57
CA PRO A 216 1.34 26.93 -36.24
C PRO A 216 2.57 26.18 -36.73
N LYS A 217 3.61 26.93 -37.07
CA LYS A 217 4.82 26.36 -37.66
C LYS A 217 5.73 25.82 -36.57
N VAL A 218 6.04 24.53 -36.65
CA VAL A 218 7.04 23.89 -35.80
C VAL A 218 8.14 23.36 -36.69
N ASN A 219 9.38 23.77 -36.40
CA ASN A 219 10.53 23.48 -37.25
C ASN A 219 10.33 23.96 -38.68
N GLY A 220 9.58 25.05 -38.84
CA GLY A 220 9.36 25.66 -40.13
C GLY A 220 8.26 25.05 -40.97
N LEU A 221 7.51 24.08 -40.45
CA LEU A 221 6.49 23.39 -41.23
C LEU A 221 5.15 23.44 -40.51
N GLY A 222 4.08 23.53 -41.29
CA GLY A 222 2.74 23.51 -40.75
C GLY A 222 2.08 22.15 -40.86
N SER A 223 2.72 21.23 -41.55
CA SER A 223 2.23 19.87 -41.72
C SER A 223 2.73 18.98 -40.58
N ARG A 224 2.04 17.85 -40.39
CA ARG A 224 2.34 16.96 -39.28
C ARG A 224 2.36 15.51 -39.75
N MET A 225 2.87 14.64 -38.91
CA MET A 225 2.93 13.19 -39.18
C MET A 225 2.51 12.44 -37.92
N GLU A 226 1.58 11.51 -38.07
CA GLU A 226 1.07 10.72 -36.95
C GLU A 226 1.53 9.28 -37.11
N PHE A 227 2.17 8.75 -36.08
CA PHE A 227 2.77 7.43 -36.12
C PHE A 227 2.04 6.47 -35.18
N SER A 228 1.83 5.25 -35.65
CA SER A 228 1.17 4.20 -34.89
C SER A 228 1.98 2.91 -35.00
N TRP A 229 1.77 2.01 -34.03
CA TRP A 229 2.56 0.79 -33.95
C TRP A 229 1.67 -0.39 -33.58
N THR A 230 2.17 -1.58 -33.89
CA THR A 230 1.47 -2.82 -33.58
C THR A 230 2.47 -3.94 -33.35
N LEU A 231 1.98 -4.98 -32.69
CA LEU A 231 2.75 -6.18 -32.33
C LEU A 231 2.21 -7.36 -33.13
N LEU A 232 2.95 -7.76 -34.16
CA LEU A 232 2.58 -8.89 -34.99
C LEU A 232 3.01 -10.19 -34.33
N ASP A 233 2.09 -11.15 -34.26
CA ASP A 233 2.34 -12.46 -33.70
C ASP A 233 2.88 -13.42 -34.75
N MET A 234 3.36 -14.57 -34.28
CA MET A 234 3.94 -15.57 -35.18
C MET A 234 2.88 -16.14 -36.11
N TRP A 235 3.28 -16.36 -37.37
CA TRP A 235 2.40 -16.92 -38.39
C TRP A 235 1.14 -16.07 -38.59
N ASP A 236 1.30 -14.75 -38.49
CA ASP A 236 0.22 -13.81 -38.71
C ASP A 236 0.63 -12.80 -39.79
N THR A 237 -0.36 -12.33 -40.54
CA THR A 237 -0.13 -11.46 -41.68
C THR A 237 -0.60 -10.04 -41.38
N ILE A 238 0.06 -9.07 -41.99
CA ILE A 238 -0.30 -7.67 -41.86
C ILE A 238 -0.48 -7.09 -43.27
N ASN A 239 -1.56 -6.31 -43.44
CA ASN A 239 -1.93 -5.75 -44.73
C ASN A 239 -2.03 -4.24 -44.63
N PHE A 240 -1.41 -3.55 -45.59
CA PHE A 240 -1.46 -2.11 -45.74
C PHE A 240 -2.16 -1.78 -47.04
N GLU A 241 -3.13 -0.87 -46.98
CA GLU A 241 -3.79 -0.34 -48.17
C GLU A 241 -3.87 1.17 -48.06
N SER A 242 -3.68 1.85 -49.19
CA SER A 242 -3.71 3.31 -49.13
C SER A 242 -4.03 3.90 -50.50
N THR A 243 -4.75 5.02 -50.47
CA THR A 243 -4.93 5.88 -51.64
C THR A 243 -4.08 7.14 -51.57
N GLY A 244 -3.61 7.49 -50.38
CA GLY A 244 -2.67 8.59 -50.24
C GLY A 244 -2.30 8.75 -48.78
N ASN A 245 -1.27 9.57 -48.56
CA ASN A 245 -0.85 9.96 -47.22
C ASN A 245 -0.38 8.76 -46.38
N LEU A 246 0.39 7.87 -47.00
CA LEU A 246 0.90 6.69 -46.31
C LEU A 246 2.41 6.76 -46.21
N ILE A 247 2.93 6.61 -44.99
CA ILE A 247 4.36 6.51 -44.74
C ILE A 247 4.64 5.07 -44.34
N ALA A 248 5.14 4.29 -45.29
CA ALA A 248 5.26 2.86 -45.11
C ALA A 248 6.52 2.51 -44.32
N PRO A 249 6.51 1.38 -43.62
CA PRO A 249 7.75 0.88 -43.02
C PRO A 249 8.53 0.01 -43.98
N GLU A 250 9.84 -0.04 -43.74
CA GLU A 250 10.73 -0.93 -44.48
C GLU A 250 11.37 -1.99 -43.61
N TYR A 251 11.51 -1.74 -42.31
CA TYR A 251 12.12 -2.68 -41.38
C TYR A 251 11.18 -2.96 -40.24
N GLY A 252 10.98 -4.24 -39.93
CA GLY A 252 10.28 -4.65 -38.74
C GLY A 252 11.27 -5.03 -37.65
N PHE A 253 10.79 -4.99 -36.41
CA PHE A 253 11.66 -5.11 -35.25
C PHE A 253 11.32 -6.40 -34.49
N LYS A 254 12.14 -7.42 -34.67
CA LYS A 254 11.90 -8.72 -34.04
C LYS A 254 12.41 -8.71 -32.62
N ILE A 255 11.61 -9.24 -31.69
CA ILE A 255 12.07 -9.39 -30.32
C ILE A 255 12.97 -10.63 -30.22
N SER A 256 14.22 -10.42 -29.82
CA SER A 256 15.24 -11.46 -29.84
C SER A 256 15.51 -12.06 -28.47
N LYS A 257 15.72 -11.24 -27.45
CA LYS A 257 15.92 -11.73 -26.09
C LYS A 257 15.03 -10.94 -25.14
N ARG A 258 14.36 -11.64 -24.24
CA ARG A 258 13.49 -11.01 -23.26
C ARG A 258 14.16 -11.02 -21.88
N GLY A 259 13.48 -10.42 -20.92
CA GLY A 259 14.03 -10.30 -19.58
C GLY A 259 13.42 -9.10 -18.87
N SER A 260 14.22 -8.53 -17.96
CA SER A 260 13.79 -7.39 -17.15
C SER A 260 14.80 -6.27 -17.28
N SER A 261 14.33 -5.09 -17.64
CA SER A 261 15.18 -3.90 -17.79
C SER A 261 14.33 -2.68 -17.46
N GLY A 262 14.81 -1.51 -17.85
CA GLY A 262 14.06 -0.28 -17.61
C GLY A 262 14.73 0.89 -18.30
N ILE A 263 14.09 2.06 -18.17
CA ILE A 263 14.58 3.31 -18.73
C ILE A 263 15.04 4.21 -17.60
N MET A 264 16.27 4.71 -17.70
CA MET A 264 16.86 5.58 -16.69
C MET A 264 17.19 6.92 -17.33
N LYS A 265 16.67 7.99 -16.75
CA LYS A 265 16.88 9.34 -17.26
C LYS A 265 18.13 9.92 -16.60
N THR A 266 19.22 10.00 -17.35
CA THR A 266 20.49 10.48 -16.82
C THR A 266 21.23 11.28 -17.87
N GLU A 267 21.91 12.33 -17.42
CA GLU A 267 22.83 13.10 -18.26
C GLU A 267 24.26 12.62 -18.05
N GLY A 268 24.48 11.33 -18.28
CA GLY A 268 25.77 10.73 -18.01
C GLY A 268 26.34 9.90 -19.13
N THR A 269 27.47 9.27 -18.89
CA THR A 269 28.13 8.41 -19.85
C THR A 269 28.59 7.13 -19.17
N LEU A 270 28.72 6.07 -19.97
CA LEU A 270 29.05 4.75 -19.44
C LEU A 270 30.56 4.66 -19.20
N GLU A 271 30.93 4.06 -18.06
CA GLU A 271 32.33 3.91 -17.67
C GLU A 271 32.59 2.46 -17.31
N ASN A 272 33.86 2.06 -17.43
CA ASN A 272 34.24 0.66 -17.21
C ASN A 272 34.12 0.31 -15.74
N CYS A 273 33.05 -0.42 -15.41
CA CYS A 273 32.67 -0.77 -14.04
C CYS A 273 31.42 -1.63 -14.11
N GLU A 274 31.19 -2.41 -13.05
CA GLU A 274 30.13 -3.39 -13.02
C GLU A 274 29.39 -3.31 -11.68
N THR A 275 28.12 -3.68 -11.71
CA THR A 275 27.31 -3.61 -10.50
C THR A 275 26.19 -4.63 -10.59
N LYS A 276 25.29 -4.58 -9.61
CA LYS A 276 24.20 -5.51 -9.49
C LYS A 276 22.91 -4.76 -9.12
N CYS A 277 23.03 -3.50 -8.72
CA CYS A 277 21.92 -2.58 -8.51
C CYS A 277 22.37 -1.19 -8.94
N GLN A 278 21.52 -0.47 -9.68
CA GLN A 278 21.92 0.79 -10.29
C GLN A 278 20.98 1.93 -9.89
N THR A 279 21.57 3.11 -9.68
CA THR A 279 20.96 4.38 -9.30
C THR A 279 21.45 5.48 -10.24
N PRO A 280 20.62 6.49 -10.54
CA PRO A 280 21.05 7.55 -11.46
C PRO A 280 22.28 8.33 -10.99
N LEU A 281 22.59 8.30 -9.70
CA LEU A 281 23.80 8.94 -9.19
C LEU A 281 25.00 8.00 -9.15
N GLY A 282 24.79 6.69 -9.12
CA GLY A 282 25.90 5.76 -9.04
C GLY A 282 25.40 4.34 -8.84
N ALA A 283 26.33 3.48 -8.45
CA ALA A 283 26.06 2.06 -8.27
C ALA A 283 26.18 1.69 -6.79
N ILE A 284 25.31 0.80 -6.34
CA ILE A 284 25.25 0.37 -4.95
C ILE A 284 25.82 -1.05 -4.85
N ASN A 285 26.73 -1.26 -3.91
CA ASN A 285 27.34 -2.56 -3.65
C ASN A 285 27.27 -2.82 -2.14
N THR A 286 26.17 -3.40 -1.68
CA THR A 286 25.97 -3.63 -0.26
C THR A 286 25.00 -4.77 -0.06
N THR A 287 24.99 -5.30 1.16
CA THR A 287 24.08 -6.38 1.54
C THR A 287 23.05 -5.94 2.57
N LEU A 288 23.10 -4.69 3.01
CA LEU A 288 22.19 -4.22 4.04
C LEU A 288 20.77 -4.08 3.50
N PRO A 289 19.76 -4.15 4.37
CA PRO A 289 18.37 -4.15 3.89
C PRO A 289 17.80 -2.78 3.55
N PHE A 290 18.47 -1.68 3.89
CA PHE A 290 17.92 -0.35 3.70
C PHE A 290 18.95 0.57 3.06
N HIS A 291 18.46 1.58 2.34
CA HIS A 291 19.31 2.58 1.71
C HIS A 291 18.52 3.87 1.53
N ASN A 292 19.25 4.98 1.35
CA ASN A 292 18.62 6.28 1.13
C ASN A 292 19.30 7.06 0.02
N VAL A 293 19.80 6.38 -1.02
CA VAL A 293 20.52 7.08 -2.07
C VAL A 293 19.56 7.78 -3.03
N HIS A 294 18.68 7.02 -3.68
CA HIS A 294 17.76 7.59 -4.66
C HIS A 294 16.53 6.70 -4.76
N PRO A 295 15.33 7.27 -4.89
CA PRO A 295 14.13 6.44 -4.94
C PRO A 295 13.96 5.66 -6.23
N LEU A 296 14.58 6.09 -7.33
CA LEU A 296 14.43 5.43 -8.62
C LEU A 296 15.65 4.55 -8.85
N THR A 297 15.46 3.24 -8.72
CA THR A 297 16.53 2.28 -8.85
C THR A 297 16.15 1.20 -9.86
N ILE A 298 17.16 0.62 -10.50
CA ILE A 298 16.98 -0.49 -11.42
C ILE A 298 17.78 -1.68 -10.90
N GLY A 299 17.10 -2.82 -10.72
CA GLY A 299 17.79 -4.02 -10.30
C GLY A 299 17.20 -4.62 -9.05
N GLU A 300 18.02 -5.31 -8.28
CA GLU A 300 17.61 -5.85 -6.99
C GLU A 300 18.32 -5.04 -5.91
N CYS A 301 17.59 -4.12 -5.29
CA CYS A 301 18.14 -3.10 -4.43
C CYS A 301 17.43 -3.12 -3.08
N PRO A 302 18.10 -2.65 -2.03
CA PRO A 302 17.47 -2.62 -0.71
C PRO A 302 16.29 -1.66 -0.68
N LYS A 303 15.53 -1.73 0.41
CA LYS A 303 14.38 -0.86 0.57
C LYS A 303 14.82 0.59 0.74
N TYR A 304 14.07 1.51 0.15
CA TYR A 304 14.37 2.93 0.23
C TYR A 304 13.53 3.55 1.35
N VAL A 305 14.22 4.25 2.26
CA VAL A 305 13.58 4.91 3.38
C VAL A 305 14.07 6.35 3.46
N LYS A 306 13.29 7.19 4.13
CA LYS A 306 13.64 8.59 4.34
C LYS A 306 14.24 8.79 5.73
N SER A 307 15.41 8.19 5.95
CA SER A 307 16.09 8.27 7.23
C SER A 307 17.57 8.56 7.00
N GLU A 308 18.21 9.08 8.04
CA GLU A 308 19.64 9.37 8.00
C GLU A 308 20.46 8.50 8.94
N LYS A 309 19.82 7.70 9.80
CA LYS A 309 20.54 6.89 10.77
C LYS A 309 19.70 5.69 11.16
N LEU A 310 20.23 4.49 10.92
CA LEU A 310 19.60 3.24 11.35
C LEU A 310 20.71 2.33 11.87
N VAL A 311 20.98 2.40 13.17
CA VAL A 311 22.09 1.70 13.79
C VAL A 311 21.54 0.78 14.88
N LEU A 312 21.94 -0.48 14.83
CA LEU A 312 21.50 -1.50 15.77
C LEU A 312 22.60 -1.77 16.79
N ALA A 313 22.20 -1.85 18.05
CA ALA A 313 23.14 -2.11 19.14
C ALA A 313 23.43 -3.59 19.25
N THR A 314 24.68 -3.98 19.00
CA THR A 314 25.12 -5.36 19.15
C THR A 314 26.11 -5.49 20.30
N GLY A 315 26.00 -4.63 21.29
CA GLY A 315 26.93 -4.65 22.39
C GLY A 315 26.36 -3.98 23.61
N LEU A 316 27.22 -3.75 24.59
CA LEU A 316 26.84 -3.20 25.89
C LEU A 316 27.03 -1.69 25.91
N ARG A 317 26.40 -1.06 26.90
CA ARG A 317 26.61 0.35 27.14
C ARG A 317 28.04 0.59 27.58
N ASN A 318 28.60 1.75 27.20
CA ASN A 318 29.97 2.08 27.53
C ASN A 318 29.98 3.05 28.71
N VAL A 319 30.02 2.48 29.90
CA VAL A 319 30.15 3.26 31.13
C VAL A 319 31.52 2.93 31.73
N PRO A 320 32.59 3.56 31.27
CA PRO A 320 33.95 3.16 31.65
C PRO A 320 34.48 3.82 32.92
N GLN A 321 34.04 3.31 34.07
CA GLN A 321 34.58 3.75 35.35
C GLN A 321 34.44 2.59 36.34
N ILE A 322 35.50 1.80 36.47
CA ILE A 322 35.56 0.63 37.36
C ILE A 322 34.24 -0.14 37.37
N ALA A 330 41.45 -1.60 44.89
CA ALA A 330 40.05 -1.74 45.27
C ALA A 330 39.16 -1.86 44.04
N ILE A 331 39.25 -3.00 43.35
CA ILE A 331 38.44 -3.23 42.16
C ILE A 331 36.98 -3.39 42.58
N ALA A 332 36.08 -3.06 41.66
CA ALA A 332 34.64 -3.20 41.88
C ALA A 332 34.00 -3.79 40.64
N GLY A 333 32.68 -4.01 40.72
CA GLY A 333 31.98 -4.76 39.69
C GLY A 333 30.95 -4.00 38.90
N PHE A 334 29.88 -4.69 38.51
CA PHE A 334 28.93 -4.18 37.55
C PHE A 334 27.96 -3.14 38.12
N ILE A 335 27.92 -2.97 39.44
CA ILE A 335 26.97 -2.04 40.03
C ILE A 335 27.28 -0.61 39.61
N GLU A 336 28.56 -0.23 39.62
CA GLU A 336 28.96 1.14 39.41
C GLU A 336 29.68 1.38 38.09
N GLY A 337 29.73 0.39 37.21
CA GLY A 337 30.33 0.61 35.89
C GLY A 337 31.11 -0.57 35.35
N GLY A 338 31.56 -0.46 34.10
CA GLY A 338 32.29 -1.53 33.46
C GLY A 338 33.79 -1.47 33.69
N TRP A 339 34.47 -2.49 33.18
CA TRP A 339 35.92 -2.61 33.29
C TRP A 339 36.57 -2.34 31.94
N GLN A 340 37.87 -2.04 31.98
CA GLN A 340 38.68 -1.90 30.78
C GLN A 340 39.71 -3.00 30.63
N GLY A 341 39.97 -3.78 31.68
CA GLY A 341 40.97 -4.84 31.60
C GLY A 341 40.49 -6.08 30.89
N MET A 342 39.18 -6.29 30.79
CA MET A 342 38.67 -7.46 30.10
C MET A 342 38.74 -7.25 28.59
N VAL A 343 39.45 -8.14 27.91
CA VAL A 343 39.69 -7.97 26.48
C VAL A 343 39.36 -9.26 25.75
N ASP A 344 38.70 -10.20 26.43
CA ASP A 344 38.39 -11.48 25.82
C ASP A 344 37.00 -11.97 26.16
N GLY A 345 36.08 -11.09 26.55
CA GLY A 345 34.72 -11.51 26.84
C GLY A 345 33.85 -10.31 27.11
N TRP A 346 32.54 -10.60 27.20
CA TRP A 346 31.55 -9.58 27.52
C TRP A 346 31.24 -9.54 29.01
N TYR A 347 30.98 -10.70 29.60
CA TYR A 347 30.76 -10.82 31.04
C TYR A 347 31.83 -11.72 31.62
N GLY A 348 32.41 -11.32 32.74
CA GLY A 348 33.50 -12.07 33.28
C GLY A 348 33.79 -11.76 34.73
N TYR A 349 34.90 -12.32 35.20
CA TYR A 349 35.31 -12.23 36.60
C TYR A 349 36.65 -11.53 36.73
N HIS A 350 36.82 -10.87 37.87
CA HIS A 350 38.11 -10.40 38.33
C HIS A 350 38.38 -11.00 39.69
N HIS A 351 39.53 -11.65 39.84
CA HIS A 351 39.81 -12.44 41.03
C HIS A 351 41.03 -11.88 41.74
N SER A 352 40.98 -11.85 43.07
CA SER A 352 42.06 -11.29 43.88
C SER A 352 42.32 -12.26 45.03
N ASN A 353 43.48 -12.90 45.03
CA ASN A 353 43.87 -13.80 46.10
C ASN A 353 45.35 -13.66 46.41
N ASP A 354 45.89 -14.57 47.22
CA ASP A 354 47.27 -14.49 47.67
C ASP A 354 48.27 -14.88 46.58
N GLN A 355 47.81 -15.48 45.49
CA GLN A 355 48.69 -15.93 44.41
C GLN A 355 48.55 -15.06 43.17
N GLY A 356 48.34 -13.76 43.36
CA GLY A 356 48.30 -12.84 42.25
C GLY A 356 46.92 -12.66 41.64
N SER A 357 46.43 -11.42 41.60
CA SER A 357 45.11 -11.12 41.08
C SER A 357 45.13 -11.10 39.55
N GLY A 358 43.96 -11.05 38.95
CA GLY A 358 43.87 -10.97 37.51
C GLY A 358 42.45 -11.10 37.02
N TYR A 359 42.29 -10.85 35.72
CA TYR A 359 40.99 -10.89 35.05
C TYR A 359 40.78 -12.23 34.36
N ALA A 360 39.53 -12.48 33.98
CA ALA A 360 39.16 -13.65 33.20
C ALA A 360 37.91 -13.30 32.41
N ALA A 361 37.27 -14.30 31.83
CA ALA A 361 36.06 -14.07 31.04
C ALA A 361 35.21 -15.33 31.08
N ASP A 362 33.95 -15.19 31.51
CA ASP A 362 33.01 -16.29 31.48
C ASP A 362 32.64 -16.61 30.04
N LYS A 363 32.82 -17.87 29.65
CA LYS A 363 32.67 -18.24 28.25
C LYS A 363 31.26 -18.65 27.88
N GLU A 364 30.57 -19.38 28.75
CA GLU A 364 29.24 -19.87 28.41
C GLU A 364 28.25 -18.72 28.22
N SER A 365 28.20 -17.80 29.19
CA SER A 365 27.26 -16.69 29.10
C SER A 365 27.59 -15.78 27.92
N THR A 366 28.87 -15.50 27.70
CA THR A 366 29.27 -14.67 26.57
C THR A 366 28.88 -15.32 25.25
N GLN A 367 29.11 -16.62 25.12
CA GLN A 367 28.75 -17.32 23.89
C GLN A 367 27.24 -17.31 23.67
N LYS A 368 26.46 -17.54 24.72
CA LYS A 368 25.01 -17.53 24.58
C LYS A 368 24.52 -16.15 24.13
N ALA A 369 25.02 -15.09 24.77
CA ALA A 369 24.59 -13.74 24.40
C ALA A 369 25.02 -13.39 22.99
N PHE A 370 26.25 -13.77 22.61
CA PHE A 370 26.72 -13.48 21.26
C PHE A 370 25.85 -14.17 20.22
N ASP A 371 25.52 -15.45 20.45
CA ASP A 371 24.65 -16.15 19.51
C ASP A 371 23.28 -15.51 19.45
N GLY A 372 22.73 -15.08 20.59
CA GLY A 372 21.42 -14.46 20.59
C GLY A 372 21.40 -13.16 19.79
N ILE A 373 22.41 -12.31 20.00
CA ILE A 373 22.45 -11.03 19.28
C ILE A 373 22.66 -11.28 17.79
N THR A 374 23.50 -12.26 17.44
CA THR A 374 23.70 -12.59 16.03
C THR A 374 22.40 -13.06 15.40
N ASN A 375 21.64 -13.90 16.10
CA ASN A 375 20.36 -14.36 15.58
C ASN A 375 19.39 -13.20 15.41
N LYS A 376 19.39 -12.25 16.35
CA LYS A 376 18.49 -11.10 16.24
C LYS A 376 18.81 -10.26 15.01
N VAL A 377 20.10 -9.97 14.80
CA VAL A 377 20.49 -9.19 13.64
C VAL A 377 20.15 -9.92 12.36
N ASN A 378 20.43 -11.23 12.31
CA ASN A 378 20.11 -12.01 11.11
C ASN A 378 18.61 -12.09 10.88
N SER A 379 17.80 -12.13 11.94
CA SER A 379 16.36 -12.14 11.76
C SER A 379 15.86 -10.82 11.19
N VAL A 380 16.40 -9.70 11.66
CA VAL A 380 16.00 -8.42 11.12
C VAL A 380 16.40 -8.29 9.66
N ILE A 381 17.59 -8.78 9.31
CA ILE A 381 18.14 -8.55 7.97
C ILE A 381 17.55 -9.53 6.96
N GLU A 382 17.50 -10.82 7.29
CA GLU A 382 17.25 -11.87 6.32
C GLU A 382 15.77 -12.12 6.06
N LYS A 383 14.86 -11.43 6.73
CA LYS A 383 13.43 -11.59 6.47
C LYS A 383 12.90 -10.58 5.47
N MET A 384 13.77 -9.81 4.82
CA MET A 384 13.37 -8.86 3.80
C MET A 384 13.48 -9.50 2.42
N ASN A 385 12.45 -9.31 1.60
CA ASN A 385 12.41 -9.88 0.27
C ASN A 385 12.94 -8.87 -0.74
N THR A 386 13.93 -9.29 -1.52
CA THR A 386 14.55 -8.44 -2.53
C THR A 386 14.33 -9.08 -3.89
N GLN A 387 13.49 -8.46 -4.71
CA GLN A 387 13.22 -8.92 -6.07
C GLN A 387 13.59 -7.83 -7.06
N PHE A 388 13.87 -8.26 -8.29
CA PHE A 388 14.22 -7.32 -9.35
C PHE A 388 13.05 -6.39 -9.61
N GLU A 389 13.33 -5.09 -9.67
CA GLU A 389 12.28 -4.12 -9.98
C GLU A 389 12.96 -2.89 -10.56
N ALA A 390 12.17 -2.10 -11.29
CA ALA A 390 12.64 -0.88 -11.93
C ALA A 390 11.62 0.22 -11.65
N VAL A 391 11.86 0.99 -10.60
CA VAL A 391 10.89 2.00 -10.17
C VAL A 391 10.93 3.17 -11.15
N GLY A 392 9.79 3.52 -11.70
CA GLY A 392 9.68 4.62 -12.63
C GLY A 392 8.88 4.29 -13.87
N LYS A 393 7.84 5.07 -14.13
CA LYS A 393 6.99 4.91 -15.30
C LYS A 393 6.78 6.28 -15.93
N GLU A 394 6.14 6.29 -17.09
CA GLU A 394 5.90 7.54 -17.82
C GLU A 394 4.43 7.67 -18.16
N PHE A 395 3.91 8.89 -18.02
CA PHE A 395 2.52 9.20 -18.30
C PHE A 395 2.43 10.46 -19.15
N SER A 396 1.38 10.54 -19.95
CA SER A 396 1.19 11.67 -20.85
C SER A 396 0.58 12.85 -20.09
N ASN A 397 0.23 13.91 -20.81
CA ASN A 397 -0.36 15.10 -20.21
C ASN A 397 -1.87 14.98 -20.05
N LEU A 398 -2.48 13.92 -20.59
CA LEU A 398 -3.90 13.66 -20.41
C LEU A 398 -4.16 12.55 -19.40
N GLU A 399 -3.13 12.09 -18.70
CA GLU A 399 -3.22 11.02 -17.73
C GLU A 399 -2.67 11.44 -16.38
N ARG A 400 -3.01 12.65 -15.95
CA ARG A 400 -2.49 13.17 -14.69
C ARG A 400 -3.04 12.41 -13.49
N ARG A 401 -4.28 11.91 -13.59
CA ARG A 401 -4.87 11.16 -12.49
C ARG A 401 -4.12 9.85 -12.24
N LEU A 402 -3.73 9.15 -13.30
CA LEU A 402 -2.96 7.92 -13.14
C LEU A 402 -1.59 8.19 -12.53
N GLU A 403 -0.94 9.28 -12.96
CA GLU A 403 0.34 9.66 -12.38
C GLU A 403 0.19 9.98 -10.90
N ASN A 404 -0.88 10.69 -10.53
CA ASN A 404 -1.12 10.99 -9.13
C ASN A 404 -1.36 9.72 -8.34
N LEU A 405 -2.08 8.75 -8.91
CA LEU A 405 -2.31 7.48 -8.23
C LEU A 405 -0.99 6.75 -7.97
N ASN A 406 -0.13 6.68 -8.99
CA ASN A 406 1.16 6.03 -8.83
C ASN A 406 2.00 6.73 -7.76
N LYS A 407 2.03 8.07 -7.80
CA LYS A 407 2.79 8.83 -6.82
C LYS A 407 2.27 8.59 -5.41
N LYS A 408 0.95 8.58 -5.24
CA LYS A 408 0.37 8.36 -3.92
C LYS A 408 0.68 6.98 -3.39
N MET A 409 0.62 5.96 -4.26
CA MET A 409 0.94 4.60 -3.82
C MET A 409 2.39 4.50 -3.36
N GLU A 410 3.31 5.06 -4.17
CA GLU A 410 4.72 4.99 -3.79
C GLU A 410 5.00 5.76 -2.50
N ASP A 411 4.39 6.94 -2.34
CA ASP A 411 4.59 7.71 -1.12
C ASP A 411 4.05 6.97 0.10
N GLY A 412 2.89 6.34 -0.04
CA GLY A 412 2.33 5.59 1.08
C GLY A 412 3.21 4.44 1.51
N PHE A 413 3.73 3.67 0.54
CA PHE A 413 4.62 2.58 0.88
C PHE A 413 5.89 3.09 1.53
N LEU A 414 6.44 4.20 1.01
CA LEU A 414 7.64 4.77 1.60
C LEU A 414 7.41 5.18 3.06
N ASP A 415 6.28 5.82 3.34
CA ASP A 415 5.97 6.22 4.71
C ASP A 415 5.84 5.01 5.62
N VAL A 416 5.13 3.97 5.15
CA VAL A 416 4.94 2.77 5.95
C VAL A 416 6.29 2.16 6.32
N TRP A 417 7.17 1.99 5.33
CA TRP A 417 8.44 1.34 5.57
C TRP A 417 9.33 2.19 6.48
N THR A 418 9.33 3.50 6.28
CA THR A 418 10.15 4.37 7.13
C THR A 418 9.72 4.27 8.59
N TYR A 419 8.41 4.42 8.85
CA TYR A 419 7.92 4.36 10.21
C TYR A 419 8.23 3.01 10.85
N ASN A 420 7.98 1.93 10.11
CA ASN A 420 8.23 0.60 10.65
C ASN A 420 9.70 0.40 11.00
N ALA A 421 10.59 0.82 10.11
CA ALA A 421 12.02 0.63 10.35
C ALA A 421 12.48 1.39 11.58
N GLU A 422 12.10 2.67 11.70
CA GLU A 422 12.54 3.45 12.85
C GLU A 422 12.02 2.86 14.16
N LEU A 423 10.73 2.54 14.22
CA LEU A 423 10.17 2.02 15.46
C LEU A 423 10.78 0.67 15.82
N LEU A 424 11.00 -0.19 14.82
CA LEU A 424 11.62 -1.48 15.06
C LEU A 424 13.02 -1.32 15.64
N VAL A 425 13.81 -0.42 15.06
CA VAL A 425 15.17 -0.22 15.55
C VAL A 425 15.16 0.26 16.99
N LEU A 426 14.27 1.22 17.30
CA LEU A 426 14.23 1.74 18.66
C LEU A 426 13.85 0.65 19.67
N MET A 427 12.80 -0.12 19.37
CA MET A 427 12.36 -1.15 20.30
C MET A 427 13.41 -2.23 20.48
N GLU A 428 14.07 -2.65 19.39
CA GLU A 428 15.08 -3.69 19.51
C GLU A 428 16.29 -3.19 20.29
N ASN A 429 16.65 -1.92 20.13
CA ASN A 429 17.74 -1.36 20.93
C ASN A 429 17.42 -1.39 22.41
N GLU A 430 16.20 -1.01 22.77
CA GLU A 430 15.80 -1.06 24.17
C GLU A 430 15.86 -2.48 24.70
N ARG A 431 15.37 -3.44 23.91
CA ARG A 431 15.36 -4.83 24.36
C ARG A 431 16.78 -5.38 24.54
N THR A 432 17.69 -5.03 23.62
CA THR A 432 19.07 -5.50 23.75
C THR A 432 19.73 -4.92 25.00
N LEU A 433 19.54 -3.62 25.23
CA LEU A 433 20.16 -2.99 26.39
C LEU A 433 19.60 -3.51 27.70
N ASP A 434 18.33 -3.96 27.73
CA ASP A 434 17.83 -4.63 28.91
C ASP A 434 18.33 -6.07 29.02
N PHE A 435 18.52 -6.73 27.87
CA PHE A 435 19.00 -8.11 27.85
C PHE A 435 20.37 -8.23 28.48
N HIS A 436 21.27 -7.30 28.18
CA HIS A 436 22.61 -7.38 28.75
C HIS A 436 22.59 -7.24 30.27
N ASP A 437 21.80 -6.30 30.78
CA ASP A 437 21.71 -6.11 32.22
C ASP A 437 21.12 -7.35 32.89
N SER A 438 20.10 -7.94 32.27
CA SER A 438 19.52 -9.15 32.84
C SER A 438 20.53 -10.28 32.87
N ASN A 439 21.36 -10.40 31.84
CA ASN A 439 22.38 -11.46 31.81
C ASN A 439 23.39 -11.27 32.94
N VAL A 440 23.85 -10.05 33.15
CA VAL A 440 24.84 -9.83 34.20
C VAL A 440 24.23 -10.12 35.57
N LYS A 441 22.99 -9.67 35.80
CA LYS A 441 22.35 -9.96 37.08
C LYS A 441 22.11 -11.46 37.25
N ASN A 442 21.82 -12.18 36.17
CA ASN A 442 21.65 -13.63 36.25
C ASN A 442 22.94 -14.29 36.70
N LEU A 443 24.07 -13.87 36.13
CA LEU A 443 25.36 -14.41 36.56
C LEU A 443 25.61 -14.13 38.03
N TYR A 444 25.31 -12.90 38.47
CA TYR A 444 25.52 -12.56 39.87
C TYR A 444 24.66 -13.42 40.79
N ASP A 445 23.39 -13.62 40.43
CA ASP A 445 22.50 -14.42 41.25
C ASP A 445 22.92 -15.88 41.28
N LYS A 446 23.40 -16.41 40.14
CA LYS A 446 23.88 -17.79 40.11
C LYS A 446 25.07 -17.97 41.05
N VAL A 447 26.02 -17.04 41.01
CA VAL A 447 27.19 -17.15 41.88
C VAL A 447 26.77 -17.04 43.34
N ARG A 448 25.83 -16.13 43.64
CA ARG A 448 25.36 -16.01 45.03
C ARG A 448 24.69 -17.28 45.50
N MET A 449 23.84 -17.88 44.65
CA MET A 449 23.16 -19.11 45.03
C MET A 449 24.16 -20.23 45.28
N GLN A 450 25.20 -20.31 44.45
CA GLN A 450 26.21 -21.34 44.66
C GLN A 450 26.98 -21.11 45.96
N LEU A 451 27.39 -19.87 46.22
CA LEU A 451 28.26 -19.57 47.36
C LEU A 451 27.52 -19.55 48.69
N ARG A 452 26.22 -19.26 48.69
CA ARG A 452 25.39 -19.25 49.88
C ARG A 452 26.00 -18.43 51.02
N ASP A 453 25.97 -18.97 52.23
CA ASP A 453 26.29 -18.25 53.45
C ASP A 453 27.79 -18.27 53.78
N ASN A 454 28.58 -19.00 53.00
CA ASN A 454 30.02 -19.07 53.23
C ASN A 454 30.74 -17.76 52.93
N VAL A 455 30.07 -16.77 52.34
CA VAL A 455 30.71 -15.56 51.84
C VAL A 455 29.99 -14.35 52.41
N LYS A 456 30.44 -13.18 52.00
CA LYS A 456 29.81 -11.91 52.36
C LYS A 456 29.73 -11.05 51.10
N GLU A 457 28.60 -10.36 50.94
CA GLU A 457 28.42 -9.46 49.81
C GLU A 457 28.78 -8.04 50.22
N LEU A 458 29.23 -7.26 49.23
CA LEU A 458 29.70 -5.92 49.48
C LEU A 458 28.82 -4.84 48.89
N GLY A 459 27.91 -5.17 47.97
CA GLY A 459 26.99 -4.20 47.43
C GLY A 459 27.46 -3.47 46.20
N ASN A 460 28.76 -3.49 45.91
CA ASN A 460 29.27 -2.92 44.67
C ASN A 460 29.33 -3.94 43.55
N GLY A 461 28.88 -5.17 43.79
CA GLY A 461 28.80 -6.18 42.76
C GLY A 461 29.63 -7.42 42.99
N CYS A 462 30.21 -7.65 44.16
CA CYS A 462 31.04 -8.85 44.30
C CYS A 462 31.18 -9.31 45.73
N PHE A 463 31.89 -10.44 45.88
CA PHE A 463 31.88 -11.24 47.09
C PHE A 463 33.26 -11.32 47.71
N GLU A 464 33.30 -11.33 49.03
CA GLU A 464 34.50 -11.61 49.81
C GLU A 464 34.25 -12.84 50.68
N PHE A 465 35.16 -13.80 50.60
CA PHE A 465 34.96 -15.10 51.23
C PHE A 465 35.21 -15.02 52.73
N TYR A 466 34.66 -16.00 53.44
CA TYR A 466 34.88 -16.16 54.88
C TYR A 466 35.88 -17.29 55.17
N HIS A 467 36.62 -17.73 54.17
CA HIS A 467 37.67 -18.73 54.34
C HIS A 467 38.82 -18.36 53.41
N LYS A 468 39.76 -19.28 53.23
CA LYS A 468 40.85 -19.11 52.28
C LYS A 468 40.52 -19.90 51.02
N CYS A 469 40.33 -19.19 49.91
CA CYS A 469 39.84 -19.76 48.67
C CYS A 469 40.92 -19.54 47.60
N ASP A 470 41.73 -20.58 47.35
CA ASP A 470 42.87 -20.48 46.46
C ASP A 470 42.43 -20.61 45.01
N ASP A 471 43.40 -20.82 44.11
CA ASP A 471 43.10 -20.85 42.68
C ASP A 471 42.16 -22.00 42.33
N GLU A 472 42.35 -23.17 42.94
CA GLU A 472 41.47 -24.30 42.65
C GLU A 472 40.03 -24.00 43.09
N CYS A 473 39.88 -23.51 44.32
CA CYS A 473 38.60 -23.06 44.85
C CYS A 473 37.91 -22.06 43.92
N MET A 474 38.66 -21.07 43.46
CA MET A 474 38.09 -19.98 42.68
C MET A 474 37.79 -20.39 41.25
N ASN A 475 38.60 -21.27 40.67
CA ASN A 475 38.24 -21.89 39.40
C ASN A 475 36.97 -22.70 39.54
N SER A 476 36.82 -23.41 40.66
CA SER A 476 35.59 -24.16 40.90
C SER A 476 34.38 -23.23 40.96
N VAL A 477 34.55 -22.07 41.61
CA VAL A 477 33.48 -21.07 41.62
C VAL A 477 33.15 -20.62 40.20
N LYS A 478 34.19 -20.34 39.40
CA LYS A 478 33.95 -20.00 38.01
C LYS A 478 33.41 -21.19 37.23
N ASN A 479 33.92 -22.39 37.52
CA ASN A 479 33.49 -23.58 36.79
C ASN A 479 32.01 -23.85 36.96
N GLY A 480 31.50 -23.69 38.18
CA GLY A 480 30.14 -24.06 38.51
C GLY A 480 30.03 -25.24 39.43
N THR A 481 31.14 -25.85 39.83
CA THR A 481 31.16 -27.00 40.73
C THR A 481 31.89 -26.56 41.99
N TYR A 482 31.14 -25.96 42.92
CA TYR A 482 31.68 -25.48 44.19
C TYR A 482 31.18 -26.37 45.30
N ASP A 483 32.10 -26.83 46.15
CA ASP A 483 31.78 -27.78 47.20
C ASP A 483 31.40 -27.03 48.47
N TYR A 484 30.11 -26.96 48.75
CA TYR A 484 29.66 -26.36 50.01
C TYR A 484 30.16 -27.12 51.24
N PRO A 485 30.03 -28.45 51.34
CA PRO A 485 30.41 -29.11 52.60
C PRO A 485 31.90 -29.05 52.91
N LYS A 486 32.76 -28.86 51.91
CA LYS A 486 34.20 -28.93 52.14
C LYS A 486 34.66 -27.81 53.07
N TYR A 487 34.15 -26.59 52.88
CA TYR A 487 34.54 -25.45 53.68
C TYR A 487 33.45 -25.03 54.67
N GLU A 488 32.45 -25.89 54.88
CA GLU A 488 31.32 -25.51 55.73
C GLU A 488 31.78 -25.22 57.16
N GLU A 489 32.63 -26.08 57.72
CA GLU A 489 33.08 -25.88 59.09
C GLU A 489 34.05 -24.71 59.21
N GLU A 490 34.97 -24.58 58.25
CA GLU A 490 35.95 -23.51 58.32
C GLU A 490 35.29 -22.15 58.17
N SER A 491 34.41 -22.01 57.17
CA SER A 491 33.79 -20.71 56.91
C SER A 491 32.83 -20.32 58.03
N LYS A 492 32.10 -21.29 58.58
CA LYS A 492 31.18 -20.99 59.66
C LYS A 492 31.91 -20.49 60.90
N LEU A 493 33.10 -21.04 61.16
CA LEU A 493 33.84 -20.68 62.36
C LEU A 493 34.21 -19.20 62.35
N ASN A 494 34.68 -18.69 61.22
CA ASN A 494 35.09 -17.29 61.16
C ASN A 494 33.89 -16.35 61.15
N ARG A 495 32.76 -16.78 60.60
CA ARG A 495 31.60 -15.91 60.50
C ARG A 495 31.03 -15.57 61.87
N ASN A 496 31.07 -16.53 62.80
CA ASN A 496 30.48 -16.30 64.12
C ASN A 496 31.17 -15.16 64.85
N GLU A 497 32.49 -15.08 64.74
CA GLU A 497 33.23 -14.00 65.39
C GLU A 497 33.48 -12.86 64.42
N ASP B 1 11.37 1.74 64.18
CA ASP B 1 11.80 2.58 63.08
C ASP B 1 11.72 1.81 61.76
N GLN B 2 10.81 2.23 60.90
CA GLN B 2 10.56 1.54 59.64
C GLN B 2 10.67 2.51 58.47
N ILE B 3 11.14 1.97 57.35
CA ILE B 3 11.19 2.71 56.08
C ILE B 3 10.57 1.82 55.01
N CYS B 4 9.66 2.39 54.23
CA CYS B 4 8.99 1.65 53.17
C CYS B 4 9.03 2.34 51.82
N ILE B 5 9.18 1.53 50.79
CA ILE B 5 9.28 1.95 49.40
C ILE B 5 7.96 1.65 48.71
N GLY B 6 7.45 2.62 47.95
CA GLY B 6 6.17 2.43 47.31
C GLY B 6 5.97 3.38 46.15
N TYR B 7 4.77 3.31 45.58
CA TYR B 7 4.39 4.16 44.47
C TYR B 7 3.16 4.99 44.86
N HIS B 8 2.62 5.72 43.90
CA HIS B 8 1.61 6.74 44.16
C HIS B 8 0.29 6.37 43.51
N ALA B 9 -0.81 6.70 44.18
CA ALA B 9 -2.15 6.40 43.70
C ALA B 9 -3.03 7.65 43.83
N ASN B 10 -4.13 7.65 43.08
CA ASN B 10 -5.03 8.81 43.02
C ASN B 10 -6.45 8.31 42.81
N ASN B 11 -7.33 9.21 42.36
CA ASN B 11 -8.74 8.90 42.12
C ASN B 11 -9.10 8.91 40.64
N SER B 12 -8.15 8.55 39.77
CA SER B 12 -8.39 8.55 38.35
C SER B 12 -9.32 7.40 37.94
N THR B 13 -9.99 7.60 36.80
CA THR B 13 -10.94 6.63 36.27
C THR B 13 -10.52 6.08 34.91
N GLU B 14 -9.69 6.80 34.16
CA GLU B 14 -9.32 6.39 32.81
C GLU B 14 -8.68 5.01 32.80
N THR B 15 -8.97 4.24 31.76
CA THR B 15 -8.51 2.88 31.61
C THR B 15 -7.78 2.69 30.29
N VAL B 16 -6.82 1.78 30.28
CA VAL B 16 -6.06 1.44 29.09
C VAL B 16 -6.18 -0.06 28.85
N ASP B 17 -5.77 -0.49 27.66
CA ASP B 17 -5.80 -1.89 27.28
C ASP B 17 -4.40 -2.34 26.89
N THR B 18 -3.97 -3.47 27.44
CA THR B 18 -2.69 -4.09 27.12
C THR B 18 -2.93 -5.41 26.41
N ILE B 19 -1.83 -6.04 25.97
CA ILE B 19 -1.96 -7.29 25.22
C ILE B 19 -2.30 -8.45 26.13
N LEU B 20 -2.07 -8.33 27.43
CA LEU B 20 -2.37 -9.39 28.39
C LEU B 20 -3.59 -9.10 29.25
N GLU B 21 -3.93 -7.84 29.46
CA GLU B 21 -5.06 -7.47 30.31
C GLU B 21 -5.90 -6.43 29.59
N ARG B 22 -7.18 -6.37 29.98
CA ARG B 22 -8.13 -5.42 29.41
C ARG B 22 -8.80 -4.65 30.55
N ASN B 23 -9.10 -3.37 30.29
CA ASN B 23 -9.73 -2.49 31.27
C ASN B 23 -8.87 -2.36 32.52
N VAL B 24 -7.68 -1.80 32.36
CA VAL B 24 -6.74 -1.58 33.45
C VAL B 24 -6.75 -0.10 33.80
N THR B 25 -7.06 0.22 35.05
CA THR B 25 -7.13 1.60 35.50
C THR B 25 -5.73 2.14 35.77
N VAL B 26 -5.42 3.28 35.17
CA VAL B 26 -4.11 3.89 35.28
C VAL B 26 -4.24 5.24 35.98
N THR B 27 -3.09 5.81 36.36
CA THR B 27 -3.08 7.11 37.02
C THR B 27 -3.15 8.24 36.00
N HIS B 28 -2.27 8.21 35.01
CA HIS B 28 -2.26 9.22 33.95
C HIS B 28 -2.24 8.52 32.61
N ALA B 29 -2.99 9.07 31.65
CA ALA B 29 -3.10 8.49 30.32
C ALA B 29 -3.14 9.61 29.30
N LYS B 30 -2.77 9.28 28.07
CA LYS B 30 -2.74 10.24 26.98
C LYS B 30 -3.54 9.69 25.81
N ASP B 31 -4.53 10.45 25.36
CA ASP B 31 -5.33 10.07 24.20
C ASP B 31 -4.66 10.59 22.95
N ILE B 32 -4.29 9.69 22.04
CA ILE B 32 -3.60 10.05 20.81
C ILE B 32 -4.53 9.93 19.61
N LEU B 33 -5.84 10.01 19.83
CA LEU B 33 -6.83 9.98 18.75
C LEU B 33 -7.79 11.15 18.94
N GLU B 34 -8.12 11.82 17.85
CA GLU B 34 -9.00 12.99 17.88
C GLU B 34 -10.38 12.62 17.37
N LYS B 35 -11.41 13.00 18.13
CA LYS B 35 -12.77 12.58 17.83
C LYS B 35 -13.75 13.75 17.73
N THR B 36 -13.28 14.99 17.70
CA THR B 36 -14.16 16.15 17.76
C THR B 36 -13.86 17.11 16.62
N HIS B 37 -14.85 17.92 16.30
CA HIS B 37 -14.73 18.94 15.25
C HIS B 37 -15.71 20.06 15.55
N ASN B 38 -15.48 21.21 14.90
CA ASN B 38 -16.31 22.38 15.11
C ASN B 38 -17.60 22.36 14.30
N GLY B 39 -17.73 21.45 13.33
CA GLY B 39 -18.97 21.34 12.58
C GLY B 39 -19.25 22.48 11.63
N LYS B 40 -18.23 23.22 11.23
CA LYS B 40 -18.40 24.41 10.41
C LYS B 40 -17.36 24.41 9.31
N LEU B 41 -17.73 24.98 8.16
CA LEU B 41 -16.82 25.12 7.03
C LEU B 41 -16.13 26.48 7.13
N CYS B 42 -14.82 26.46 7.32
CA CYS B 42 -14.04 27.67 7.53
C CYS B 42 -12.98 27.84 6.45
N LYS B 43 -12.14 28.86 6.63
CA LYS B 43 -11.10 29.20 5.69
C LYS B 43 -9.88 28.32 5.89
N LEU B 44 -9.07 28.23 4.85
CA LEU B 44 -7.83 27.45 4.87
C LEU B 44 -6.68 28.43 4.71
N ASN B 45 -5.85 28.55 5.76
CA ASN B 45 -4.72 29.47 5.79
C ASN B 45 -5.16 30.92 5.55
N GLY B 46 -6.34 31.28 6.04
CA GLY B 46 -6.81 32.66 6.00
C GLY B 46 -7.49 33.10 4.72
N ILE B 47 -7.69 32.19 3.76
CA ILE B 47 -8.29 32.52 2.47
C ILE B 47 -9.63 31.82 2.37
N PRO B 48 -10.73 32.52 2.11
CA PRO B 48 -12.01 31.85 1.94
C PRO B 48 -12.02 30.98 0.71
N PRO B 49 -12.77 29.89 0.71
CA PRO B 49 -12.86 29.01 -0.46
C PRO B 49 -13.82 29.58 -1.50
N LEU B 50 -13.96 28.85 -2.60
CA LEU B 50 -14.90 29.19 -3.65
C LEU B 50 -16.19 28.43 -3.43
N GLU B 51 -17.30 29.15 -3.33
CA GLU B 51 -18.60 28.57 -3.05
C GLU B 51 -19.43 28.61 -4.33
N LEU B 52 -19.49 27.48 -5.02
CA LEU B 52 -20.23 27.40 -6.27
C LEU B 52 -21.74 27.48 -6.06
N GLY B 53 -22.22 27.10 -4.88
CA GLY B 53 -23.65 27.10 -4.62
C GLY B 53 -24.36 25.99 -5.34
N ASP B 54 -25.30 26.35 -6.21
CA ASP B 54 -26.04 25.39 -7.02
C ASP B 54 -25.43 25.18 -8.39
N CYS B 55 -24.30 25.82 -8.68
CA CYS B 55 -23.66 25.73 -9.97
C CYS B 55 -22.68 24.55 -10.00
N SER B 56 -22.27 24.19 -11.21
CA SER B 56 -21.22 23.20 -11.42
C SER B 56 -20.01 23.87 -12.04
N ILE B 57 -18.90 23.13 -12.07
CA ILE B 57 -17.67 23.68 -12.63
C ILE B 57 -17.84 24.00 -14.11
N ALA B 58 -18.48 23.09 -14.85
CA ALA B 58 -18.76 23.36 -16.25
C ALA B 58 -19.69 24.55 -16.43
N GLY B 59 -20.72 24.66 -15.58
CA GLY B 59 -21.60 25.81 -15.65
C GLY B 59 -20.92 27.10 -15.28
N TRP B 60 -20.00 27.05 -14.32
CA TRP B 60 -19.25 28.24 -13.95
C TRP B 60 -18.31 28.68 -15.08
N LEU B 61 -17.60 27.73 -15.68
CA LEU B 61 -16.62 28.08 -16.71
C LEU B 61 -17.30 28.50 -18.01
N LEU B 62 -18.40 27.85 -18.38
CA LEU B 62 -19.11 28.19 -19.60
C LEU B 62 -19.92 29.47 -19.48
N GLY B 63 -20.29 29.86 -18.26
CA GLY B 63 -21.05 31.07 -18.06
C GLY B 63 -22.55 30.85 -18.09
N ASN B 64 -23.03 29.90 -17.31
CA ASN B 64 -24.45 29.60 -17.28
C ASN B 64 -25.21 30.82 -16.76
N PRO B 65 -26.33 31.19 -17.39
CA PRO B 65 -27.02 32.42 -17.02
C PRO B 65 -27.47 32.46 -15.57
N GLU B 66 -27.74 31.30 -14.97
CA GLU B 66 -28.17 31.23 -13.58
C GLU B 66 -27.00 31.19 -12.60
N CYS B 67 -25.82 31.65 -13.02
CA CYS B 67 -24.63 31.62 -12.20
C CYS B 67 -23.82 32.89 -12.32
N ASP B 68 -24.50 34.03 -12.55
CA ASP B 68 -23.81 35.28 -12.86
C ASP B 68 -23.08 35.86 -11.66
N ARG B 69 -23.39 35.42 -10.45
CA ARG B 69 -22.65 35.88 -9.28
C ARG B 69 -21.25 35.29 -9.21
N LEU B 70 -20.92 34.35 -10.10
CA LEU B 70 -19.62 33.68 -10.14
C LEU B 70 -18.78 34.12 -11.34
N LEU B 71 -19.10 35.26 -11.95
CA LEU B 71 -18.36 35.71 -13.13
C LEU B 71 -16.93 36.10 -12.77
N SER B 72 -16.79 37.11 -11.91
CA SER B 72 -15.50 37.49 -11.36
C SER B 72 -15.39 36.91 -9.95
N VAL B 73 -14.40 36.04 -9.74
CA VAL B 73 -14.28 35.33 -8.47
C VAL B 73 -12.90 35.60 -7.87
N PRO B 74 -12.81 35.87 -6.58
CA PRO B 74 -11.51 36.15 -5.95
C PRO B 74 -10.70 34.90 -5.65
N GLU B 75 -9.61 35.11 -4.92
CA GLU B 75 -8.72 34.02 -4.51
C GLU B 75 -9.49 32.96 -3.74
N TRP B 76 -9.13 31.70 -3.95
CA TRP B 76 -9.78 30.60 -3.25
C TRP B 76 -8.74 29.60 -2.75
N SER B 77 -9.07 28.95 -1.63
CA SER B 77 -8.24 27.89 -1.07
C SER B 77 -8.67 26.52 -1.57
N TYR B 78 -9.98 26.28 -1.66
CA TYR B 78 -10.51 25.03 -2.21
C TYR B 78 -11.89 25.31 -2.78
N ILE B 79 -12.44 24.33 -3.48
CA ILE B 79 -13.73 24.47 -4.15
C ILE B 79 -14.78 23.69 -3.37
N MET B 80 -15.96 24.28 -3.21
CA MET B 80 -17.08 23.66 -2.53
C MET B 80 -18.18 23.39 -3.55
N GLU B 81 -18.55 22.13 -3.70
CA GLU B 81 -19.55 21.72 -4.69
C GLU B 81 -20.61 20.85 -4.05
N LYS B 82 -21.75 20.74 -4.71
CA LYS B 82 -22.83 19.88 -4.28
C LYS B 82 -22.76 18.55 -5.01
N GLU B 83 -23.32 17.51 -4.38
CA GLU B 83 -23.24 16.18 -4.98
C GLU B 83 -23.99 16.11 -6.30
N ASN B 84 -25.17 16.71 -6.36
CA ASN B 84 -25.97 16.76 -7.59
C ASN B 84 -26.39 18.20 -7.85
N PRO B 85 -25.49 19.01 -8.43
CA PRO B 85 -25.84 20.40 -8.72
C PRO B 85 -26.93 20.49 -9.77
N ARG B 86 -27.73 21.54 -9.69
CA ARG B 86 -28.85 21.74 -10.59
C ARG B 86 -28.53 22.60 -11.79
N ASP B 87 -27.66 23.61 -11.63
CA ASP B 87 -27.37 24.57 -12.69
C ASP B 87 -26.01 24.23 -13.30
N GLY B 88 -26.03 23.36 -14.30
CA GLY B 88 -24.83 23.00 -15.03
C GLY B 88 -24.93 23.37 -16.50
N LEU B 89 -24.98 22.37 -17.36
CA LEU B 89 -25.17 22.59 -18.79
C LEU B 89 -26.67 22.83 -19.02
N CYS B 90 -27.03 24.10 -19.22
CA CYS B 90 -28.43 24.42 -19.52
C CYS B 90 -28.86 23.78 -20.82
N TYR B 91 -28.04 23.88 -21.85
CA TYR B 91 -28.28 23.17 -23.09
C TYR B 91 -27.80 21.72 -22.94
N PRO B 92 -28.65 20.74 -23.23
CA PRO B 92 -28.23 19.35 -23.04
C PRO B 92 -27.01 18.99 -23.86
N GLY B 93 -26.12 18.21 -23.27
CA GLY B 93 -24.91 17.81 -23.98
C GLY B 93 -23.92 17.11 -23.06
N SER B 94 -22.66 17.14 -23.46
CA SER B 94 -21.59 16.44 -22.76
C SER B 94 -20.35 17.33 -22.70
N PHE B 95 -19.39 16.89 -21.90
CA PHE B 95 -18.13 17.60 -21.70
C PHE B 95 -17.00 16.59 -21.72
N ASN B 96 -16.09 16.73 -22.68
CA ASN B 96 -15.00 15.78 -22.82
C ASN B 96 -13.89 16.04 -21.82
N ASP B 97 -13.37 14.97 -21.23
CA ASP B 97 -12.29 15.04 -20.24
C ASP B 97 -12.66 15.95 -19.08
N TYR B 98 -13.89 15.81 -18.59
CA TYR B 98 -14.35 16.63 -17.46
C TYR B 98 -13.54 16.36 -16.20
N GLU B 99 -13.27 15.08 -15.91
CA GLU B 99 -12.57 14.73 -14.68
C GLU B 99 -11.14 15.24 -14.69
N GLU B 100 -10.46 15.18 -15.83
CA GLU B 100 -9.12 15.74 -15.93
C GLU B 100 -9.15 17.25 -15.71
N LEU B 101 -10.18 17.92 -16.23
CA LEU B 101 -10.32 19.36 -16.01
C LEU B 101 -10.49 19.66 -14.53
N LYS B 102 -11.32 18.88 -13.83
CA LYS B 102 -11.50 19.09 -12.40
C LYS B 102 -10.21 18.85 -11.63
N HIS B 103 -9.48 17.80 -11.99
CA HIS B 103 -8.21 17.53 -11.32
C HIS B 103 -7.22 18.67 -11.53
N LEU B 104 -7.16 19.22 -12.74
CA LEU B 104 -6.32 20.39 -12.98
C LEU B 104 -6.78 21.58 -12.15
N LEU B 105 -8.10 21.78 -12.06
CA LEU B 105 -8.64 22.91 -11.29
C LEU B 105 -8.33 22.77 -9.82
N SER B 106 -8.09 21.56 -9.33
CA SER B 106 -7.76 21.41 -7.93
C SER B 106 -6.36 21.91 -7.57
N SER B 107 -5.62 22.60 -8.45
CA SER B 107 -4.29 23.08 -8.12
C SER B 107 -4.04 24.47 -8.67
N VAL B 108 -5.06 25.33 -8.73
CA VAL B 108 -4.96 26.62 -9.40
C VAL B 108 -5.00 27.78 -8.39
N LYS B 109 -6.10 27.90 -7.65
CA LYS B 109 -6.28 28.92 -6.61
C LYS B 109 -6.50 30.32 -7.16
N HIS B 110 -6.31 30.53 -8.47
CA HIS B 110 -6.70 31.80 -9.09
C HIS B 110 -6.67 31.78 -10.61
N PHE B 111 -7.75 32.28 -11.21
CA PHE B 111 -7.87 32.46 -12.65
C PHE B 111 -7.98 33.95 -12.97
N GLU B 112 -7.53 34.33 -14.15
CA GLU B 112 -7.80 35.65 -14.69
C GLU B 112 -8.44 35.48 -16.06
N LYS B 113 -9.55 36.17 -16.28
CA LYS B 113 -10.31 36.04 -17.52
C LYS B 113 -9.85 37.10 -18.52
N VAL B 114 -9.46 36.67 -19.72
CA VAL B 114 -8.94 37.54 -20.75
C VAL B 114 -9.79 37.39 -22.00
N LYS B 115 -10.20 38.52 -22.58
CA LYS B 115 -10.96 38.50 -23.82
C LYS B 115 -10.00 38.23 -24.97
N ILE B 116 -10.10 37.04 -25.55
CA ILE B 116 -9.16 36.60 -26.57
C ILE B 116 -9.76 36.75 -27.96
N LEU B 117 -11.08 36.64 -28.06
CA LEU B 117 -11.79 36.78 -29.33
C LEU B 117 -13.09 37.54 -29.09
N PRO B 118 -13.11 38.84 -29.36
CA PRO B 118 -14.32 39.63 -29.13
C PRO B 118 -15.45 39.18 -30.05
N LYS B 119 -16.66 39.57 -29.68
CA LYS B 119 -17.84 39.20 -30.45
C LYS B 119 -18.05 40.08 -31.67
N ASP B 120 -17.40 41.23 -31.74
CA ASP B 120 -17.57 42.16 -32.85
C ASP B 120 -16.70 41.85 -34.05
N ARG B 121 -15.75 40.92 -33.93
CA ARG B 121 -14.89 40.58 -35.07
C ARG B 121 -15.61 39.73 -36.11
N TRP B 122 -16.69 39.04 -35.72
CA TRP B 122 -17.44 38.19 -36.64
C TRP B 122 -18.41 39.06 -37.42
N THR B 123 -17.88 39.76 -38.42
CA THR B 123 -18.65 40.70 -39.22
C THR B 123 -19.34 40.03 -40.40
N GLN B 124 -19.13 38.74 -40.61
CA GLN B 124 -19.78 38.01 -41.70
C GLN B 124 -20.70 36.91 -41.19
N HIS B 125 -21.07 36.96 -39.91
CA HIS B 125 -21.91 35.94 -39.31
C HIS B 125 -22.82 36.58 -38.27
N THR B 126 -23.91 35.89 -37.95
CA THR B 126 -24.83 36.33 -36.91
C THR B 126 -24.41 35.73 -35.58
N THR B 127 -24.33 36.58 -34.55
CA THR B 127 -23.82 36.18 -33.24
C THR B 127 -24.82 36.49 -32.12
N THR B 128 -26.12 36.41 -32.40
CA THR B 128 -27.15 36.68 -31.42
C THR B 128 -28.07 35.48 -31.23
N GLY B 129 -27.50 34.28 -31.31
CA GLY B 129 -28.29 33.08 -31.11
C GLY B 129 -28.60 32.82 -29.65
N GLY B 130 -29.61 31.99 -29.42
CA GLY B 130 -30.03 31.67 -28.07
C GLY B 130 -31.00 30.51 -28.07
N SER B 131 -31.43 30.14 -26.87
CA SER B 131 -32.35 29.02 -26.71
C SER B 131 -33.16 29.22 -25.44
N ARG B 132 -34.27 28.50 -25.36
CA ARG B 132 -35.12 28.54 -24.19
C ARG B 132 -34.67 27.59 -23.09
N ALA B 133 -33.61 26.81 -23.34
CA ALA B 133 -33.11 25.91 -22.31
C ALA B 133 -32.59 26.69 -21.11
N CYS B 134 -31.85 27.77 -21.36
CA CYS B 134 -31.41 28.69 -20.32
C CYS B 134 -31.82 30.09 -20.74
N ALA B 135 -33.02 30.50 -20.33
CA ALA B 135 -33.57 31.81 -20.66
C ALA B 135 -33.60 32.68 -19.41
N VAL B 136 -33.48 33.99 -19.62
CA VAL B 136 -33.54 34.96 -18.54
C VAL B 136 -34.80 35.80 -18.73
N SER B 137 -35.63 35.85 -17.68
CA SER B 137 -36.87 36.62 -17.67
C SER B 137 -37.79 36.26 -18.84
N GLY B 138 -37.70 35.02 -19.33
CA GLY B 138 -38.55 34.57 -20.40
C GLY B 138 -37.92 34.61 -21.79
N ASN B 139 -37.16 35.65 -22.07
CA ASN B 139 -36.52 35.75 -23.38
C ASN B 139 -35.35 34.78 -23.46
N PRO B 140 -35.12 34.18 -24.62
CA PRO B 140 -34.01 33.22 -24.76
C PRO B 140 -32.66 33.89 -24.56
N SER B 141 -31.71 33.12 -24.03
CA SER B 141 -30.36 33.59 -23.78
C SER B 141 -29.39 32.45 -24.12
N PHE B 142 -28.14 32.62 -23.72
CA PHE B 142 -27.09 31.64 -24.02
C PHE B 142 -26.00 31.75 -22.96
N PHE B 143 -25.01 30.88 -23.06
CA PHE B 143 -23.83 30.97 -22.21
C PHE B 143 -23.15 32.32 -22.42
N ARG B 144 -22.63 32.89 -21.32
CA ARG B 144 -22.07 34.23 -21.39
C ARG B 144 -20.67 34.25 -21.98
N ASN B 145 -19.89 33.18 -21.80
CA ASN B 145 -18.50 33.15 -22.25
C ASN B 145 -18.31 32.50 -23.60
N MET B 146 -19.40 32.19 -24.31
CA MET B 146 -19.34 31.50 -25.59
C MET B 146 -20.15 32.29 -26.62
N VAL B 147 -19.82 32.06 -27.89
CA VAL B 147 -20.49 32.72 -29.00
C VAL B 147 -21.05 31.66 -29.94
N TRP B 148 -22.34 31.75 -30.23
CA TRP B 148 -23.00 30.88 -31.19
C TRP B 148 -23.03 31.58 -32.54
N LEU B 149 -22.38 30.98 -33.53
CA LEU B 149 -22.26 31.56 -34.86
C LEU B 149 -23.27 30.89 -35.79
N THR B 150 -24.17 31.69 -36.35
CA THR B 150 -25.17 31.22 -37.31
C THR B 150 -24.96 31.97 -38.63
N LYS B 151 -25.87 31.75 -39.57
CA LYS B 151 -25.75 32.34 -40.88
C LYS B 151 -26.29 33.76 -40.90
N LYS B 152 -25.69 34.59 -41.75
CA LYS B 152 -26.13 35.96 -41.97
C LYS B 152 -26.71 36.03 -43.37
N GLY B 153 -28.00 36.28 -43.47
CA GLY B 153 -28.68 36.26 -44.76
C GLY B 153 -28.95 34.85 -45.21
N SER B 154 -28.29 34.41 -46.28
CA SER B 154 -28.39 33.04 -46.75
C SER B 154 -27.01 32.43 -46.97
N ASN B 155 -25.99 33.01 -46.34
CA ASN B 155 -24.62 32.58 -46.54
C ASN B 155 -23.95 32.33 -45.20
N TYR B 156 -23.07 31.32 -45.17
CA TYR B 156 -22.24 31.03 -44.02
C TYR B 156 -20.80 30.91 -44.53
N PRO B 157 -20.07 32.01 -44.57
CA PRO B 157 -18.67 31.94 -45.01
C PRO B 157 -17.81 31.18 -44.01
N VAL B 158 -16.65 30.73 -44.49
CA VAL B 158 -15.73 29.98 -43.64
C VAL B 158 -15.24 30.87 -42.52
N ALA B 159 -15.38 30.38 -41.29
CA ALA B 159 -15.04 31.14 -40.10
C ALA B 159 -13.63 30.79 -39.65
N LYS B 160 -12.81 31.82 -39.45
CA LYS B 160 -11.41 31.67 -39.05
C LYS B 160 -11.12 32.55 -37.84
N GLY B 161 -10.35 32.02 -36.92
CA GLY B 161 -9.93 32.79 -35.75
C GLY B 161 -8.59 32.31 -35.26
N SER B 162 -7.84 33.21 -34.66
CA SER B 162 -6.51 32.88 -34.18
C SER B 162 -6.20 33.67 -32.91
N TYR B 163 -5.35 33.11 -32.07
CA TYR B 163 -4.89 33.82 -30.89
C TYR B 163 -3.48 33.41 -30.52
N ASN B 164 -2.64 34.39 -30.21
CA ASN B 164 -1.28 34.17 -29.76
C ASN B 164 -1.20 34.47 -28.26
N ASN B 165 -0.63 33.53 -27.51
CA ASN B 165 -0.62 33.63 -26.04
C ASN B 165 0.50 34.58 -25.63
N THR B 166 0.14 35.83 -25.38
CA THR B 166 1.08 36.84 -24.92
C THR B 166 0.71 37.34 -23.53
N SER B 167 0.01 36.52 -22.76
CA SER B 167 -0.54 36.95 -21.47
C SER B 167 0.46 36.81 -20.33
N GLY B 168 1.26 35.74 -20.31
CA GLY B 168 2.23 35.59 -19.25
C GLY B 168 2.31 34.19 -18.67
N GLU B 169 1.21 33.43 -18.73
CA GLU B 169 1.18 32.10 -18.16
C GLU B 169 0.33 31.20 -19.07
N GLN B 170 0.09 29.97 -18.61
CA GLN B 170 -0.75 29.04 -19.33
C GLN B 170 -2.20 29.50 -19.32
N MET B 171 -2.91 29.20 -20.41
CA MET B 171 -4.28 29.65 -20.57
C MET B 171 -5.17 28.49 -20.98
N LEU B 172 -6.26 28.28 -20.23
CA LEU B 172 -7.26 27.29 -20.57
C LEU B 172 -8.27 27.88 -21.55
N ILE B 173 -8.60 27.11 -22.60
CA ILE B 173 -9.52 27.51 -23.64
C ILE B 173 -10.53 26.39 -23.87
N ILE B 174 -11.80 26.75 -24.01
CA ILE B 174 -12.89 25.81 -24.19
C ILE B 174 -13.66 26.16 -25.46
N TRP B 175 -13.99 25.14 -26.26
CA TRP B 175 -14.83 25.33 -27.43
C TRP B 175 -15.86 24.20 -27.49
N GLY B 176 -16.77 24.30 -28.45
CA GLY B 176 -17.87 23.35 -28.54
C GLY B 176 -18.34 23.11 -29.96
N VAL B 177 -19.09 22.02 -30.12
CA VAL B 177 -19.68 21.61 -31.38
C VAL B 177 -21.15 21.28 -31.15
N HIS B 178 -22.01 21.69 -32.08
CA HIS B 178 -23.45 21.53 -31.95
C HIS B 178 -23.95 20.39 -32.81
N HIS B 179 -24.71 19.48 -32.21
CA HIS B 179 -25.31 18.35 -32.90
C HIS B 179 -26.80 18.57 -33.04
N PRO B 180 -27.31 18.84 -34.24
CA PRO B 180 -28.74 19.12 -34.40
C PRO B 180 -29.62 17.89 -34.29
N ASN B 181 -30.92 18.06 -34.54
CA ASN B 181 -31.90 16.98 -34.47
C ASN B 181 -32.37 16.51 -35.83
N ASP B 182 -32.31 17.37 -36.85
CA ASP B 182 -32.77 17.02 -38.18
C ASP B 182 -32.04 17.86 -39.20
N GLU B 183 -32.24 17.54 -40.48
CA GLU B 183 -31.59 18.28 -41.54
C GLU B 183 -32.20 19.66 -41.71
N THR B 184 -33.48 19.82 -41.37
CA THR B 184 -34.13 21.13 -41.47
C THR B 184 -33.46 22.14 -40.55
N GLU B 185 -33.15 21.74 -39.32
CA GLU B 185 -32.43 22.62 -38.41
C GLU B 185 -31.05 22.97 -38.97
N GLN B 186 -30.35 21.97 -39.53
CA GLN B 186 -29.03 22.22 -40.06
C GLN B 186 -29.08 23.25 -41.18
N ARG B 187 -30.05 23.13 -42.08
CA ARG B 187 -30.16 24.09 -43.18
C ARG B 187 -30.69 25.44 -42.73
N THR B 188 -31.45 25.49 -41.62
CA THR B 188 -31.96 26.76 -41.13
C THR B 188 -30.88 27.55 -40.41
N LEU B 189 -29.99 26.88 -39.68
CA LEU B 189 -28.98 27.57 -38.90
C LEU B 189 -27.62 27.69 -39.58
N TYR B 190 -27.29 26.80 -40.53
CA TYR B 190 -25.96 26.85 -41.14
C TYR B 190 -25.99 26.68 -42.65
N GLN B 191 -27.15 26.80 -43.29
CA GLN B 191 -27.30 26.77 -44.74
C GLN B 191 -26.89 25.42 -45.35
N ASN B 192 -25.60 25.13 -45.36
CA ASN B 192 -25.10 23.94 -46.04
C ASN B 192 -24.92 22.78 -45.07
N VAL B 193 -24.92 21.57 -45.63
CA VAL B 193 -24.74 20.34 -44.87
C VAL B 193 -23.35 19.79 -45.16
N GLY B 194 -22.90 18.91 -44.27
CA GLY B 194 -21.56 18.36 -44.39
C GLY B 194 -20.48 19.32 -43.94
N THR B 195 -20.50 19.68 -42.66
CA THR B 195 -19.62 20.69 -42.10
C THR B 195 -18.57 20.04 -41.21
N TYR B 196 -17.59 20.85 -40.81
CA TYR B 196 -16.52 20.39 -39.94
C TYR B 196 -16.08 21.52 -39.02
N VAL B 197 -15.45 21.15 -37.92
CA VAL B 197 -14.82 22.09 -37.00
C VAL B 197 -13.39 21.62 -36.75
N SER B 198 -12.43 22.48 -37.05
CA SER B 198 -11.01 22.15 -36.94
C SER B 198 -10.34 23.08 -35.93
N VAL B 199 -9.63 22.48 -34.98
CA VAL B 199 -8.88 23.21 -33.96
C VAL B 199 -7.43 22.77 -34.03
N GLY B 200 -6.52 23.74 -34.10
CA GLY B 200 -5.11 23.42 -34.19
C GLY B 200 -4.19 24.25 -33.32
N THR B 201 -3.31 23.58 -32.59
CA THR B 201 -2.23 24.25 -31.87
C THR B 201 -0.89 23.64 -32.25
N SER B 202 0.17 24.00 -31.53
CA SER B 202 1.48 23.39 -31.80
C SER B 202 1.48 21.90 -31.51
N THR B 203 0.82 21.47 -30.43
CA THR B 203 0.77 20.07 -30.04
C THR B 203 -0.67 19.55 -29.99
N LEU B 204 -1.51 19.97 -30.92
CA LEU B 204 -2.89 19.51 -30.97
C LEU B 204 -3.40 19.61 -32.39
N ASN B 205 -4.31 18.70 -32.73
CA ASN B 205 -4.89 18.67 -34.07
C ASN B 205 -6.21 17.92 -33.94
N LYS B 206 -7.33 18.62 -34.12
CA LYS B 206 -8.64 17.98 -33.95
C LYS B 206 -9.57 18.41 -35.07
N ARG B 207 -10.26 17.44 -35.66
CA ARG B 207 -11.31 17.69 -36.64
C ARG B 207 -12.56 16.94 -36.22
N SER B 208 -13.70 17.62 -36.20
CA SER B 208 -14.94 17.03 -35.76
C SER B 208 -16.05 17.31 -36.76
N THR B 209 -16.99 16.37 -36.85
CA THR B 209 -18.14 16.44 -37.73
C THR B 209 -19.42 16.28 -36.94
N PRO B 210 -20.43 17.13 -37.15
CA PRO B 210 -21.67 16.98 -36.40
C PRO B 210 -22.42 15.71 -36.76
N ASP B 211 -23.18 15.21 -35.79
CA ASP B 211 -24.02 14.03 -35.95
C ASP B 211 -25.47 14.47 -35.89
N ILE B 212 -26.25 14.12 -36.91
CA ILE B 212 -27.65 14.50 -37.02
C ILE B 212 -28.49 13.25 -36.87
N ALA B 213 -29.25 13.17 -35.77
CA ALA B 213 -30.12 12.03 -35.53
C ALA B 213 -31.17 12.43 -34.50
N THR B 214 -32.27 11.68 -34.49
CA THR B 214 -33.31 11.88 -33.51
C THR B 214 -32.89 11.30 -32.17
N ARG B 215 -33.04 12.07 -31.11
CA ARG B 215 -32.63 11.71 -29.76
C ARG B 215 -33.75 11.97 -28.80
N PRO B 216 -33.78 11.27 -27.65
CA PRO B 216 -34.77 11.59 -26.62
C PRO B 216 -34.60 13.02 -26.13
N LYS B 217 -35.72 13.61 -25.72
CA LYS B 217 -35.75 15.03 -25.36
C LYS B 217 -35.30 15.22 -23.93
N VAL B 218 -34.28 16.05 -23.74
CA VAL B 218 -33.82 16.49 -22.42
C VAL B 218 -33.97 18.01 -22.38
N ASN B 219 -34.70 18.49 -21.38
CA ASN B 219 -35.08 19.91 -21.29
C ASN B 219 -35.81 20.37 -22.54
N GLY B 220 -36.54 19.46 -23.18
CA GLY B 220 -37.36 19.78 -24.32
C GLY B 220 -36.63 19.84 -25.66
N LEU B 221 -35.34 19.56 -25.69
CA LEU B 221 -34.55 19.67 -26.92
C LEU B 221 -34.00 18.32 -27.31
N GLY B 222 -34.07 18.02 -28.61
CA GLY B 222 -33.46 16.84 -29.18
C GLY B 222 -32.06 17.04 -29.71
N SER B 223 -31.49 18.22 -29.51
CA SER B 223 -30.14 18.54 -29.95
C SER B 223 -29.16 18.43 -28.79
N ARG B 224 -27.88 18.44 -29.10
CA ARG B 224 -26.84 18.31 -28.08
C ARG B 224 -25.69 19.26 -28.38
N MET B 225 -24.85 19.47 -27.37
CA MET B 225 -23.65 20.27 -27.51
C MET B 225 -22.50 19.57 -26.83
N GLU B 226 -21.40 19.37 -27.54
CA GLU B 226 -20.23 18.67 -27.03
C GLU B 226 -19.08 19.66 -26.86
N PHE B 227 -18.52 19.72 -25.65
CA PHE B 227 -17.51 20.71 -25.30
C PHE B 227 -16.16 20.05 -25.08
N SER B 228 -15.10 20.72 -25.54
CA SER B 228 -13.73 20.27 -25.38
C SER B 228 -12.88 21.42 -24.88
N TRP B 229 -11.75 21.07 -24.25
CA TRP B 229 -10.87 22.05 -23.64
C TRP B 229 -9.42 21.75 -23.99
N THR B 230 -8.58 22.78 -23.88
CA THR B 230 -7.15 22.66 -24.14
C THR B 230 -6.40 23.67 -23.29
N LEU B 231 -5.10 23.40 -23.11
CA LEU B 231 -4.18 24.28 -22.40
C LEU B 231 -3.18 24.84 -23.40
N LEU B 232 -3.18 26.16 -23.56
CA LEU B 232 -2.25 26.84 -24.45
C LEU B 232 -1.08 27.35 -23.63
N ASP B 233 0.13 27.02 -24.08
CA ASP B 233 1.36 27.40 -23.42
C ASP B 233 1.78 28.81 -23.84
N MET B 234 2.78 29.35 -23.13
CA MET B 234 3.24 30.70 -23.42
C MET B 234 3.84 30.76 -24.82
N TRP B 235 3.55 31.86 -25.51
CA TRP B 235 4.06 32.15 -26.86
C TRP B 235 3.61 31.11 -27.88
N ASP B 236 2.46 30.48 -27.66
CA ASP B 236 1.88 29.55 -28.61
C ASP B 236 0.63 30.16 -29.25
N THR B 237 0.23 29.57 -30.37
CA THR B 237 -0.88 30.10 -31.16
C THR B 237 -1.95 29.01 -31.34
N ILE B 238 -3.21 29.42 -31.24
CA ILE B 238 -4.35 28.53 -31.43
C ILE B 238 -5.14 29.02 -32.63
N ASN B 239 -5.57 28.08 -33.48
CA ASN B 239 -6.31 28.36 -34.70
C ASN B 239 -7.65 27.62 -34.67
N PHE B 240 -8.71 28.35 -34.99
CA PHE B 240 -10.05 27.81 -35.13
C PHE B 240 -10.50 27.99 -36.57
N GLU B 241 -11.03 26.93 -37.17
CA GLU B 241 -11.63 27.01 -38.49
C GLU B 241 -12.93 26.24 -38.49
N SER B 242 -13.93 26.74 -39.21
CA SER B 242 -15.22 26.05 -39.21
C SER B 242 -16.03 26.43 -40.43
N THR B 243 -16.66 25.43 -41.04
CA THR B 243 -17.70 25.66 -42.04
C THR B 243 -19.10 25.66 -41.42
N GLY B 244 -19.24 25.10 -40.22
CA GLY B 244 -20.49 25.16 -39.50
C GLY B 244 -20.37 24.46 -38.16
N ASN B 245 -21.40 24.64 -37.34
CA ASN B 245 -21.56 23.93 -36.08
C ASN B 245 -20.43 24.22 -35.10
N LEU B 246 -20.06 25.49 -34.96
CA LEU B 246 -18.99 25.90 -34.06
C LEU B 246 -19.53 26.84 -33.00
N ILE B 247 -19.25 26.52 -31.73
CA ILE B 247 -19.54 27.40 -30.61
C ILE B 247 -18.20 27.97 -30.16
N ALA B 248 -17.90 29.18 -30.61
CA ALA B 248 -16.58 29.75 -30.42
C ALA B 248 -16.40 30.26 -28.98
N PRO B 249 -15.16 30.30 -28.51
CA PRO B 249 -14.90 30.94 -27.21
C PRO B 249 -14.72 32.45 -27.38
N GLU B 250 -15.12 33.16 -26.32
CA GLU B 250 -14.88 34.59 -26.25
C GLU B 250 -13.90 34.97 -25.14
N TYR B 251 -13.78 34.15 -24.11
CA TYR B 251 -12.88 34.40 -23.00
C TYR B 251 -11.96 33.21 -22.79
N GLY B 252 -10.79 33.48 -22.22
CA GLY B 252 -9.87 32.43 -21.85
C GLY B 252 -9.40 32.64 -20.42
N PHE B 253 -9.04 31.54 -19.77
CA PHE B 253 -8.76 31.56 -18.33
C PHE B 253 -7.27 31.31 -18.11
N LYS B 254 -6.51 32.37 -17.84
CA LYS B 254 -5.09 32.21 -17.57
C LYS B 254 -4.88 31.91 -16.10
N ILE B 255 -3.89 31.07 -15.81
CA ILE B 255 -3.61 30.63 -14.45
C ILE B 255 -2.78 31.69 -13.75
N SER B 256 -3.33 32.30 -12.69
CA SER B 256 -2.61 33.33 -11.95
C SER B 256 -1.64 32.74 -10.93
N LYS B 257 -2.17 32.00 -9.96
CA LYS B 257 -1.34 31.31 -8.99
C LYS B 257 -1.44 29.81 -9.15
N ARG B 258 -0.64 29.09 -8.37
CA ARG B 258 -0.58 27.63 -8.42
C ARG B 258 -0.30 27.13 -7.01
N GLY B 259 -0.87 25.97 -6.68
CA GLY B 259 -0.66 25.42 -5.36
C GLY B 259 -1.41 24.12 -5.13
N SER B 260 -1.91 23.92 -3.92
CA SER B 260 -2.60 22.70 -3.53
C SER B 260 -4.02 23.04 -3.09
N SER B 261 -4.99 22.37 -3.68
CA SER B 261 -6.40 22.57 -3.36
C SER B 261 -7.14 21.27 -3.64
N GLY B 262 -8.46 21.32 -3.52
CA GLY B 262 -9.28 20.15 -3.80
C GLY B 262 -10.74 20.54 -3.88
N ILE B 263 -11.57 19.54 -4.18
CA ILE B 263 -13.01 19.72 -4.29
C ILE B 263 -13.67 18.99 -3.14
N MET B 264 -14.41 19.75 -2.32
CA MET B 264 -15.19 19.19 -1.22
C MET B 264 -16.67 19.17 -1.61
N LYS B 265 -17.27 17.99 -1.54
CA LYS B 265 -18.69 17.82 -1.89
C LYS B 265 -19.52 17.97 -0.63
N THR B 266 -19.95 19.21 -0.35
CA THR B 266 -20.76 19.52 0.81
C THR B 266 -21.99 20.31 0.39
N GLU B 267 -23.00 20.28 1.25
CA GLU B 267 -24.22 21.05 1.07
C GLU B 267 -24.37 22.12 2.15
N GLY B 268 -23.26 22.58 2.71
CA GLY B 268 -23.26 23.60 3.73
C GLY B 268 -22.93 24.98 3.19
N THR B 269 -22.70 25.90 4.11
CA THR B 269 -22.42 27.29 3.78
C THR B 269 -21.22 27.77 4.60
N LEU B 270 -20.45 28.69 4.02
CA LEU B 270 -19.28 29.21 4.68
C LEU B 270 -19.68 30.03 5.91
N GLU B 271 -18.94 29.85 7.00
CA GLU B 271 -19.11 30.65 8.21
C GLU B 271 -17.75 31.11 8.70
N ASN B 272 -17.76 32.07 9.62
CA ASN B 272 -16.55 32.78 10.03
C ASN B 272 -15.75 31.96 11.02
N CYS B 273 -14.65 31.37 10.56
CA CYS B 273 -13.67 30.69 11.40
C CYS B 273 -12.44 30.45 10.54
N GLU B 274 -11.37 29.99 11.19
CA GLU B 274 -10.12 29.71 10.48
C GLU B 274 -9.44 28.48 11.08
N THR B 275 -9.11 27.53 10.22
CA THR B 275 -8.47 26.28 10.66
C THR B 275 -7.38 25.92 9.66
N LYS B 276 -6.90 24.69 9.76
CA LYS B 276 -5.78 24.20 8.95
C LYS B 276 -6.04 22.86 8.28
N CYS B 277 -6.98 22.05 8.78
CA CYS B 277 -7.40 20.81 8.14
C CYS B 277 -8.92 20.81 8.07
N GLN B 278 -9.49 20.51 6.91
CA GLN B 278 -10.93 20.65 6.69
C GLN B 278 -11.54 19.32 6.28
N THR B 279 -12.71 19.03 6.84
CA THR B 279 -13.52 17.86 6.55
C THR B 279 -14.93 18.28 6.17
N PRO B 280 -15.66 17.43 5.44
CA PRO B 280 -17.05 17.79 5.10
C PRO B 280 -17.95 18.01 6.31
N LEU B 281 -17.69 17.35 7.43
CA LEU B 281 -18.48 17.56 8.63
C LEU B 281 -18.06 18.82 9.38
N GLY B 282 -16.76 19.07 9.48
CA GLY B 282 -16.27 20.23 10.19
C GLY B 282 -14.79 20.46 9.99
N ALA B 283 -14.13 21.00 11.02
CA ALA B 283 -12.70 21.30 10.95
C ALA B 283 -12.01 20.74 12.18
N ILE B 284 -10.73 20.41 12.01
CA ILE B 284 -9.94 19.73 13.04
C ILE B 284 -8.82 20.65 13.50
N ASN B 285 -8.72 20.85 14.81
CA ASN B 285 -7.65 21.63 15.43
C ASN B 285 -7.02 20.75 16.50
N THR B 286 -5.94 20.05 16.13
CA THR B 286 -5.33 19.09 17.04
C THR B 286 -3.86 18.91 16.70
N THR B 287 -3.13 18.35 17.66
CA THR B 287 -1.73 17.98 17.46
C THR B 287 -1.52 16.47 17.54
N LEU B 288 -2.58 15.69 17.71
CA LEU B 288 -2.47 14.25 17.79
C LEU B 288 -2.22 13.67 16.40
N PRO B 289 -1.62 12.48 16.32
CA PRO B 289 -1.32 11.87 15.03
C PRO B 289 -2.46 11.06 14.42
N PHE B 290 -3.61 10.92 15.07
CA PHE B 290 -4.68 10.07 14.57
C PHE B 290 -6.03 10.76 14.75
N HIS B 291 -6.97 10.41 13.88
CA HIS B 291 -8.33 10.92 13.95
C HIS B 291 -9.27 9.92 13.28
N ASN B 292 -10.55 10.02 13.61
CA ASN B 292 -11.56 9.13 13.05
C ASN B 292 -12.82 9.92 12.69
N VAL B 293 -12.65 11.12 12.16
CA VAL B 293 -13.81 11.96 11.85
C VAL B 293 -14.39 11.61 10.48
N HIS B 294 -13.60 11.76 9.42
CA HIS B 294 -14.07 11.52 8.07
C HIS B 294 -12.89 11.12 7.19
N PRO B 295 -13.05 10.11 6.34
CA PRO B 295 -11.94 9.69 5.48
C PRO B 295 -11.47 10.79 4.52
N LEU B 296 -12.38 11.62 4.01
CA LEU B 296 -12.04 12.62 3.01
C LEU B 296 -11.72 13.93 3.70
N THR B 297 -10.45 14.34 3.63
CA THR B 297 -9.98 15.56 4.27
C THR B 297 -9.14 16.35 3.27
N ILE B 298 -9.03 17.64 3.50
CA ILE B 298 -8.18 18.52 2.70
C ILE B 298 -7.28 19.30 3.65
N GLY B 299 -5.97 19.25 3.42
CA GLY B 299 -5.03 20.00 4.20
C GLY B 299 -3.95 19.11 4.75
N GLU B 300 -3.36 19.52 5.87
CA GLU B 300 -2.38 18.74 6.61
C GLU B 300 -3.10 18.12 7.80
N CYS B 301 -3.45 16.84 7.68
CA CYS B 301 -4.34 16.21 8.64
C CYS B 301 -3.71 14.96 9.23
N PRO B 302 -4.11 14.56 10.42
CA PRO B 302 -3.60 13.32 11.00
C PRO B 302 -4.05 12.11 10.20
N LYS B 303 -3.41 10.98 10.46
CA LYS B 303 -3.79 9.74 9.81
C LYS B 303 -5.18 9.29 10.29
N TYR B 304 -5.92 8.67 9.38
CA TYR B 304 -7.28 8.25 9.65
C TYR B 304 -7.32 6.75 9.90
N VAL B 305 -7.95 6.35 11.00
CA VAL B 305 -8.01 4.95 11.40
C VAL B 305 -9.45 4.59 11.77
N LYS B 306 -9.77 3.31 11.65
CA LYS B 306 -11.10 2.79 12.00
C LYS B 306 -11.13 2.33 13.45
N SER B 307 -10.75 3.20 14.36
CA SER B 307 -10.67 2.88 15.77
C SER B 307 -11.53 3.84 16.57
N GLU B 308 -11.91 3.40 17.78
CA GLU B 308 -12.69 4.21 18.68
C GLU B 308 -11.95 4.61 19.95
N LYS B 309 -10.77 4.06 20.20
CA LYS B 309 -10.05 4.34 21.44
C LYS B 309 -8.58 3.98 21.25
N LEU B 310 -7.70 4.97 21.36
CA LEU B 310 -6.26 4.76 21.26
C LEU B 310 -5.59 5.55 22.39
N VAL B 311 -5.33 4.90 23.51
CA VAL B 311 -4.85 5.56 24.73
C VAL B 311 -3.52 4.95 25.11
N LEU B 312 -2.53 5.81 25.34
CA LEU B 312 -1.21 5.40 25.79
C LEU B 312 -1.11 5.61 27.30
N ALA B 313 -0.67 4.57 28.00
CA ALA B 313 -0.47 4.68 29.44
C ALA B 313 0.76 5.53 29.73
N THR B 314 0.57 6.57 30.54
CA THR B 314 1.64 7.47 30.93
C THR B 314 2.00 7.33 32.39
N GLY B 315 1.15 6.70 33.20
CA GLY B 315 1.37 6.58 34.62
C GLY B 315 1.33 5.15 35.11
N LEU B 316 1.12 4.99 36.41
CA LEU B 316 1.22 3.69 37.05
C LEU B 316 -0.13 3.00 37.10
N ARG B 317 -0.12 1.72 37.43
CA ARG B 317 -1.35 0.99 37.70
C ARG B 317 -1.98 1.51 38.99
N ASN B 318 -3.30 1.67 38.99
CA ASN B 318 -4.00 2.30 40.11
C ASN B 318 -4.62 1.24 41.01
N VAL B 319 -3.79 0.66 41.87
CA VAL B 319 -4.27 -0.15 42.98
C VAL B 319 -4.48 0.81 44.16
N PRO B 320 -5.70 0.93 44.67
CA PRO B 320 -5.99 2.04 45.59
C PRO B 320 -5.59 1.77 47.03
N GLN B 321 -5.61 0.51 47.46
CA GLN B 321 -5.30 0.21 48.85
C GLN B 321 -3.79 0.19 49.07
N ILE B 322 -3.40 0.33 50.33
CA ILE B 322 -2.00 0.33 50.72
C ILE B 322 -1.35 -1.01 50.42
N ALA B 330 -0.36 0.09 60.75
CA ALA B 330 0.92 0.16 60.06
C ALA B 330 0.71 0.37 58.56
N ILE B 331 1.59 1.14 57.95
CA ILE B 331 1.50 1.44 56.52
C ILE B 331 2.46 0.53 55.77
N ALA B 332 1.91 -0.29 54.88
CA ALA B 332 2.69 -1.27 54.14
C ALA B 332 3.26 -0.62 52.89
N GLY B 333 3.94 -1.41 52.06
CA GLY B 333 4.64 -0.89 50.90
C GLY B 333 4.07 -1.33 49.58
N PHE B 334 4.94 -1.56 48.61
CA PHE B 334 4.50 -1.79 47.24
C PHE B 334 3.97 -3.20 47.01
N ILE B 335 4.15 -4.11 47.95
CA ILE B 335 3.57 -5.44 47.79
C ILE B 335 2.05 -5.40 47.94
N GLU B 336 1.56 -4.61 48.89
CA GLU B 336 0.14 -4.60 49.21
C GLU B 336 -0.67 -3.60 48.38
N GLY B 337 -0.02 -2.76 47.59
CA GLY B 337 -0.72 -1.83 46.74
C GLY B 337 -0.06 -0.47 46.75
N GLY B 338 -0.76 0.51 46.18
CA GLY B 338 -0.23 1.85 46.05
C GLY B 338 -0.50 2.71 47.27
N TRP B 339 -0.08 3.97 47.16
CA TRP B 339 -0.19 4.95 48.24
C TRP B 339 -0.96 6.15 47.75
N GLN B 340 -1.95 6.59 48.53
CA GLN B 340 -2.70 7.81 48.23
C GLN B 340 -2.20 9.01 49.02
N GLY B 341 -1.16 8.85 49.81
CA GLY B 341 -0.66 9.95 50.61
C GLY B 341 0.34 10.82 49.88
N MET B 342 1.42 10.22 49.39
CA MET B 342 2.46 11.00 48.74
C MET B 342 1.99 11.40 47.34
N VAL B 343 2.20 12.67 46.99
CA VAL B 343 1.68 13.24 45.76
C VAL B 343 2.72 13.98 44.96
N ASP B 344 3.96 14.07 45.43
CA ASP B 344 5.02 14.81 44.76
C ASP B 344 6.01 13.89 44.04
N GLY B 345 5.55 12.77 43.51
CA GLY B 345 6.42 11.88 42.79
C GLY B 345 5.74 10.55 42.52
N TRP B 346 6.37 9.78 41.64
CA TRP B 346 5.85 8.46 41.26
C TRP B 346 6.33 7.36 42.20
N TYR B 347 7.62 7.34 42.53
CA TYR B 347 8.19 6.35 43.43
C TYR B 347 8.78 7.07 44.63
N GLY B 348 8.51 6.56 45.83
CA GLY B 348 8.95 7.27 47.00
C GLY B 348 9.07 6.41 48.24
N TYR B 349 9.37 7.09 49.35
CA TYR B 349 9.62 6.50 50.66
C TYR B 349 8.56 6.95 51.65
N HIS B 350 8.48 6.21 52.75
CA HIS B 350 7.69 6.58 53.91
C HIS B 350 8.43 6.12 55.15
N HIS B 351 8.68 7.05 56.07
CA HIS B 351 9.46 6.76 57.26
C HIS B 351 8.60 6.92 58.50
N SER B 352 8.93 6.15 59.54
CA SER B 352 8.13 6.13 60.76
C SER B 352 9.00 6.23 62.00
N ASN B 353 9.91 7.19 62.05
CA ASN B 353 10.85 7.26 63.16
C ASN B 353 10.28 8.13 64.29
N ASP B 354 10.99 8.16 65.41
CA ASP B 354 10.52 8.91 66.58
C ASP B 354 10.41 10.41 66.30
N GLN B 355 11.31 10.96 65.50
CA GLN B 355 11.20 12.37 65.11
C GLN B 355 9.88 12.62 64.40
N GLY B 356 9.42 11.67 63.60
CA GLY B 356 8.16 11.84 62.91
C GLY B 356 7.88 10.70 61.97
N SER B 357 6.66 10.69 61.46
CA SER B 357 6.22 9.71 60.47
C SER B 357 5.67 10.47 59.28
N GLY B 358 6.22 10.23 58.10
CA GLY B 358 5.81 10.97 56.94
C GLY B 358 6.23 10.35 55.62
N TYR B 359 5.62 10.86 54.55
CA TYR B 359 5.89 10.43 53.20
C TYR B 359 7.03 11.25 52.60
N ALA B 360 7.50 10.83 51.43
CA ALA B 360 8.51 11.56 50.68
C ALA B 360 8.38 11.15 49.23
N ALA B 361 9.38 11.49 48.42
CA ALA B 361 9.39 11.10 47.02
C ALA B 361 10.82 11.13 46.50
N ASP B 362 11.28 10.01 45.96
CA ASP B 362 12.61 9.98 45.37
C ASP B 362 12.63 10.78 44.08
N LYS B 363 13.64 11.64 43.94
CA LYS B 363 13.70 12.55 42.81
C LYS B 363 14.39 11.94 41.60
N GLU B 364 15.50 11.23 41.82
CA GLU B 364 16.27 10.72 40.69
C GLU B 364 15.47 9.69 39.89
N SER B 365 14.88 8.72 40.59
CA SER B 365 14.12 7.68 39.91
C SER B 365 12.90 8.25 39.19
N THR B 366 12.19 9.17 39.86
CA THR B 366 11.01 9.77 39.25
C THR B 366 11.39 10.58 38.01
N GLN B 367 12.50 11.33 38.09
CA GLN B 367 12.93 12.10 36.93
C GLN B 367 13.33 11.20 35.77
N LYS B 368 14.04 10.10 36.06
CA LYS B 368 14.43 9.18 35.01
C LYS B 368 13.20 8.55 34.35
N ALA B 369 12.22 8.12 35.16
CA ALA B 369 11.02 7.51 34.60
C ALA B 369 10.22 8.53 33.79
N PHE B 370 10.12 9.76 34.28
CA PHE B 370 9.41 10.81 33.54
C PHE B 370 10.07 11.07 32.20
N ASP B 371 11.40 11.17 32.19
CA ASP B 371 12.10 11.40 30.93
C ASP B 371 11.89 10.24 29.96
N GLY B 372 11.95 9.01 30.46
CA GLY B 372 11.73 7.87 29.59
C GLY B 372 10.35 7.84 28.98
N ILE B 373 9.32 8.07 29.81
CA ILE B 373 7.94 8.01 29.31
C ILE B 373 7.68 9.14 28.32
N THR B 374 8.16 10.34 28.63
CA THR B 374 7.98 11.47 27.72
C THR B 374 8.69 11.22 26.40
N ASN B 375 9.89 10.65 26.45
CA ASN B 375 10.61 10.32 25.22
C ASN B 375 9.85 9.27 24.42
N LYS B 376 9.24 8.30 25.10
CA LYS B 376 8.46 7.28 24.38
C LYS B 376 7.26 7.91 23.67
N VAL B 377 6.54 8.79 24.36
CA VAL B 377 5.38 9.44 23.75
C VAL B 377 5.81 10.30 22.56
N ASN B 378 6.91 11.05 22.71
CA ASN B 378 7.40 11.87 21.62
C ASN B 378 7.88 11.03 20.45
N SER B 379 8.48 9.87 20.72
CA SER B 379 8.91 8.99 19.63
C SER B 379 7.71 8.44 18.87
N VAL B 380 6.64 8.09 19.59
CA VAL B 380 5.44 7.59 18.92
C VAL B 380 4.79 8.69 18.08
N ILE B 381 4.74 9.92 18.61
CA ILE B 381 3.96 10.97 17.94
C ILE B 381 4.77 11.63 16.83
N GLU B 382 5.96 12.11 17.13
CA GLU B 382 6.72 12.99 16.24
C GLU B 382 7.48 12.23 15.17
N LYS B 383 7.19 10.96 14.95
CA LYS B 383 7.81 10.19 13.87
C LYS B 383 6.84 9.96 12.72
N MET B 384 5.64 10.51 12.78
CA MET B 384 4.65 10.38 11.73
C MET B 384 4.74 11.57 10.80
N ASN B 385 5.04 11.31 9.52
CA ASN B 385 5.14 12.38 8.54
C ASN B 385 3.75 12.87 8.16
N THR B 386 3.57 14.19 8.19
CA THR B 386 2.34 14.83 7.77
C THR B 386 2.64 15.71 6.57
N GLN B 387 1.74 15.68 5.58
CA GLN B 387 1.91 16.43 4.34
C GLN B 387 0.56 16.93 3.88
N PHE B 388 0.58 18.01 3.10
CA PHE B 388 -0.66 18.52 2.52
C PHE B 388 -1.19 17.52 1.51
N GLU B 389 -2.45 17.14 1.68
CA GLU B 389 -3.08 16.19 0.77
C GLU B 389 -4.55 16.53 0.63
N ALA B 390 -5.10 16.16 -0.52
CA ALA B 390 -6.53 16.26 -0.81
C ALA B 390 -6.99 14.87 -1.24
N VAL B 391 -7.51 14.10 -0.29
CA VAL B 391 -7.87 12.71 -0.53
C VAL B 391 -9.27 12.72 -1.13
N GLY B 392 -9.32 12.82 -2.46
CA GLY B 392 -10.56 12.72 -3.19
C GLY B 392 -10.32 12.76 -4.68
N LYS B 393 -10.91 11.83 -5.42
CA LYS B 393 -10.75 11.77 -6.87
C LYS B 393 -12.09 11.42 -7.49
N GLU B 394 -12.24 11.77 -8.76
CA GLU B 394 -13.49 11.62 -9.48
C GLU B 394 -13.24 10.83 -10.76
N PHE B 395 -14.13 9.88 -11.05
CA PHE B 395 -14.01 9.01 -12.20
C PHE B 395 -15.34 8.94 -12.94
N SER B 396 -15.26 8.70 -14.23
CA SER B 396 -16.45 8.63 -15.07
C SER B 396 -17.11 7.27 -14.94
N ASN B 397 -18.29 7.13 -15.57
CA ASN B 397 -19.03 5.89 -15.52
C ASN B 397 -18.42 4.80 -16.38
N LEU B 398 -17.40 5.10 -17.18
CA LEU B 398 -16.67 4.10 -17.94
C LEU B 398 -15.26 3.89 -17.42
N GLU B 399 -15.00 4.26 -16.16
CA GLU B 399 -13.71 4.05 -15.51
C GLU B 399 -13.91 3.41 -14.15
N ARG B 400 -14.81 2.44 -14.07
CA ARG B 400 -15.09 1.79 -12.79
C ARG B 400 -13.90 0.98 -12.29
N ARG B 401 -13.10 0.42 -13.19
CA ARG B 401 -11.94 -0.35 -12.77
C ARG B 401 -10.92 0.53 -12.06
N LEU B 402 -10.70 1.74 -12.57
CA LEU B 402 -9.78 2.67 -11.91
C LEU B 402 -10.30 3.08 -10.54
N GLU B 403 -11.62 3.30 -10.43
CA GLU B 403 -12.21 3.63 -9.14
C GLU B 403 -12.04 2.49 -8.15
N ASN B 404 -12.24 1.25 -8.60
CA ASN B 404 -12.03 0.10 -7.73
C ASN B 404 -10.57 -0.01 -7.31
N LEU B 405 -9.65 0.28 -8.22
CA LEU B 405 -8.23 0.29 -7.90
C LEU B 405 -7.93 1.30 -6.79
N ASN B 406 -8.43 2.53 -6.95
CA ASN B 406 -8.21 3.57 -5.95
C ASN B 406 -8.80 3.16 -4.60
N LYS B 407 -10.02 2.62 -4.61
CA LYS B 407 -10.65 2.20 -3.37
C LYS B 407 -9.88 1.08 -2.69
N LYS B 408 -9.40 0.11 -3.46
CA LYS B 408 -8.63 -0.98 -2.89
C LYS B 408 -7.35 -0.47 -2.25
N MET B 409 -6.66 0.45 -2.92
CA MET B 409 -5.46 1.05 -2.33
C MET B 409 -5.79 1.75 -1.02
N GLU B 410 -6.86 2.53 -1.01
CA GLU B 410 -7.19 3.34 0.16
C GLU B 410 -7.53 2.45 1.35
N ASP B 411 -8.39 1.45 1.15
CA ASP B 411 -8.72 0.53 2.24
C ASP B 411 -7.51 -0.30 2.67
N GLY B 412 -6.65 -0.71 1.74
CA GLY B 412 -5.46 -1.43 2.15
C GLY B 412 -4.61 -0.62 3.11
N PHE B 413 -4.37 0.65 2.78
CA PHE B 413 -3.59 1.49 3.67
C PHE B 413 -4.31 1.73 4.99
N LEU B 414 -5.64 1.89 4.94
CA LEU B 414 -6.40 2.12 6.17
C LEU B 414 -6.27 0.94 7.13
N ASP B 415 -6.45 -0.28 6.63
CA ASP B 415 -6.32 -1.46 7.49
C ASP B 415 -4.89 -1.63 7.99
N VAL B 416 -3.89 -1.39 7.14
CA VAL B 416 -2.51 -1.51 7.60
C VAL B 416 -2.26 -0.58 8.78
N TRP B 417 -2.65 0.70 8.63
CA TRP B 417 -2.36 1.66 9.69
C TRP B 417 -3.19 1.38 10.94
N THR B 418 -4.44 0.95 10.79
CA THR B 418 -5.26 0.63 11.94
C THR B 418 -4.65 -0.50 12.75
N TYR B 419 -4.28 -1.60 12.08
CA TYR B 419 -3.69 -2.74 12.78
C TYR B 419 -2.39 -2.35 13.47
N ASN B 420 -1.53 -1.63 12.75
CA ASN B 420 -0.26 -1.22 13.33
C ASN B 420 -0.45 -0.35 14.55
N ALA B 421 -1.35 0.63 14.48
CA ALA B 421 -1.57 1.53 15.60
C ALA B 421 -2.10 0.79 16.82
N GLU B 422 -3.09 -0.09 16.62
CA GLU B 422 -3.66 -0.82 17.76
C GLU B 422 -2.62 -1.70 18.43
N LEU B 423 -1.88 -2.48 17.63
CA LEU B 423 -0.88 -3.37 18.23
C LEU B 423 0.22 -2.57 18.92
N LEU B 424 0.66 -1.48 18.31
CA LEU B 424 1.70 -0.65 18.91
C LEU B 424 1.24 -0.13 20.28
N VAL B 425 0.00 0.35 20.37
CA VAL B 425 -0.51 0.84 21.64
C VAL B 425 -0.52 -0.26 22.68
N LEU B 426 -0.96 -1.47 22.28
CA LEU B 426 -1.05 -2.56 23.25
C LEU B 426 0.33 -2.94 23.80
N MET B 427 1.31 -3.16 22.91
CA MET B 427 2.64 -3.55 23.40
C MET B 427 3.30 -2.45 24.22
N GLU B 428 3.15 -1.18 23.80
CA GLU B 428 3.74 -0.10 24.58
C GLU B 428 3.10 0.00 25.96
N ASN B 429 1.80 -0.22 26.07
CA ASN B 429 1.16 -0.19 27.38
C ASN B 429 1.69 -1.30 28.28
N GLU B 430 1.82 -2.50 27.71
CA GLU B 430 2.40 -3.60 28.49
C GLU B 430 3.80 -3.26 28.98
N ARG B 431 4.62 -2.73 28.08
CA ARG B 431 6.00 -2.42 28.43
C ARG B 431 6.09 -1.35 29.50
N THR B 432 5.23 -0.32 29.42
CA THR B 432 5.24 0.73 30.43
C THR B 432 4.84 0.19 31.80
N LEU B 433 3.79 -0.64 31.84
CA LEU B 433 3.36 -1.19 33.12
C LEU B 433 4.43 -2.10 33.72
N ASP B 434 5.14 -2.86 32.88
CA ASP B 434 6.25 -3.65 33.39
C ASP B 434 7.41 -2.77 33.86
N PHE B 435 7.65 -1.67 33.16
CA PHE B 435 8.76 -0.78 33.48
C PHE B 435 8.58 -0.16 34.85
N HIS B 436 7.35 0.21 35.20
CA HIS B 436 7.12 0.83 36.51
C HIS B 436 7.42 -0.14 37.65
N ASP B 437 6.95 -1.38 37.52
CA ASP B 437 7.23 -2.40 38.55
C ASP B 437 8.71 -2.71 38.61
N SER B 438 9.39 -2.74 37.46
CA SER B 438 10.83 -2.95 37.45
C SER B 438 11.54 -1.82 38.20
N ASN B 439 11.10 -0.58 38.01
CA ASN B 439 11.73 0.53 38.70
C ASN B 439 11.54 0.43 40.21
N VAL B 440 10.32 0.09 40.66
CA VAL B 440 10.10 -0.04 42.09
C VAL B 440 10.95 -1.17 42.68
N LYS B 441 11.00 -2.31 41.98
CA LYS B 441 11.83 -3.42 42.46
C LYS B 441 13.29 -3.05 42.49
N ASN B 442 13.76 -2.29 41.50
CA ASN B 442 15.15 -1.87 41.46
C ASN B 442 15.48 -0.95 42.63
N LEU B 443 14.57 -0.03 42.96
CA LEU B 443 14.80 0.84 44.12
C LEU B 443 14.86 0.03 45.40
N TYR B 444 13.95 -0.94 45.55
CA TYR B 444 13.96 -1.80 46.73
C TYR B 444 15.26 -2.58 46.83
N ASP B 445 15.71 -3.15 45.72
CA ASP B 445 16.95 -3.92 45.71
C ASP B 445 18.15 -3.02 46.02
N LYS B 446 18.16 -1.80 45.49
CA LYS B 446 19.25 -0.88 45.76
C LYS B 446 19.33 -0.55 47.24
N VAL B 447 18.19 -0.25 47.86
CA VAL B 447 18.20 0.03 49.29
C VAL B 447 18.68 -1.18 50.07
N ARG B 448 18.19 -2.37 49.73
CA ARG B 448 18.58 -3.57 50.47
C ARG B 448 20.07 -3.84 50.33
N MET B 449 20.62 -3.71 49.11
CA MET B 449 22.04 -3.95 48.90
C MET B 449 22.88 -2.93 49.65
N GLN B 450 22.51 -1.65 49.58
CA GLN B 450 23.30 -0.62 50.24
C GLN B 450 23.25 -0.75 51.75
N LEU B 451 22.16 -1.29 52.29
CA LEU B 451 21.93 -1.22 53.72
C LEU B 451 22.12 -2.55 54.45
N ARG B 452 22.23 -3.67 53.73
CA ARG B 452 22.85 -4.93 54.17
C ARG B 452 22.15 -5.45 55.44
N ASP B 453 22.91 -6.05 56.36
CA ASP B 453 22.38 -6.96 57.37
C ASP B 453 21.81 -6.25 58.60
N ASN B 454 22.12 -4.98 58.80
CA ASN B 454 21.74 -4.30 60.04
C ASN B 454 20.23 -4.19 60.23
N VAL B 455 19.36 -4.81 59.43
CA VAL B 455 17.93 -4.59 59.51
C VAL B 455 17.21 -5.93 59.58
N LYS B 456 15.89 -5.84 59.57
CA LYS B 456 15.00 -6.97 59.34
C LYS B 456 14.09 -6.65 58.16
N GLU B 457 13.91 -7.63 57.28
CA GLU B 457 13.02 -7.51 56.13
C GLU B 457 11.66 -8.06 56.51
N LEU B 458 10.71 -7.17 56.77
CA LEU B 458 9.38 -7.60 57.19
C LEU B 458 8.64 -8.37 56.10
N GLY B 459 9.00 -8.15 54.84
CA GLY B 459 8.43 -8.91 53.75
C GLY B 459 7.15 -8.35 53.15
N ASN B 460 6.53 -7.36 53.79
CA ASN B 460 5.40 -6.66 53.21
C ASN B 460 5.83 -5.60 52.21
N GLY B 461 7.13 -5.49 51.97
CA GLY B 461 7.67 -4.51 51.07
C GLY B 461 8.57 -3.47 51.70
N CYS B 462 8.91 -3.59 52.98
CA CYS B 462 9.73 -2.55 53.58
C CYS B 462 10.48 -3.08 54.80
N PHE B 463 11.34 -2.22 55.36
CA PHE B 463 12.39 -2.62 56.27
C PHE B 463 12.18 -2.05 57.66
N GLU B 464 12.60 -2.81 58.67
CA GLU B 464 12.61 -2.39 60.06
C GLU B 464 14.03 -2.40 60.58
N PHE B 465 14.50 -1.24 61.05
CA PHE B 465 15.88 -1.13 61.49
C PHE B 465 16.09 -1.81 62.84
N TYR B 466 17.34 -2.18 63.10
CA TYR B 466 17.73 -2.76 64.38
C TYR B 466 18.30 -1.73 65.34
N HIS B 467 18.94 -0.68 64.84
CA HIS B 467 19.43 0.39 65.68
C HIS B 467 18.35 1.47 65.78
N LYS B 468 18.71 2.62 66.35
CA LYS B 468 17.79 3.75 66.49
C LYS B 468 18.22 4.80 65.47
N CYS B 469 17.69 4.68 64.26
CA CYS B 469 18.03 5.60 63.17
C CYS B 469 17.25 6.89 63.35
N ASP B 470 17.96 7.99 63.55
CA ASP B 470 17.35 9.31 63.67
C ASP B 470 17.02 9.82 62.27
N ASP B 471 16.64 11.09 62.17
CA ASP B 471 16.29 11.65 60.87
C ASP B 471 17.48 11.64 59.92
N GLU B 472 18.65 12.04 60.41
CA GLU B 472 19.81 12.20 59.54
C GLU B 472 20.15 10.92 58.81
N CYS B 473 20.06 9.77 59.50
CA CYS B 473 20.31 8.49 58.84
C CYS B 473 19.22 8.18 57.81
N MET B 474 17.99 8.64 58.04
CA MET B 474 16.93 8.45 57.05
C MET B 474 17.24 9.23 55.78
N ASN B 475 17.63 10.50 55.91
CA ASN B 475 18.07 11.21 54.71
C ASN B 475 19.31 10.57 54.10
N SER B 476 20.16 9.95 54.92
CA SER B 476 21.35 9.29 54.37
C SER B 476 20.97 8.12 53.49
N VAL B 477 20.07 7.25 53.97
CA VAL B 477 19.65 6.11 53.16
C VAL B 477 18.87 6.57 51.93
N LYS B 478 18.06 7.62 52.10
CA LYS B 478 17.43 8.22 50.93
C LYS B 478 18.45 8.87 50.00
N ASN B 479 19.53 9.43 50.58
CA ASN B 479 20.53 10.13 49.77
C ASN B 479 21.25 9.19 48.82
N GLY B 480 21.57 7.99 49.27
CA GLY B 480 22.43 7.08 48.55
C GLY B 480 23.77 6.87 49.19
N THR B 481 24.10 7.65 50.22
CA THR B 481 25.35 7.53 50.96
C THR B 481 24.99 7.15 52.39
N TYR B 482 25.17 5.88 52.74
CA TYR B 482 24.82 5.37 54.06
C TYR B 482 26.07 4.72 54.67
N ASP B 483 26.37 5.08 55.91
CA ASP B 483 27.59 4.65 56.58
C ASP B 483 27.31 3.33 57.29
N TYR B 484 27.57 2.22 56.61
CA TYR B 484 27.40 0.91 57.23
C TYR B 484 28.28 0.70 58.45
N PRO B 485 29.59 1.01 58.43
CA PRO B 485 30.42 0.70 59.61
C PRO B 485 30.00 1.41 60.88
N LYS B 486 29.32 2.55 60.78
CA LYS B 486 29.04 3.35 61.98
C LYS B 486 28.18 2.59 62.97
N TYR B 487 27.12 1.93 62.49
CA TYR B 487 26.19 1.23 63.35
C TYR B 487 26.41 -0.28 63.37
N GLU B 488 27.51 -0.75 62.77
CA GLU B 488 27.73 -2.19 62.66
C GLU B 488 27.78 -2.85 64.04
N GLU B 489 28.54 -2.28 64.97
CA GLU B 489 28.69 -2.88 66.29
C GLU B 489 27.39 -2.81 67.08
N GLU B 490 26.73 -1.64 67.07
CA GLU B 490 25.50 -1.49 67.84
C GLU B 490 24.39 -2.37 67.29
N SER B 491 24.28 -2.46 65.97
CA SER B 491 23.25 -3.32 65.38
C SER B 491 23.52 -4.79 65.67
N LYS B 492 24.79 -5.20 65.67
CA LYS B 492 25.12 -6.60 65.91
C LYS B 492 24.69 -7.04 67.30
N LEU B 493 24.73 -6.13 68.28
CA LEU B 493 24.37 -6.49 69.64
C LEU B 493 22.90 -6.90 69.74
N ASN B 494 22.00 -6.07 69.20
CA ASN B 494 20.58 -6.36 69.33
C ASN B 494 20.13 -7.47 68.39
N ARG B 495 20.78 -7.61 67.23
CA ARG B 495 20.35 -8.62 66.26
C ARG B 495 20.50 -10.03 66.82
N ASN B 496 21.61 -10.32 67.48
CA ASN B 496 21.81 -11.64 68.05
C ASN B 496 20.81 -11.93 69.16
N GLU B 497 20.54 -10.95 70.01
CA GLU B 497 19.59 -11.13 71.10
C GLU B 497 18.16 -10.99 70.60
N ASP C 1 11.83 -32.50 56.32
CA ASP C 1 10.83 -31.84 55.49
C ASP C 1 11.50 -31.07 54.37
N GLN C 2 10.73 -30.78 53.31
CA GLN C 2 11.30 -30.11 52.15
C GLN C 2 10.16 -29.62 51.26
N ILE C 3 10.33 -28.43 50.70
CA ILE C 3 9.37 -27.87 49.75
C ILE C 3 10.14 -27.43 48.52
N CYS C 4 9.50 -27.54 47.34
CA CYS C 4 10.15 -27.16 46.11
C CYS C 4 9.14 -26.50 45.17
N ILE C 5 9.63 -25.59 44.35
CA ILE C 5 8.82 -24.80 43.41
C ILE C 5 9.30 -25.10 42.01
N GLY C 6 8.37 -25.41 41.11
CA GLY C 6 8.76 -25.76 39.76
C GLY C 6 7.63 -25.55 38.78
N TYR C 7 7.87 -25.97 37.54
CA TYR C 7 6.91 -25.83 36.47
C TYR C 7 6.70 -27.17 35.77
N HIS C 8 5.85 -27.17 34.76
CA HIS C 8 5.32 -28.35 34.11
C HIS C 8 6.19 -28.78 32.92
N ALA C 9 6.14 -30.06 32.61
CA ALA C 9 6.81 -30.61 31.44
C ALA C 9 6.02 -31.81 30.93
N ASN C 10 6.16 -32.10 29.65
CA ASN C 10 5.39 -33.17 29.03
C ASN C 10 6.19 -33.78 27.88
N ASN C 11 5.51 -34.55 27.04
CA ASN C 11 6.14 -35.30 25.97
C ASN C 11 5.93 -34.69 24.59
N SER C 12 5.51 -33.42 24.53
CA SER C 12 5.27 -32.77 23.25
C SER C 12 6.59 -32.51 22.52
N THR C 13 6.47 -32.38 21.19
CA THR C 13 7.63 -32.10 20.34
C THR C 13 7.40 -30.88 19.46
N GLU C 14 6.46 -30.01 19.81
CA GLU C 14 6.21 -28.82 19.03
C GLU C 14 7.33 -27.81 19.23
N THR C 15 7.78 -27.21 18.14
CA THR C 15 8.90 -26.27 18.15
C THR C 15 8.46 -24.91 17.63
N VAL C 16 8.94 -23.85 18.28
CA VAL C 16 8.65 -22.48 17.88
C VAL C 16 9.97 -21.75 17.70
N ASP C 17 9.89 -20.62 17.00
CA ASP C 17 11.06 -19.78 16.74
C ASP C 17 10.86 -18.42 17.39
N THR C 18 11.89 -17.96 18.09
CA THR C 18 11.92 -16.62 18.69
C THR C 18 12.97 -15.79 17.99
N ILE C 19 13.07 -14.52 18.39
CA ILE C 19 14.04 -13.61 17.76
C ILE C 19 15.46 -13.85 18.24
N LEU C 20 15.65 -14.64 19.28
CA LEU C 20 16.98 -14.95 19.80
C LEU C 20 17.39 -16.40 19.61
N GLU C 21 16.44 -17.33 19.52
CA GLU C 21 16.73 -18.74 19.38
C GLU C 21 15.87 -19.34 18.27
N ARG C 22 16.29 -20.51 17.80
CA ARG C 22 15.55 -21.26 16.79
C ARG C 22 15.33 -22.69 17.27
N ASN C 23 14.18 -23.26 16.92
CA ASN C 23 13.83 -24.64 17.24
C ASN C 23 13.83 -24.87 18.76
N VAL C 24 12.90 -24.18 19.41
CA VAL C 24 12.69 -24.30 20.85
C VAL C 24 11.45 -25.15 21.10
N THR C 25 11.62 -26.27 21.79
CA THR C 25 10.50 -27.17 22.06
C THR C 25 9.64 -26.61 23.19
N VAL C 26 8.33 -26.60 22.99
CA VAL C 26 7.39 -26.02 23.94
C VAL C 26 6.32 -27.03 24.28
N THR C 27 5.68 -26.81 25.42
CA THR C 27 4.63 -27.72 25.88
C THR C 27 3.40 -27.64 25.00
N HIS C 28 2.93 -26.43 24.71
CA HIS C 28 1.79 -26.21 23.83
C HIS C 28 2.12 -25.10 22.85
N ALA C 29 1.45 -25.13 21.71
CA ALA C 29 1.64 -24.10 20.70
C ALA C 29 0.37 -23.98 19.87
N LYS C 30 0.19 -22.84 19.23
CA LYS C 30 -1.00 -22.58 18.43
C LYS C 30 -0.58 -22.11 17.05
N ASP C 31 -1.09 -22.77 16.02
CA ASP C 31 -0.81 -22.39 14.64
C ASP C 31 -1.83 -21.37 14.18
N ILE C 32 -1.36 -20.26 13.63
CA ILE C 32 -2.22 -19.20 13.15
C ILE C 32 -2.09 -19.02 11.64
N LEU C 33 -1.61 -20.04 10.94
CA LEU C 33 -1.55 -20.07 9.49
C LEU C 33 -2.27 -21.31 8.99
N GLU C 34 -3.13 -21.13 7.99
CA GLU C 34 -3.94 -22.22 7.44
C GLU C 34 -3.33 -22.69 6.13
N LYS C 35 -3.23 -24.00 5.96
CA LYS C 35 -2.57 -24.58 4.80
C LYS C 35 -3.39 -25.67 4.12
N THR C 36 -4.67 -25.85 4.48
CA THR C 36 -5.46 -26.98 4.04
C THR C 36 -6.71 -26.52 3.33
N HIS C 37 -7.02 -27.19 2.21
CA HIS C 37 -8.25 -26.96 1.46
C HIS C 37 -8.86 -28.31 1.10
N ASN C 38 -10.13 -28.29 0.70
CA ASN C 38 -10.84 -29.52 0.34
C ASN C 38 -10.66 -29.92 -1.12
N GLY C 39 -10.01 -29.09 -1.93
CA GLY C 39 -9.80 -29.44 -3.32
C GLY C 39 -11.05 -29.55 -4.15
N LYS C 40 -12.08 -28.75 -3.86
CA LYS C 40 -13.35 -28.82 -4.55
C LYS C 40 -13.92 -27.42 -4.69
N LEU C 41 -14.70 -27.20 -5.75
CA LEU C 41 -15.40 -25.95 -5.98
C LEU C 41 -16.88 -26.17 -5.70
N CYS C 42 -17.45 -25.36 -4.82
CA CYS C 42 -18.86 -25.51 -4.49
C CYS C 42 -19.45 -24.18 -4.05
N LYS C 43 -20.64 -24.25 -3.48
CA LYS C 43 -21.52 -23.09 -3.34
C LYS C 43 -20.95 -22.06 -2.38
N LEU C 44 -21.24 -20.80 -2.68
CA LEU C 44 -20.90 -19.66 -1.83
C LEU C 44 -22.19 -19.14 -1.22
N ASN C 45 -22.32 -19.26 0.10
CA ASN C 45 -23.52 -18.87 0.83
C ASN C 45 -24.75 -19.64 0.38
N GLY C 46 -24.57 -20.84 -0.18
CA GLY C 46 -25.66 -21.73 -0.56
C GLY C 46 -26.02 -21.68 -2.03
N ILE C 47 -25.61 -20.63 -2.73
CA ILE C 47 -26.01 -20.46 -4.14
C ILE C 47 -24.97 -21.11 -5.04
N PRO C 48 -25.38 -22.02 -5.93
CA PRO C 48 -24.40 -22.59 -6.86
C PRO C 48 -23.89 -21.53 -7.82
N PRO C 49 -22.65 -21.66 -8.29
CA PRO C 49 -22.08 -20.67 -9.19
C PRO C 49 -22.58 -20.85 -10.62
N LEU C 50 -22.17 -19.93 -11.49
CA LEU C 50 -22.50 -19.97 -12.91
C LEU C 50 -21.36 -20.66 -13.65
N GLU C 51 -21.55 -21.93 -13.98
CA GLU C 51 -20.57 -22.71 -14.72
C GLU C 51 -20.77 -22.46 -16.20
N LEU C 52 -19.78 -21.82 -16.84
CA LEU C 52 -19.88 -21.44 -18.24
C LEU C 52 -19.35 -22.51 -19.18
N GLY C 53 -18.73 -23.56 -18.67
CA GLY C 53 -18.19 -24.59 -19.52
C GLY C 53 -17.11 -24.05 -20.44
N ASP C 54 -17.25 -24.32 -21.73
CA ASP C 54 -16.30 -23.83 -22.72
C ASP C 54 -16.72 -22.51 -23.34
N CYS C 55 -17.81 -21.91 -22.86
CA CYS C 55 -18.26 -20.62 -23.38
C CYS C 55 -17.55 -19.48 -22.67
N SER C 56 -17.70 -18.28 -23.22
CA SER C 56 -17.19 -17.05 -22.63
C SER C 56 -18.34 -16.12 -22.31
N ILE C 57 -18.02 -15.00 -21.67
CA ILE C 57 -19.06 -14.03 -21.30
C ILE C 57 -19.72 -13.47 -22.55
N ALA C 58 -18.93 -13.10 -23.55
CA ALA C 58 -19.50 -12.59 -24.80
C ALA C 58 -20.34 -13.64 -25.49
N GLY C 59 -19.88 -14.88 -25.52
CA GLY C 59 -20.65 -15.94 -26.15
C GLY C 59 -21.95 -16.21 -25.43
N TRP C 60 -21.96 -16.08 -24.10
CA TRP C 60 -23.18 -16.27 -23.35
C TRP C 60 -24.15 -15.12 -23.58
N LEU C 61 -23.66 -13.88 -23.56
CA LEU C 61 -24.55 -12.72 -23.69
C LEU C 61 -25.04 -12.52 -25.11
N LEU C 62 -24.30 -12.99 -26.11
CA LEU C 62 -24.72 -12.83 -27.50
C LEU C 62 -25.52 -14.02 -28.03
N GLY C 63 -25.37 -15.20 -27.42
CA GLY C 63 -26.13 -16.35 -27.87
C GLY C 63 -25.42 -17.19 -28.89
N ASN C 64 -24.20 -17.63 -28.58
CA ASN C 64 -23.49 -18.54 -29.45
C ASN C 64 -24.31 -19.83 -29.60
N PRO C 65 -24.52 -20.32 -30.82
CA PRO C 65 -25.34 -21.53 -30.98
C PRO C 65 -24.82 -22.73 -30.20
N GLU C 66 -23.52 -22.80 -29.94
CA GLU C 66 -22.94 -23.86 -29.14
C GLU C 66 -22.96 -23.55 -27.65
N CYS C 67 -23.74 -22.55 -27.23
CA CYS C 67 -23.89 -22.19 -25.83
C CYS C 67 -25.36 -22.15 -25.43
N ASP C 68 -26.17 -23.05 -26.00
CA ASP C 68 -27.61 -23.04 -25.79
C ASP C 68 -28.03 -23.64 -24.46
N ARG C 69 -27.09 -24.09 -23.64
CA ARG C 69 -27.40 -24.57 -22.30
C ARG C 69 -27.50 -23.45 -21.28
N LEU C 70 -27.24 -22.20 -21.69
CA LEU C 70 -27.27 -21.05 -20.80
C LEU C 70 -28.29 -20.01 -21.24
N LEU C 71 -29.29 -20.40 -22.03
CA LEU C 71 -30.30 -19.44 -22.47
C LEU C 71 -31.12 -18.92 -21.29
N SER C 72 -31.47 -19.79 -20.34
CA SER C 72 -32.12 -19.40 -19.09
C SER C 72 -31.21 -19.84 -17.95
N VAL C 73 -30.67 -18.88 -17.21
CA VAL C 73 -29.64 -19.13 -16.21
C VAL C 73 -30.18 -18.67 -14.86
N PRO C 74 -30.18 -19.52 -13.85
CA PRO C 74 -30.67 -19.09 -12.52
C PRO C 74 -29.66 -18.24 -11.78
N GLU C 75 -29.97 -17.95 -10.51
CA GLU C 75 -29.09 -17.12 -9.69
C GLU C 75 -27.74 -17.79 -9.48
N TRP C 76 -26.72 -16.98 -9.24
CA TRP C 76 -25.37 -17.49 -9.07
C TRP C 76 -24.66 -16.71 -7.97
N SER C 77 -23.65 -17.35 -7.38
CA SER C 77 -22.80 -16.71 -6.39
C SER C 77 -21.54 -16.11 -7.00
N TYR C 78 -20.95 -16.81 -7.97
CA TYR C 78 -19.81 -16.30 -8.73
C TYR C 78 -19.82 -16.98 -10.08
N ILE C 79 -18.87 -16.59 -10.94
CA ILE C 79 -18.78 -17.11 -12.31
C ILE C 79 -17.49 -17.90 -12.44
N MET C 80 -17.58 -19.07 -13.07
CA MET C 80 -16.42 -19.92 -13.34
C MET C 80 -16.15 -19.91 -14.84
N GLU C 81 -14.94 -19.53 -15.23
CA GLU C 81 -14.58 -19.45 -16.63
C GLU C 81 -13.22 -20.09 -16.87
N LYS C 82 -13.03 -20.66 -18.05
CA LYS C 82 -11.74 -21.23 -18.40
C LYS C 82 -10.80 -20.13 -18.89
N GLU C 83 -9.50 -20.41 -18.79
CA GLU C 83 -8.50 -19.42 -19.18
C GLU C 83 -8.56 -19.13 -20.68
N ASN C 84 -8.75 -20.15 -21.50
CA ASN C 84 -8.83 -20.00 -22.96
C ASN C 84 -10.09 -20.69 -23.45
N PRO C 85 -11.24 -20.02 -23.35
CA PRO C 85 -12.50 -20.64 -23.80
C PRO C 85 -12.48 -20.90 -25.29
N ARG C 86 -13.00 -22.07 -25.67
CA ARG C 86 -13.09 -22.42 -27.09
C ARG C 86 -14.25 -21.71 -27.76
N ASP C 87 -15.34 -21.47 -27.03
CA ASP C 87 -16.59 -20.96 -27.59
C ASP C 87 -16.73 -19.48 -27.23
N GLY C 88 -16.57 -18.62 -28.22
CA GLY C 88 -16.67 -17.19 -28.03
C GLY C 88 -17.45 -16.54 -29.15
N LEU C 89 -16.87 -15.54 -29.80
CA LEU C 89 -17.46 -14.95 -30.98
C LEU C 89 -17.23 -15.89 -32.15
N CYS C 90 -18.27 -16.63 -32.55
CA CYS C 90 -18.14 -17.53 -33.69
C CYS C 90 -17.83 -16.75 -34.95
N TYR C 91 -18.51 -15.63 -35.16
CA TYR C 91 -18.13 -14.71 -36.23
C TYR C 91 -16.97 -13.85 -35.75
N PRO C 92 -15.85 -13.80 -36.49
CA PRO C 92 -14.69 -13.07 -36.02
C PRO C 92 -14.98 -11.58 -35.85
N GLY C 93 -14.35 -10.98 -34.84
CA GLY C 93 -14.56 -9.57 -34.57
C GLY C 93 -13.95 -9.16 -33.25
N SER C 94 -14.50 -8.09 -32.69
CA SER C 94 -14.03 -7.55 -31.42
C SER C 94 -15.24 -7.25 -30.53
N PHE C 95 -14.95 -6.66 -29.37
CA PHE C 95 -15.99 -6.34 -28.39
C PHE C 95 -15.46 -5.16 -27.57
N ASN C 96 -15.96 -3.97 -27.85
CA ASN C 96 -15.47 -2.78 -27.17
C ASN C 96 -15.80 -2.82 -25.68
N ASP C 97 -14.84 -2.42 -24.86
CA ASP C 97 -15.01 -2.28 -23.42
C ASP C 97 -15.45 -3.60 -22.78
N TYR C 98 -14.80 -4.69 -23.22
CA TYR C 98 -15.11 -6.02 -22.68
C TYR C 98 -14.79 -6.11 -21.20
N GLU C 99 -13.65 -5.58 -20.79
CA GLU C 99 -13.23 -5.69 -19.40
C GLU C 99 -14.18 -4.93 -18.48
N GLU C 100 -14.67 -3.77 -18.94
CA GLU C 100 -15.66 -3.04 -18.15
C GLU C 100 -16.95 -3.84 -18.00
N LEU C 101 -17.36 -4.53 -19.07
CA LEU C 101 -18.54 -5.39 -18.99
C LEU C 101 -18.35 -6.52 -17.98
N LYS C 102 -17.17 -7.14 -17.99
CA LYS C 102 -16.90 -8.20 -17.02
C LYS C 102 -16.90 -7.66 -15.60
N HIS C 103 -16.33 -6.47 -15.40
CA HIS C 103 -16.34 -5.86 -14.08
C HIS C 103 -17.75 -5.54 -13.63
N LEU C 104 -18.60 -5.10 -14.54
CA LEU C 104 -20.01 -4.88 -14.20
C LEU C 104 -20.68 -6.18 -13.80
N LEU C 105 -20.42 -7.26 -14.54
CA LEU C 105 -20.96 -8.57 -14.19
C LEU C 105 -20.38 -9.11 -12.89
N SER C 106 -19.27 -8.55 -12.41
CA SER C 106 -18.71 -8.90 -11.12
C SER C 106 -19.48 -8.30 -9.95
N SER C 107 -20.62 -7.65 -10.20
CA SER C 107 -21.45 -7.14 -9.11
C SER C 107 -22.94 -7.40 -9.36
N VAL C 108 -23.27 -8.39 -10.19
CA VAL C 108 -24.65 -8.74 -10.51
C VAL C 108 -24.81 -10.23 -10.29
N LYS C 109 -25.87 -10.63 -9.60
CA LYS C 109 -26.10 -12.03 -9.29
C LYS C 109 -27.29 -12.62 -10.03
N HIS C 110 -28.06 -11.82 -10.77
CA HIS C 110 -29.13 -12.40 -11.59
C HIS C 110 -29.55 -11.42 -12.68
N PHE C 111 -29.79 -11.98 -13.86
CA PHE C 111 -30.30 -11.26 -15.01
C PHE C 111 -31.69 -11.77 -15.36
N GLU C 112 -32.47 -10.92 -16.02
CA GLU C 112 -33.74 -11.32 -16.62
C GLU C 112 -33.73 -10.88 -18.07
N LYS C 113 -34.00 -11.82 -18.97
CA LYS C 113 -34.03 -11.52 -20.39
C LYS C 113 -35.41 -11.05 -20.80
N VAL C 114 -35.48 -9.89 -21.44
CA VAL C 114 -36.73 -9.30 -21.88
C VAL C 114 -36.67 -9.07 -23.38
N LYS C 115 -37.71 -9.48 -24.09
CA LYS C 115 -37.81 -9.26 -25.53
C LYS C 115 -38.26 -7.82 -25.76
N ILE C 116 -37.38 -7.02 -26.34
CA ILE C 116 -37.64 -5.59 -26.49
C ILE C 116 -37.88 -5.19 -27.93
N LEU C 117 -37.21 -5.81 -28.90
CA LEU C 117 -37.39 -5.51 -30.32
C LEU C 117 -37.70 -6.82 -31.03
N PRO C 118 -38.97 -7.20 -31.12
CA PRO C 118 -39.32 -8.49 -31.72
C PRO C 118 -38.85 -8.58 -33.16
N LYS C 119 -38.47 -9.79 -33.56
CA LYS C 119 -37.92 -10.03 -34.88
C LYS C 119 -38.94 -9.80 -36.00
N ASP C 120 -40.23 -9.85 -35.70
CA ASP C 120 -41.25 -9.66 -36.72
C ASP C 120 -41.66 -8.20 -36.90
N ARG C 121 -41.08 -7.28 -36.14
CA ARG C 121 -41.39 -5.87 -36.34
C ARG C 121 -40.70 -5.30 -37.58
N TRP C 122 -39.64 -5.97 -38.07
CA TRP C 122 -38.92 -5.51 -39.24
C TRP C 122 -39.61 -6.07 -40.49
N THR C 123 -40.67 -5.38 -40.90
CA THR C 123 -41.49 -5.83 -42.02
C THR C 123 -40.94 -5.40 -43.37
N GLN C 124 -39.87 -4.60 -43.41
CA GLN C 124 -39.30 -4.12 -44.66
C GLN C 124 -37.87 -4.62 -44.86
N HIS C 125 -37.47 -5.65 -44.14
CA HIS C 125 -36.11 -6.18 -44.23
C HIS C 125 -36.16 -7.69 -44.02
N THR C 126 -35.09 -8.36 -44.44
CA THR C 126 -34.94 -9.79 -44.22
C THR C 126 -34.13 -10.02 -42.95
N THR C 127 -34.60 -10.93 -42.10
CA THR C 127 -34.00 -11.19 -40.80
C THR C 127 -33.48 -12.61 -40.68
N THR C 128 -33.37 -13.35 -41.78
CA THR C 128 -33.00 -14.76 -41.75
C THR C 128 -31.54 -15.00 -42.15
N GLY C 129 -30.73 -13.95 -42.23
CA GLY C 129 -29.35 -14.13 -42.65
C GLY C 129 -28.52 -14.83 -41.58
N GLY C 130 -27.58 -15.65 -42.04
CA GLY C 130 -26.68 -16.37 -41.16
C GLY C 130 -25.44 -16.80 -41.91
N SER C 131 -24.43 -17.21 -41.14
CA SER C 131 -23.13 -17.53 -41.69
C SER C 131 -22.74 -18.96 -41.36
N ARG C 132 -21.78 -19.48 -42.13
CA ARG C 132 -21.30 -20.84 -41.94
C ARG C 132 -20.41 -20.99 -40.72
N ALA C 133 -19.85 -19.89 -40.22
CA ALA C 133 -19.00 -19.97 -39.03
C ALA C 133 -19.79 -20.44 -37.81
N CYS C 134 -20.98 -19.89 -37.59
CA CYS C 134 -21.84 -20.32 -36.50
C CYS C 134 -22.85 -21.38 -36.97
N ALA C 135 -22.34 -22.45 -37.56
CA ALA C 135 -23.19 -23.45 -38.17
C ALA C 135 -23.81 -24.36 -37.11
N VAL C 136 -25.02 -24.82 -37.38
CA VAL C 136 -25.74 -25.77 -36.54
C VAL C 136 -26.17 -26.94 -37.41
N SER C 137 -25.66 -28.14 -37.09
CA SER C 137 -26.01 -29.36 -37.82
C SER C 137 -25.71 -29.23 -39.31
N GLY C 138 -24.63 -28.52 -39.64
CA GLY C 138 -24.22 -28.35 -41.02
C GLY C 138 -24.94 -27.26 -41.78
N ASN C 139 -25.88 -26.55 -41.15
CA ASN C 139 -26.59 -25.46 -41.79
C ASN C 139 -26.14 -24.13 -41.20
N PRO C 140 -25.95 -23.10 -42.03
CA PRO C 140 -25.53 -21.80 -41.50
C PRO C 140 -26.56 -21.22 -40.54
N SER C 141 -26.06 -20.58 -39.49
CA SER C 141 -26.92 -19.99 -38.47
C SER C 141 -26.27 -18.70 -37.98
N PHE C 142 -26.77 -18.19 -36.86
CA PHE C 142 -26.33 -16.91 -36.33
C PHE C 142 -26.53 -16.92 -34.82
N PHE C 143 -26.18 -15.81 -34.18
CA PHE C 143 -26.42 -15.66 -32.74
C PHE C 143 -27.91 -15.70 -32.43
N ARG C 144 -28.24 -16.23 -31.26
CA ARG C 144 -29.63 -16.42 -30.87
C ARG C 144 -30.26 -15.18 -30.24
N ASN C 145 -29.47 -14.16 -29.91
CA ASN C 145 -29.98 -12.96 -29.27
C ASN C 145 -29.90 -11.73 -30.16
N MET C 146 -29.47 -11.87 -31.41
CA MET C 146 -29.28 -10.72 -32.30
C MET C 146 -29.92 -11.00 -33.65
N VAL C 147 -30.24 -9.93 -34.36
CA VAL C 147 -30.90 -9.99 -35.66
C VAL C 147 -29.98 -9.35 -36.70
N TRP C 148 -29.73 -10.07 -37.79
CA TRP C 148 -28.94 -9.57 -38.90
C TRP C 148 -29.90 -9.03 -39.97
N LEU C 149 -29.89 -7.72 -40.15
CA LEU C 149 -30.77 -7.07 -41.12
C LEU C 149 -30.11 -7.04 -42.49
N THR C 150 -30.88 -7.38 -43.52
CA THR C 150 -30.39 -7.47 -44.89
C THR C 150 -31.49 -6.97 -45.82
N LYS C 151 -31.10 -6.53 -47.00
CA LYS C 151 -32.04 -5.93 -47.94
C LYS C 151 -33.11 -6.94 -48.36
N LYS C 152 -34.32 -6.42 -48.58
CA LYS C 152 -35.43 -7.20 -49.11
C LYS C 152 -35.62 -6.81 -50.57
N GLY C 153 -35.58 -7.80 -51.46
CA GLY C 153 -35.64 -7.52 -52.88
C GLY C 153 -34.37 -6.83 -53.34
N SER C 154 -34.48 -5.55 -53.67
CA SER C 154 -33.32 -4.75 -54.04
C SER C 154 -33.39 -3.38 -53.37
N ASN C 155 -33.93 -3.33 -52.15
CA ASN C 155 -34.13 -2.07 -51.46
C ASN C 155 -33.79 -2.26 -49.98
N TYR C 156 -33.13 -1.26 -49.40
CA TYR C 156 -32.84 -1.21 -47.97
C TYR C 156 -33.33 0.14 -47.45
N PRO C 157 -34.58 0.23 -47.02
CA PRO C 157 -35.06 1.47 -46.43
C PRO C 157 -34.36 1.76 -45.10
N VAL C 158 -34.52 3.01 -44.65
CA VAL C 158 -33.93 3.41 -43.37
C VAL C 158 -34.59 2.61 -42.26
N ALA C 159 -33.76 2.01 -41.41
CA ALA C 159 -34.23 1.17 -40.32
C ALA C 159 -34.25 1.99 -39.03
N LYS C 160 -35.41 2.05 -38.39
CA LYS C 160 -35.60 2.80 -37.16
C LYS C 160 -36.16 1.89 -36.08
N GLY C 161 -35.66 2.04 -34.87
CA GLY C 161 -36.16 1.28 -33.74
C GLY C 161 -36.06 2.10 -32.48
N SER C 162 -36.95 1.80 -31.54
CA SER C 162 -36.97 2.53 -30.28
C SER C 162 -37.40 1.59 -29.16
N TYR C 163 -36.98 1.94 -27.94
CA TYR C 163 -37.46 1.20 -26.78
C TYR C 163 -37.46 2.10 -25.56
N ASN C 164 -38.59 2.12 -24.84
CA ASN C 164 -38.74 2.87 -23.60
C ASN C 164 -38.66 1.90 -22.43
N ASN C 165 -37.73 2.15 -21.51
CA ASN C 165 -37.45 1.23 -20.41
C ASN C 165 -38.52 1.39 -19.34
N THR C 166 -39.56 0.57 -19.43
CA THR C 166 -40.60 0.51 -18.42
C THR C 166 -40.58 -0.82 -17.67
N SER C 167 -39.41 -1.47 -17.64
CA SER C 167 -39.28 -2.80 -17.05
C SER C 167 -39.27 -2.76 -15.53
N GLY C 168 -38.42 -1.92 -14.94
CA GLY C 168 -38.39 -1.79 -13.50
C GLY C 168 -37.00 -1.72 -12.91
N GLU C 169 -35.98 -1.86 -13.74
CA GLU C 169 -34.60 -1.81 -13.26
C GLU C 169 -33.68 -1.42 -14.42
N GLN C 170 -32.41 -1.26 -14.10
CA GLN C 170 -31.41 -0.95 -15.12
C GLN C 170 -31.27 -2.11 -16.08
N MET C 171 -30.96 -1.79 -17.34
CA MET C 171 -30.96 -2.77 -18.41
C MET C 171 -29.69 -2.65 -19.23
N LEU C 172 -29.26 -3.78 -19.80
CA LEU C 172 -28.06 -3.85 -20.63
C LEU C 172 -28.47 -4.21 -22.05
N ILE C 173 -27.99 -3.43 -23.01
CA ILE C 173 -28.32 -3.62 -24.43
C ILE C 173 -27.02 -3.67 -25.23
N ILE C 174 -26.91 -4.62 -26.14
CA ILE C 174 -25.73 -4.82 -26.97
C ILE C 174 -26.15 -4.74 -28.44
N TRP C 175 -25.39 -3.99 -29.23
CA TRP C 175 -25.60 -3.90 -30.66
C TRP C 175 -24.27 -4.15 -31.38
N GLY C 176 -24.33 -4.28 -32.70
CA GLY C 176 -23.15 -4.60 -33.47
C GLY C 176 -23.12 -3.89 -34.81
N VAL C 177 -21.92 -3.84 -35.38
CA VAL C 177 -21.67 -3.27 -36.71
C VAL C 177 -20.85 -4.27 -37.51
N HIS C 178 -21.13 -4.36 -38.80
CA HIS C 178 -20.52 -5.36 -39.69
C HIS C 178 -19.53 -4.69 -40.64
N HIS C 179 -18.34 -5.24 -40.74
CA HIS C 179 -17.31 -4.77 -41.67
C HIS C 179 -17.05 -5.85 -42.71
N PRO C 180 -17.47 -5.66 -43.95
CA PRO C 180 -17.31 -6.68 -44.99
C PRO C 180 -15.86 -6.70 -45.51
N ASN C 181 -15.64 -7.55 -46.51
CA ASN C 181 -14.33 -7.77 -47.08
C ASN C 181 -14.13 -7.06 -48.41
N ASP C 182 -15.20 -6.79 -49.15
CA ASP C 182 -15.09 -6.15 -50.45
C ASP C 182 -16.39 -5.41 -50.76
N GLU C 183 -16.32 -4.52 -51.74
CA GLU C 183 -17.50 -3.76 -52.13
C GLU C 183 -18.59 -4.66 -52.68
N THR C 184 -18.23 -5.80 -53.27
CA THR C 184 -19.22 -6.73 -53.78
C THR C 184 -20.11 -7.25 -52.66
N GLU C 185 -19.50 -7.61 -51.53
CA GLU C 185 -20.28 -8.10 -50.39
C GLU C 185 -21.23 -7.03 -49.86
N GLN C 186 -20.73 -5.80 -49.75
CA GLN C 186 -21.57 -4.70 -49.27
C GLN C 186 -22.74 -4.45 -50.21
N ARG C 187 -22.49 -4.48 -51.51
CA ARG C 187 -23.57 -4.29 -52.47
C ARG C 187 -24.57 -5.42 -52.42
N THR C 188 -24.10 -6.66 -52.25
CA THR C 188 -25.01 -7.79 -52.23
C THR C 188 -25.82 -7.84 -50.95
N LEU C 189 -25.30 -7.29 -49.85
CA LEU C 189 -25.98 -7.38 -48.57
C LEU C 189 -26.85 -6.18 -48.25
N TYR C 190 -26.47 -4.97 -48.65
CA TYR C 190 -27.18 -3.76 -48.27
C TYR C 190 -27.43 -2.81 -49.43
N GLN C 191 -27.17 -3.23 -50.66
CA GLN C 191 -27.40 -2.44 -51.86
C GLN C 191 -26.54 -1.19 -51.93
N ASN C 192 -26.79 -0.22 -51.05
CA ASN C 192 -26.12 1.07 -51.12
C ASN C 192 -24.79 1.05 -50.37
N VAL C 193 -23.93 1.99 -50.72
CA VAL C 193 -22.68 2.21 -50.02
C VAL C 193 -22.76 3.57 -49.32
N GLY C 194 -21.74 3.86 -48.50
CA GLY C 194 -21.76 5.07 -47.71
C GLY C 194 -22.81 4.99 -46.62
N THR C 195 -22.57 4.14 -45.64
CA THR C 195 -23.56 3.73 -44.66
C THR C 195 -23.14 4.17 -43.27
N TYR C 196 -24.12 4.46 -42.42
CA TYR C 196 -23.89 4.84 -41.04
C TYR C 196 -24.79 4.02 -40.13
N VAL C 197 -24.37 3.91 -38.86
CA VAL C 197 -25.17 3.30 -37.80
C VAL C 197 -25.17 4.27 -36.63
N SER C 198 -26.36 4.70 -36.20
CA SER C 198 -26.51 5.71 -35.17
C SER C 198 -27.30 5.14 -33.99
N VAL C 199 -26.77 5.33 -32.79
CA VAL C 199 -27.42 4.90 -31.56
C VAL C 199 -27.50 6.09 -30.61
N GLY C 200 -28.67 6.31 -30.04
CA GLY C 200 -28.86 7.47 -29.17
C GLY C 200 -29.70 7.23 -27.94
N THR C 201 -29.19 7.66 -26.78
CA THR C 201 -29.95 7.67 -25.54
C THR C 201 -29.92 9.08 -24.94
N SER C 202 -30.40 9.23 -23.70
CA SER C 202 -30.38 10.54 -23.06
C SER C 202 -28.98 11.00 -22.70
N THR C 203 -28.01 10.08 -22.67
CA THR C 203 -26.62 10.42 -22.40
C THR C 203 -25.69 9.98 -23.52
N LEU C 204 -25.91 8.81 -24.10
CA LEU C 204 -25.05 8.27 -25.14
C LEU C 204 -25.47 8.78 -26.51
N ASN C 205 -24.48 9.03 -27.37
CA ASN C 205 -24.73 9.47 -28.74
C ASN C 205 -23.56 8.94 -29.55
N LYS C 206 -23.79 7.95 -30.40
CA LYS C 206 -22.71 7.30 -31.14
C LYS C 206 -23.10 7.13 -32.60
N ARG C 207 -22.15 7.41 -33.49
CA ARG C 207 -22.32 7.18 -34.92
C ARG C 207 -21.09 6.44 -35.43
N SER C 208 -21.32 5.38 -36.21
CA SER C 208 -20.24 4.54 -36.71
C SER C 208 -20.39 4.33 -38.21
N THR C 209 -19.27 4.08 -38.87
CA THR C 209 -19.23 3.88 -40.32
C THR C 209 -18.48 2.59 -40.63
N PRO C 210 -19.03 1.72 -41.48
CA PRO C 210 -18.35 0.48 -41.83
C PRO C 210 -17.04 0.72 -42.57
N ASP C 211 -16.10 -0.20 -42.37
CA ASP C 211 -14.82 -0.22 -43.07
C ASP C 211 -14.76 -1.44 -43.96
N ILE C 212 -14.42 -1.24 -45.24
CA ILE C 212 -14.34 -2.30 -46.22
C ILE C 212 -12.88 -2.44 -46.65
N ALA C 213 -12.28 -3.58 -46.34
CA ALA C 213 -10.88 -3.82 -46.66
C ALA C 213 -10.63 -5.32 -46.68
N THR C 214 -9.50 -5.71 -47.25
CA THR C 214 -9.08 -7.11 -47.29
C THR C 214 -8.24 -7.40 -46.06
N ARG C 215 -8.71 -8.30 -45.23
CA ARG C 215 -8.07 -8.66 -43.98
C ARG C 215 -7.70 -10.14 -43.96
N PRO C 216 -6.80 -10.55 -43.06
CA PRO C 216 -6.47 -11.97 -42.95
C PRO C 216 -7.69 -12.80 -42.54
N LYS C 217 -7.69 -14.06 -42.96
CA LYS C 217 -8.81 -14.94 -42.75
C LYS C 217 -8.76 -15.54 -41.35
N VAL C 218 -9.78 -15.25 -40.54
CA VAL C 218 -9.98 -15.87 -39.25
C VAL C 218 -11.30 -16.63 -39.29
N ASN C 219 -11.25 -17.92 -38.97
CA ASN C 219 -12.40 -18.82 -39.07
C ASN C 219 -12.94 -18.89 -40.50
N GLY C 220 -12.07 -18.70 -41.48
CA GLY C 220 -12.45 -18.79 -42.87
C GLY C 220 -13.06 -17.55 -43.46
N LEU C 221 -13.11 -16.44 -42.72
CA LEU C 221 -13.76 -15.23 -43.18
C LEU C 221 -12.79 -14.05 -43.05
N GLY C 222 -12.91 -13.11 -43.99
CA GLY C 222 -12.13 -11.89 -43.94
C GLY C 222 -12.93 -10.69 -43.49
N SER C 223 -14.11 -10.94 -42.93
CA SER C 223 -14.99 -9.89 -42.44
C SER C 223 -14.99 -9.88 -40.92
N ARG C 224 -15.48 -8.79 -40.33
CA ARG C 224 -15.46 -8.64 -38.90
C ARG C 224 -16.79 -8.09 -38.39
N MET C 225 -17.02 -8.28 -37.10
CA MET C 225 -18.18 -7.72 -36.41
C MET C 225 -17.74 -7.08 -35.11
N GLU C 226 -18.08 -5.81 -34.93
CA GLU C 226 -17.69 -5.05 -33.74
C GLU C 226 -18.93 -4.78 -32.89
N PHE C 227 -18.86 -5.17 -31.62
CA PHE C 227 -20.01 -5.11 -30.72
C PHE C 227 -19.79 -4.06 -29.65
N SER C 228 -20.86 -3.34 -29.31
CA SER C 228 -20.85 -2.32 -28.27
C SER C 228 -22.04 -2.53 -27.36
N TRP C 229 -21.94 -1.99 -26.14
CA TRP C 229 -22.96 -2.19 -25.13
C TRP C 229 -23.27 -0.87 -24.43
N THR C 230 -24.44 -0.83 -23.79
CA THR C 230 -24.84 0.33 -23.01
C THR C 230 -25.78 -0.10 -21.89
N LEU C 231 -25.86 0.77 -20.87
CA LEU C 231 -26.70 0.58 -19.69
C LEU C 231 -27.84 1.59 -19.73
N LEU C 232 -29.01 1.14 -20.14
CA LEU C 232 -30.20 1.97 -20.15
C LEU C 232 -30.77 2.10 -18.75
N ASP C 233 -31.08 3.34 -18.36
CA ASP C 233 -31.65 3.65 -17.06
C ASP C 233 -33.18 3.57 -17.12
N MET C 234 -33.79 3.62 -15.94
CA MET C 234 -35.23 3.51 -15.86
C MET C 234 -35.91 4.70 -16.51
N TRP C 235 -37.02 4.43 -17.20
CA TRP C 235 -37.82 5.45 -17.87
C TRP C 235 -36.98 6.24 -18.88
N ASP C 236 -36.08 5.55 -19.57
CA ASP C 236 -35.22 6.15 -20.58
C ASP C 236 -35.36 5.41 -21.89
N THR C 237 -35.37 6.15 -22.99
CA THR C 237 -35.59 5.58 -24.31
C THR C 237 -34.28 5.47 -25.07
N ILE C 238 -34.14 4.39 -25.83
CA ILE C 238 -32.99 4.14 -26.68
C ILE C 238 -33.46 4.08 -28.12
N ASN C 239 -32.75 4.75 -29.01
CA ASN C 239 -33.11 4.86 -30.43
C ASN C 239 -32.00 4.31 -31.29
N PHE C 240 -32.39 3.51 -32.28
CA PHE C 240 -31.49 2.94 -33.28
C PHE C 240 -31.90 3.44 -34.65
N GLU C 241 -30.92 3.91 -35.42
CA GLU C 241 -31.15 4.27 -36.82
C GLU C 241 -30.03 3.70 -37.67
N SER C 242 -30.36 3.21 -38.86
CA SER C 242 -29.34 2.59 -39.68
C SER C 242 -29.72 2.64 -41.15
N THR C 243 -28.71 2.83 -42.00
CA THR C 243 -28.82 2.65 -43.44
C THR C 243 -28.24 1.33 -43.89
N GLY C 244 -27.49 0.65 -43.03
CA GLY C 244 -26.98 -0.67 -43.33
C GLY C 244 -26.00 -1.12 -42.28
N ASN C 245 -25.57 -2.37 -42.40
CA ASN C 245 -24.53 -2.94 -41.54
C ASN C 245 -24.89 -2.89 -40.06
N LEU C 246 -26.17 -3.06 -39.72
CA LEU C 246 -26.61 -3.02 -38.35
C LEU C 246 -27.00 -4.42 -37.89
N ILE C 247 -26.39 -4.87 -36.80
CA ILE C 247 -26.78 -6.10 -36.13
C ILE C 247 -27.61 -5.68 -34.92
N ALA C 248 -28.90 -5.80 -35.03
CA ALA C 248 -29.76 -5.24 -34.01
C ALA C 248 -29.93 -6.21 -32.85
N PRO C 249 -30.19 -5.69 -31.65
CA PRO C 249 -30.53 -6.56 -30.52
C PRO C 249 -31.99 -6.97 -30.55
N GLU C 250 -32.23 -8.20 -30.08
CA GLU C 250 -33.59 -8.69 -29.89
C GLU C 250 -33.97 -8.85 -28.44
N TYR C 251 -32.99 -8.87 -27.53
CA TYR C 251 -33.25 -9.06 -26.12
C TYR C 251 -32.43 -8.06 -25.32
N GLY C 252 -32.90 -7.76 -24.12
CA GLY C 252 -32.17 -6.92 -23.20
C GLY C 252 -32.09 -7.60 -21.84
N PHE C 253 -30.97 -7.36 -21.16
CA PHE C 253 -30.69 -8.03 -19.90
C PHE C 253 -30.92 -7.06 -18.74
N LYS C 254 -32.03 -7.23 -18.03
CA LYS C 254 -32.38 -6.39 -16.90
C LYS C 254 -31.76 -6.96 -15.63
N ILE C 255 -31.09 -6.11 -14.86
CA ILE C 255 -30.52 -6.53 -13.59
C ILE C 255 -31.65 -6.84 -12.62
N SER C 256 -31.58 -7.99 -11.93
CA SER C 256 -32.65 -8.41 -11.06
C SER C 256 -32.26 -8.67 -9.62
N LYS C 257 -31.00 -9.00 -9.33
CA LYS C 257 -30.60 -9.31 -7.95
C LYS C 257 -29.63 -8.30 -7.37
N ARG C 258 -28.48 -8.11 -8.00
CA ARG C 258 -27.43 -7.18 -7.55
C ARG C 258 -26.81 -7.60 -6.22
N GLY C 259 -25.49 -7.59 -6.15
CA GLY C 259 -24.79 -8.00 -4.94
C GLY C 259 -23.29 -7.87 -5.08
N SER C 260 -22.55 -8.81 -4.50
CA SER C 260 -21.10 -8.85 -4.61
C SER C 260 -20.68 -10.22 -5.13
N SER C 261 -19.94 -10.24 -6.23
CA SER C 261 -19.55 -11.48 -6.88
C SER C 261 -18.19 -11.28 -7.53
N GLY C 262 -17.79 -12.24 -8.36
CA GLY C 262 -16.52 -12.16 -9.05
C GLY C 262 -16.38 -13.29 -10.06
N ILE C 263 -15.31 -13.20 -10.85
CA ILE C 263 -15.01 -14.18 -11.89
C ILE C 263 -13.77 -14.96 -11.49
N MET C 264 -13.84 -16.27 -11.59
CA MET C 264 -12.76 -17.17 -11.22
C MET C 264 -12.35 -18.01 -12.43
N LYS C 265 -11.06 -17.99 -12.74
CA LYS C 265 -10.52 -18.78 -13.85
C LYS C 265 -10.11 -20.14 -13.33
N THR C 266 -10.78 -21.18 -13.81
CA THR C 266 -10.54 -22.54 -13.36
C THR C 266 -10.76 -23.49 -14.53
N GLU C 267 -10.59 -24.79 -14.27
CA GLU C 267 -10.77 -25.80 -15.30
C GLU C 267 -11.54 -27.01 -14.78
N GLY C 268 -12.38 -26.81 -13.78
CA GLY C 268 -13.09 -27.92 -13.17
C GLY C 268 -14.59 -27.78 -13.15
N THR C 269 -15.26 -28.71 -12.48
CA THR C 269 -16.71 -28.75 -12.39
C THR C 269 -17.14 -28.38 -10.98
N LEU C 270 -18.46 -28.47 -10.73
CA LEU C 270 -19.05 -28.05 -9.48
C LEU C 270 -19.46 -29.28 -8.67
N GLU C 271 -19.11 -29.27 -7.39
CA GLU C 271 -19.41 -30.37 -6.47
C GLU C 271 -20.43 -29.92 -5.43
N ASN C 272 -20.74 -30.82 -4.50
CA ASN C 272 -21.77 -30.59 -3.48
C ASN C 272 -21.11 -30.31 -2.14
N CYS C 273 -20.88 -29.03 -1.86
CA CYS C 273 -20.47 -28.57 -0.53
C CYS C 273 -20.84 -27.10 -0.41
N GLU C 274 -20.43 -26.48 0.69
CA GLU C 274 -20.76 -25.08 0.95
C GLU C 274 -19.59 -24.44 1.67
N THR C 275 -19.34 -23.16 1.38
CA THR C 275 -18.18 -22.48 1.93
C THR C 275 -18.44 -20.98 2.00
N LYS C 276 -17.58 -20.29 2.76
CA LYS C 276 -17.60 -18.84 2.86
C LYS C 276 -16.49 -18.18 2.07
N CYS C 277 -15.39 -18.89 1.83
CA CYS C 277 -14.25 -18.40 1.07
C CYS C 277 -13.84 -19.46 0.06
N GLN C 278 -13.54 -19.02 -1.16
CA GLN C 278 -13.23 -19.96 -2.24
C GLN C 278 -11.93 -19.56 -2.93
N THR C 279 -11.12 -20.56 -3.22
CA THR C 279 -9.86 -20.43 -3.96
C THR C 279 -9.92 -21.34 -5.19
N PRO C 280 -9.12 -21.05 -6.22
CA PRO C 280 -9.16 -21.89 -7.42
C PRO C 280 -8.78 -23.33 -7.18
N LEU C 281 -8.07 -23.65 -6.09
CA LEU C 281 -7.72 -25.02 -5.78
C LEU C 281 -8.70 -25.69 -4.82
N GLY C 282 -9.43 -24.93 -4.02
CA GLY C 282 -10.36 -25.51 -3.08
C GLY C 282 -10.96 -24.44 -2.19
N ALA C 283 -11.71 -24.91 -1.19
CA ALA C 283 -12.36 -24.04 -0.22
C ALA C 283 -11.62 -24.05 1.11
N ILE C 284 -11.75 -22.96 1.86
CA ILE C 284 -11.08 -22.80 3.14
C ILE C 284 -12.13 -22.65 4.23
N ASN C 285 -11.98 -23.46 5.28
CA ASN C 285 -12.87 -23.43 6.45
C ASN C 285 -11.99 -23.25 7.69
N THR C 286 -11.81 -22.00 8.11
CA THR C 286 -10.92 -21.73 9.22
C THR C 286 -11.31 -20.40 9.88
N THR C 287 -10.80 -20.21 11.09
CA THR C 287 -10.94 -18.97 11.83
C THR C 287 -9.60 -18.26 12.00
N LEU C 288 -8.52 -18.80 11.45
CA LEU C 288 -7.20 -18.22 11.62
C LEU C 288 -7.05 -16.96 10.76
N PRO C 289 -6.18 -16.04 11.17
CA PRO C 289 -6.07 -14.77 10.43
C PRO C 289 -5.19 -14.81 9.20
N PHE C 290 -4.46 -15.89 8.95
CA PHE C 290 -3.53 -15.96 7.83
C PHE C 290 -3.69 -17.28 7.10
N HIS C 291 -3.28 -17.30 5.84
CA HIS C 291 -3.26 -18.51 5.04
C HIS C 291 -2.26 -18.35 3.91
N ASN C 292 -1.86 -19.47 3.32
CA ASN C 292 -0.95 -19.47 2.17
C ASN C 292 -1.43 -20.42 1.08
N VAL C 293 -2.74 -20.54 0.89
CA VAL C 293 -3.26 -21.47 -0.09
C VAL C 293 -3.13 -20.90 -1.50
N HIS C 294 -3.71 -19.72 -1.72
CA HIS C 294 -3.70 -19.08 -3.04
C HIS C 294 -3.96 -17.60 -2.87
N PRO C 295 -3.37 -16.75 -3.70
CA PRO C 295 -3.63 -15.31 -3.57
C PRO C 295 -4.99 -14.89 -4.10
N LEU C 296 -5.45 -15.51 -5.19
CA LEU C 296 -6.69 -15.09 -5.86
C LEU C 296 -7.87 -15.80 -5.21
N THR C 297 -8.47 -15.15 -4.23
CA THR C 297 -9.59 -15.72 -3.48
C THR C 297 -10.85 -14.89 -3.72
N ILE C 298 -11.99 -15.50 -3.43
CA ILE C 298 -13.29 -14.85 -3.54
C ILE C 298 -14.07 -15.11 -2.26
N GLY C 299 -14.51 -14.04 -1.60
CA GLY C 299 -15.33 -14.15 -0.42
C GLY C 299 -14.71 -13.44 0.77
N GLU C 300 -14.99 -13.97 1.97
CA GLU C 300 -14.42 -13.46 3.21
C GLU C 300 -13.29 -14.39 3.61
N CYS C 301 -12.05 -13.97 3.37
CA CYS C 301 -10.90 -14.84 3.51
C CYS C 301 -9.84 -14.21 4.40
N PRO C 302 -8.99 -15.02 5.03
CA PRO C 302 -7.87 -14.49 5.79
C PRO C 302 -6.82 -13.87 4.88
N LYS C 303 -5.91 -13.13 5.50
CA LYS C 303 -4.83 -12.49 4.76
C LYS C 303 -3.89 -13.52 4.18
N TYR C 304 -3.33 -13.21 3.01
CA TYR C 304 -2.40 -14.09 2.32
C TYR C 304 -0.97 -13.66 2.63
N VAL C 305 -0.14 -14.61 3.01
CA VAL C 305 1.27 -14.36 3.30
C VAL C 305 2.12 -15.43 2.62
N LYS C 306 3.40 -15.14 2.48
CA LYS C 306 4.34 -16.02 1.81
C LYS C 306 5.13 -16.88 2.79
N SER C 307 4.67 -17.00 4.02
CA SER C 307 5.36 -17.81 5.02
C SER C 307 4.96 -19.28 4.90
N GLU C 308 5.77 -20.14 5.52
CA GLU C 308 5.47 -21.56 5.63
C GLU C 308 5.19 -21.99 7.05
N LYS C 309 5.47 -21.15 8.04
CA LYS C 309 5.33 -21.52 9.44
C LYS C 309 5.06 -20.26 10.25
N LEU C 310 3.94 -20.23 10.97
CA LEU C 310 3.60 -19.12 11.87
C LEU C 310 2.96 -19.74 13.10
N VAL C 311 3.77 -20.01 14.12
CA VAL C 311 3.32 -20.68 15.33
C VAL C 311 3.59 -19.78 16.53
N LEU C 312 2.57 -19.60 17.37
CA LEU C 312 2.68 -18.86 18.61
C LEU C 312 2.89 -19.81 19.76
N ALA C 313 3.81 -19.45 20.66
CA ALA C 313 4.13 -20.28 21.82
C ALA C 313 3.13 -19.97 22.94
N THR C 314 2.22 -20.90 23.20
CA THR C 314 1.25 -20.76 24.27
C THR C 314 1.77 -21.33 25.58
N GLY C 315 2.31 -22.54 25.53
CA GLY C 315 2.85 -23.18 26.72
C GLY C 315 4.28 -22.73 27.00
N LEU C 316 4.89 -23.41 27.96
CA LEU C 316 6.22 -23.06 28.42
C LEU C 316 7.26 -24.01 27.85
N ARG C 317 8.52 -23.70 28.14
CA ARG C 317 9.64 -24.43 27.55
C ARG C 317 9.70 -25.86 28.08
N ASN C 318 10.10 -26.77 27.22
CA ASN C 318 10.25 -28.19 27.56
C ASN C 318 11.72 -28.47 27.84
N VAL C 319 12.06 -28.59 29.12
CA VAL C 319 13.40 -28.97 29.54
C VAL C 319 13.25 -30.18 30.45
N PRO C 320 13.11 -31.38 29.90
CA PRO C 320 12.85 -32.56 30.74
C PRO C 320 14.05 -32.96 31.57
N GLN C 321 13.98 -32.70 32.87
CA GLN C 321 15.01 -33.08 33.83
C GLN C 321 14.44 -32.90 35.22
N ILE C 322 15.17 -33.39 36.22
CA ILE C 322 14.72 -33.31 37.60
C ILE C 322 14.59 -31.85 38.04
N ALA C 330 15.88 -36.71 46.86
CA ALA C 330 14.78 -35.80 46.54
C ALA C 330 14.88 -35.33 45.09
N ILE C 331 14.14 -34.27 44.77
CA ILE C 331 14.15 -33.71 43.43
C ILE C 331 14.44 -32.22 43.52
N ALA C 332 14.90 -31.67 42.41
CA ALA C 332 15.32 -30.27 42.35
C ALA C 332 14.13 -29.39 41.97
N GLY C 333 14.41 -28.12 41.67
CA GLY C 333 13.37 -27.18 41.34
C GLY C 333 13.44 -26.69 39.91
N PHE C 334 13.26 -25.39 39.70
CA PHE C 334 13.10 -24.85 38.36
C PHE C 334 14.43 -24.54 37.68
N ILE C 335 15.54 -24.60 38.40
CA ILE C 335 16.84 -24.36 37.76
C ILE C 335 17.38 -25.61 37.07
N GLU C 336 16.94 -26.79 37.46
CA GLU C 336 17.42 -28.03 36.87
C GLU C 336 16.37 -28.70 35.98
N GLY C 337 15.47 -27.93 35.40
CA GLY C 337 14.51 -28.45 34.44
C GLY C 337 13.10 -28.44 35.00
N GLY C 338 12.18 -28.96 34.18
CA GLY C 338 10.77 -28.98 34.52
C GLY C 338 10.30 -30.34 35.01
N TRP C 339 9.26 -30.30 35.85
CA TRP C 339 8.74 -31.51 36.46
C TRP C 339 7.78 -32.22 35.51
N GLN C 340 7.94 -33.53 35.37
CA GLN C 340 7.05 -34.34 34.55
C GLN C 340 5.85 -34.87 35.32
N GLY C 341 5.90 -34.89 36.65
CA GLY C 341 4.83 -35.42 37.45
C GLY C 341 3.69 -34.47 37.74
N MET C 342 3.85 -33.19 37.44
CA MET C 342 2.76 -32.24 37.60
C MET C 342 1.87 -32.29 36.36
N VAL C 343 0.57 -32.50 36.59
CA VAL C 343 -0.36 -32.68 35.48
C VAL C 343 -1.56 -31.76 35.56
N ASP C 344 -1.82 -31.07 36.68
CA ASP C 344 -3.00 -30.26 36.85
C ASP C 344 -2.70 -28.77 36.93
N GLY C 345 -1.61 -28.33 36.31
CA GLY C 345 -1.28 -26.92 36.32
C GLY C 345 0.01 -26.66 35.60
N TRP C 346 0.38 -25.38 35.54
CA TRP C 346 1.61 -24.93 34.90
C TRP C 346 2.75 -24.72 35.89
N TYR C 347 2.50 -23.98 36.97
CA TYR C 347 3.49 -23.78 38.02
C TYR C 347 2.95 -24.38 39.31
N GLY C 348 3.82 -25.01 40.09
CA GLY C 348 3.35 -25.66 41.29
C GLY C 348 4.46 -26.01 42.24
N TYR C 349 4.09 -26.81 43.24
CA TYR C 349 4.97 -27.20 44.33
C TYR C 349 5.11 -28.71 44.39
N HIS C 350 6.20 -29.15 45.02
CA HIS C 350 6.36 -30.52 45.49
C HIS C 350 6.69 -30.46 46.97
N HIS C 351 6.00 -31.27 47.75
CA HIS C 351 6.23 -31.30 49.20
C HIS C 351 6.66 -32.70 49.62
N SER C 352 7.53 -32.75 50.62
CA SER C 352 8.03 -34.00 51.17
C SER C 352 8.14 -33.87 52.68
N ASN C 353 7.29 -34.58 53.42
CA ASN C 353 7.39 -34.61 54.87
C ASN C 353 7.07 -35.99 55.40
N ASP C 354 7.00 -36.14 56.72
CA ASP C 354 6.86 -37.46 57.32
C ASP C 354 5.51 -38.11 57.07
N GLN C 355 4.53 -37.37 56.56
CA GLN C 355 3.25 -37.94 56.18
C GLN C 355 3.16 -38.24 54.68
N GLY C 356 4.26 -38.09 53.95
CA GLY C 356 4.31 -38.47 52.56
C GLY C 356 4.89 -37.38 51.68
N SER C 357 4.91 -37.66 50.38
CA SER C 357 5.44 -36.75 49.38
C SER C 357 4.45 -36.66 48.23
N GLY C 358 4.48 -35.53 47.53
CA GLY C 358 3.57 -35.37 46.41
C GLY C 358 3.77 -34.05 45.70
N TYR C 359 3.02 -33.89 44.61
CA TYR C 359 2.99 -32.69 43.80
C TYR C 359 1.69 -31.93 44.05
N ALA C 360 1.66 -30.69 43.57
CA ALA C 360 0.46 -29.87 43.68
C ALA C 360 0.45 -28.91 42.50
N ALA C 361 -0.39 -27.87 42.60
CA ALA C 361 -0.43 -26.82 41.58
C ALA C 361 -0.98 -25.55 42.21
N ASP C 362 -0.38 -24.42 41.86
CA ASP C 362 -0.83 -23.12 42.33
C ASP C 362 -1.85 -22.58 41.35
N LYS C 363 -3.13 -22.54 41.76
CA LYS C 363 -4.20 -22.24 40.83
C LYS C 363 -4.21 -20.77 40.42
N GLU C 364 -3.88 -19.86 41.33
CA GLU C 364 -3.96 -18.44 41.03
C GLU C 364 -2.97 -18.05 39.93
N SER C 365 -1.70 -18.42 40.08
CA SER C 365 -0.70 -18.06 39.09
C SER C 365 -1.01 -18.70 37.74
N THR C 366 -1.40 -19.98 37.74
CA THR C 366 -1.71 -20.66 36.50
C THR C 366 -2.89 -19.99 35.80
N GLN C 367 -3.93 -19.64 36.56
CA GLN C 367 -5.09 -18.99 35.97
C GLN C 367 -4.74 -17.63 35.40
N LYS C 368 -3.94 -16.84 36.12
CA LYS C 368 -3.55 -15.52 35.62
C LYS C 368 -2.74 -15.64 34.34
N ALA C 369 -1.77 -16.57 34.31
CA ALA C 369 -0.98 -16.76 33.10
C ALA C 369 -1.84 -17.25 31.94
N PHE C 370 -2.77 -18.15 32.22
CA PHE C 370 -3.65 -18.66 31.16
C PHE C 370 -4.51 -17.55 30.58
N ASP C 371 -5.07 -16.70 31.44
CA ASP C 371 -5.86 -15.57 30.96
C ASP C 371 -5.01 -14.61 30.14
N GLY C 372 -3.78 -14.35 30.58
CA GLY C 372 -2.91 -13.47 29.82
C GLY C 372 -2.60 -14.01 28.43
N ILE C 373 -2.28 -15.30 28.35
CA ILE C 373 -1.93 -15.89 27.06
C ILE C 373 -3.15 -15.93 26.14
N THR C 374 -4.32 -16.27 26.70
CA THR C 374 -5.53 -16.27 25.90
C THR C 374 -5.84 -14.88 25.36
N ASN C 375 -5.67 -13.85 26.19
CA ASN C 375 -5.91 -12.48 25.72
C ASN C 375 -4.89 -12.09 24.66
N LYS C 376 -3.64 -12.53 24.79
CA LYS C 376 -2.65 -12.22 23.77
C LYS C 376 -3.03 -12.83 22.42
N VAL C 377 -3.41 -14.10 22.43
CA VAL C 377 -3.80 -14.76 21.18
C VAL C 377 -5.04 -14.10 20.60
N ASN C 378 -6.01 -13.76 21.45
CA ASN C 378 -7.22 -13.11 20.96
C ASN C 378 -6.93 -11.73 20.39
N SER C 379 -6.00 -10.99 21.01
CA SER C 379 -5.63 -9.69 20.48
C SER C 379 -4.99 -9.83 19.11
N VAL C 380 -4.12 -10.82 18.94
CA VAL C 380 -3.48 -10.99 17.65
C VAL C 380 -4.49 -11.43 16.58
N ILE C 381 -5.47 -12.24 16.97
CA ILE C 381 -6.38 -12.85 16.00
C ILE C 381 -7.54 -11.92 15.64
N GLU C 382 -8.24 -11.40 16.64
CA GLU C 382 -9.51 -10.69 16.42
C GLU C 382 -9.33 -9.20 16.18
N LYS C 383 -8.18 -8.76 15.68
CA LYS C 383 -7.98 -7.38 15.27
C LYS C 383 -7.78 -7.25 13.77
N MET C 384 -7.96 -8.33 13.01
CA MET C 384 -7.86 -8.30 11.57
C MET C 384 -9.25 -8.19 10.97
N ASN C 385 -9.42 -7.25 10.04
CA ASN C 385 -10.70 -7.00 9.41
C ASN C 385 -10.85 -7.91 8.20
N THR C 386 -11.90 -8.71 8.17
CA THR C 386 -12.17 -9.67 7.10
C THR C 386 -13.46 -9.25 6.41
N GLN C 387 -13.33 -8.55 5.29
CA GLN C 387 -14.47 -8.14 4.47
C GLN C 387 -14.55 -9.02 3.23
N PHE C 388 -15.67 -8.90 2.52
CA PHE C 388 -15.84 -9.59 1.26
C PHE C 388 -14.96 -8.95 0.21
N GLU C 389 -14.22 -9.77 -0.53
CA GLU C 389 -13.32 -9.26 -1.55
C GLU C 389 -13.20 -10.25 -2.69
N ALA C 390 -12.91 -9.71 -3.88
CA ALA C 390 -12.54 -10.48 -5.05
C ALA C 390 -11.27 -9.87 -5.63
N VAL C 391 -10.26 -10.71 -5.84
CA VAL C 391 -8.93 -10.20 -6.17
C VAL C 391 -8.68 -10.12 -7.67
N GLY C 392 -9.20 -11.07 -8.44
CA GLY C 392 -8.91 -11.11 -9.86
C GLY C 392 -9.42 -9.87 -10.59
N LYS C 393 -8.59 -9.35 -11.49
CA LYS C 393 -8.94 -8.21 -12.32
C LYS C 393 -8.36 -8.42 -13.70
N GLU C 394 -9.13 -8.07 -14.73
CA GLU C 394 -8.76 -8.32 -16.11
C GLU C 394 -8.41 -7.01 -16.82
N PHE C 395 -7.32 -7.04 -17.58
CA PHE C 395 -6.84 -5.88 -18.33
C PHE C 395 -6.53 -6.31 -19.76
N SER C 396 -6.65 -5.37 -20.68
CA SER C 396 -6.45 -5.66 -22.10
C SER C 396 -4.96 -5.58 -22.45
N ASN C 397 -4.66 -5.76 -23.73
CA ASN C 397 -3.28 -5.74 -24.20
C ASN C 397 -2.72 -4.32 -24.34
N LEU C 398 -3.57 -3.31 -24.35
CA LEU C 398 -3.13 -1.93 -24.41
C LEU C 398 -3.16 -1.24 -23.06
N GLU C 399 -3.37 -1.99 -21.99
CA GLU C 399 -3.43 -1.46 -20.62
C GLU C 399 -2.39 -2.15 -19.74
N ARG C 400 -1.17 -2.32 -20.25
CA ARG C 400 -0.14 -3.01 -19.50
C ARG C 400 0.36 -2.19 -18.32
N ARG C 401 0.39 -0.86 -18.46
CA ARG C 401 0.82 -0.02 -17.34
C ARG C 401 -0.14 -0.14 -16.16
N LEU C 402 -1.44 -0.16 -16.43
CA LEU C 402 -2.42 -0.33 -15.36
C LEU C 402 -2.27 -1.69 -14.68
N GLU C 403 -2.04 -2.74 -15.47
CA GLU C 403 -1.83 -4.07 -14.92
C GLU C 403 -0.58 -4.12 -14.04
N ASN C 404 0.49 -3.47 -14.49
CA ASN C 404 1.71 -3.44 -13.70
C ASN C 404 1.51 -2.69 -12.40
N LEU C 405 0.76 -1.59 -12.43
CA LEU C 405 0.46 -0.86 -11.20
C LEU C 405 -0.32 -1.73 -10.23
N ASN C 406 -1.32 -2.45 -10.73
CA ASN C 406 -2.08 -3.37 -9.89
C ASN C 406 -1.17 -4.42 -9.26
N LYS C 407 -0.31 -5.02 -10.08
CA LYS C 407 0.60 -6.05 -9.59
C LYS C 407 1.54 -5.51 -8.54
N LYS C 408 2.02 -4.28 -8.74
CA LYS C 408 2.90 -3.64 -7.76
C LYS C 408 2.20 -3.43 -6.43
N MET C 409 0.94 -2.97 -6.47
CA MET C 409 0.22 -2.78 -5.22
C MET C 409 0.04 -4.10 -4.48
N GLU C 410 -0.36 -5.15 -5.21
CA GLU C 410 -0.56 -6.44 -4.56
C GLU C 410 0.74 -6.98 -3.96
N ASP C 411 1.84 -6.88 -4.70
CA ASP C 411 3.12 -7.35 -4.20
C ASP C 411 3.56 -6.56 -2.97
N GLY C 412 3.37 -5.24 -2.99
CA GLY C 412 3.76 -4.43 -1.85
C GLY C 412 2.97 -4.78 -0.60
N PHE C 413 1.66 -4.92 -0.73
CA PHE C 413 0.85 -5.30 0.42
C PHE C 413 1.24 -6.67 0.94
N LEU C 414 1.49 -7.62 0.03
CA LEU C 414 1.93 -8.95 0.44
C LEU C 414 3.22 -8.88 1.25
N ASP C 415 4.20 -8.11 0.76
CA ASP C 415 5.48 -8.01 1.46
C ASP C 415 5.30 -7.39 2.83
N VAL C 416 4.51 -6.32 2.93
CA VAL C 416 4.31 -5.65 4.21
C VAL C 416 3.69 -6.63 5.21
N TRP C 417 2.64 -7.33 4.79
CA TRP C 417 1.95 -8.22 5.72
C TRP C 417 2.84 -9.39 6.14
N THR C 418 3.61 -9.94 5.21
CA THR C 418 4.51 -11.04 5.55
C THR C 418 5.55 -10.62 6.58
N TYR C 419 6.21 -9.48 6.33
CA TYR C 419 7.21 -8.98 7.26
C TYR C 419 6.61 -8.73 8.64
N ASN C 420 5.47 -8.05 8.68
CA ASN C 420 4.85 -7.72 9.96
C ASN C 420 4.46 -8.97 10.73
N ALA C 421 3.85 -9.95 10.05
CA ALA C 421 3.42 -11.16 10.72
C ALA C 421 4.60 -11.92 11.30
N GLU C 422 5.66 -12.09 10.52
CA GLU C 422 6.81 -12.86 10.99
C GLU C 422 7.48 -12.18 12.18
N LEU C 423 7.70 -10.86 12.08
CA LEU C 423 8.36 -10.16 13.18
C LEU C 423 7.50 -10.16 14.44
N LEU C 424 6.18 -9.98 14.29
CA LEU C 424 5.30 -10.01 15.45
C LEU C 424 5.33 -11.36 16.13
N VAL C 425 5.30 -12.44 15.34
CA VAL C 425 5.33 -13.78 15.94
C VAL C 425 6.63 -13.99 16.70
N LEU C 426 7.76 -13.60 16.11
CA LEU C 426 9.05 -13.79 16.79
C LEU C 426 9.10 -13.02 18.10
N MET C 427 8.73 -11.75 18.07
CA MET C 427 8.80 -10.92 19.27
C MET C 427 7.86 -11.43 20.35
N GLU C 428 6.64 -11.83 19.98
CA GLU C 428 5.69 -12.31 20.96
C GLU C 428 6.14 -13.62 21.58
N ASN C 429 6.75 -14.50 20.78
CA ASN C 429 7.28 -15.75 21.33
C ASN C 429 8.38 -15.47 22.35
N GLU C 430 9.29 -14.55 22.03
CA GLU C 430 10.33 -14.21 22.99
C GLU C 430 9.72 -13.65 24.27
N ARG C 431 8.73 -12.78 24.14
CA ARG C 431 8.13 -12.17 25.32
C ARG C 431 7.40 -13.20 26.20
N THR C 432 6.70 -14.15 25.59
CA THR C 432 5.98 -15.14 26.41
C THR C 432 6.96 -16.11 27.07
N LEU C 433 8.05 -16.47 26.37
CA LEU C 433 9.04 -17.33 26.99
C LEU C 433 9.73 -16.64 28.17
N ASP C 434 9.91 -15.32 28.09
CA ASP C 434 10.42 -14.60 29.26
C ASP C 434 9.35 -14.47 30.35
N PHE C 435 8.09 -14.35 29.94
CA PHE C 435 6.98 -14.21 30.89
C PHE C 435 6.88 -15.41 31.81
N HIS C 436 7.03 -16.61 31.26
CA HIS C 436 6.89 -17.81 32.08
C HIS C 436 7.99 -17.88 33.14
N ASP C 437 9.23 -17.60 32.74
CA ASP C 437 10.34 -17.61 33.71
C ASP C 437 10.13 -16.54 34.77
N SER C 438 9.65 -15.36 34.37
CA SER C 438 9.36 -14.32 35.35
C SER C 438 8.31 -14.78 36.36
N ASN C 439 7.28 -15.47 35.88
CA ASN C 439 6.24 -15.96 36.78
C ASN C 439 6.79 -16.94 37.80
N VAL C 440 7.61 -17.89 37.33
CA VAL C 440 8.17 -18.88 38.24
C VAL C 440 9.07 -18.21 39.27
N LYS C 441 9.90 -17.27 38.83
CA LYS C 441 10.78 -16.57 39.77
C LYS C 441 9.99 -15.75 40.77
N ASN C 442 8.89 -15.14 40.33
CA ASN C 442 8.06 -14.36 41.25
C ASN C 442 7.43 -15.25 42.31
N LEU C 443 6.97 -16.44 41.92
CA LEU C 443 6.43 -17.37 42.89
C LEU C 443 7.50 -17.80 43.90
N TYR C 444 8.71 -18.08 43.41
CA TYR C 444 9.81 -18.44 44.30
C TYR C 444 10.12 -17.31 45.28
N ASP C 445 10.16 -16.08 44.79
CA ASP C 445 10.46 -14.93 45.64
C ASP C 445 9.36 -14.71 46.67
N LYS C 446 8.10 -14.89 46.27
CA LYS C 446 7.00 -14.73 47.22
C LYS C 446 7.09 -15.75 48.35
N VAL C 447 7.38 -17.01 48.00
CA VAL C 447 7.53 -18.03 49.03
C VAL C 447 8.71 -17.71 49.93
N ARG C 448 9.82 -17.26 49.35
CA ARG C 448 10.99 -16.92 50.17
C ARG C 448 10.70 -15.76 51.12
N MET C 449 10.01 -14.73 50.63
CA MET C 449 9.67 -13.60 51.49
C MET C 449 8.75 -14.03 52.63
N GLN C 450 7.77 -14.88 52.32
CA GLN C 450 6.89 -15.37 53.38
C GLN C 450 7.64 -16.21 54.40
N LEU C 451 8.57 -17.04 53.94
CA LEU C 451 9.24 -17.98 54.83
C LEU C 451 10.36 -17.35 55.64
N ARG C 452 10.97 -16.27 55.14
CA ARG C 452 12.03 -15.56 55.84
C ARG C 452 13.16 -16.49 56.25
N ASP C 453 13.70 -16.28 57.44
CA ASP C 453 14.90 -16.98 57.90
C ASP C 453 14.59 -18.32 58.56
N ASN C 454 13.31 -18.69 58.68
CA ASN C 454 12.94 -19.97 59.28
C ASN C 454 13.36 -21.17 58.44
N VAL C 455 13.79 -20.96 57.20
CA VAL C 455 14.13 -22.08 56.33
C VAL C 455 15.57 -21.94 55.85
N LYS C 456 16.00 -22.90 55.04
CA LYS C 456 17.31 -22.86 54.40
C LYS C 456 17.12 -23.00 52.90
N GLU C 457 17.73 -22.10 52.13
CA GLU C 457 17.64 -22.12 50.68
C GLU C 457 18.74 -23.02 50.15
N LEU C 458 18.36 -24.22 49.71
CA LEU C 458 19.36 -25.19 49.25
C LEU C 458 20.06 -24.73 47.97
N GLY C 459 19.41 -23.87 47.19
CA GLY C 459 20.01 -23.35 45.98
C GLY C 459 19.54 -24.00 44.69
N ASN C 460 18.73 -25.06 44.78
CA ASN C 460 18.13 -25.69 43.61
C ASN C 460 16.63 -25.48 43.57
N GLY C 461 16.17 -24.33 44.06
CA GLY C 461 14.75 -24.01 44.07
C GLY C 461 13.98 -24.60 45.23
N CYS C 462 14.65 -25.23 46.19
CA CYS C 462 13.99 -25.91 47.28
C CYS C 462 14.34 -25.27 48.61
N PHE C 463 13.40 -25.35 49.54
CA PHE C 463 13.57 -24.85 50.89
C PHE C 463 13.51 -26.02 51.86
N GLU C 464 14.49 -26.09 52.75
CA GLU C 464 14.52 -27.10 53.80
C GLU C 464 14.17 -26.43 55.13
N PHE C 465 13.16 -26.96 55.81
CA PHE C 465 12.63 -26.30 56.99
C PHE C 465 13.48 -26.59 58.22
N TYR C 466 13.54 -25.60 59.12
CA TYR C 466 14.29 -25.70 60.37
C TYR C 466 13.41 -26.13 61.53
N HIS C 467 12.32 -26.84 61.24
CA HIS C 467 11.37 -27.25 62.27
C HIS C 467 10.56 -28.42 61.71
N LYS C 468 9.51 -28.80 62.43
CA LYS C 468 8.63 -29.88 62.01
C LYS C 468 7.37 -29.27 61.40
N CYS C 469 7.14 -29.55 60.11
CA CYS C 469 6.01 -29.00 59.39
C CYS C 469 5.12 -30.15 58.92
N ASP C 470 3.91 -30.22 59.47
CA ASP C 470 2.95 -31.25 59.08
C ASP C 470 2.28 -30.82 57.78
N ASP C 471 1.22 -31.55 57.39
CA ASP C 471 0.51 -31.22 56.16
C ASP C 471 -0.16 -29.87 56.25
N GLU C 472 -0.71 -29.53 57.41
CA GLU C 472 -1.43 -28.26 57.55
C GLU C 472 -0.51 -27.06 57.32
N CYS C 473 0.70 -27.11 57.87
CA CYS C 473 1.67 -26.05 57.62
C CYS C 473 2.04 -25.97 56.14
N MET C 474 2.20 -27.12 55.50
CA MET C 474 2.54 -27.12 54.08
C MET C 474 1.44 -26.46 53.26
N ASN C 475 0.17 -26.81 53.53
CA ASN C 475 -0.92 -26.14 52.83
C ASN C 475 -1.02 -24.67 53.18
N SER C 476 -0.64 -24.28 54.39
CA SER C 476 -0.63 -22.86 54.75
C SER C 476 0.40 -22.11 53.92
N VAL C 477 1.55 -22.73 53.66
CA VAL C 477 2.56 -22.10 52.82
C VAL C 477 2.04 -21.87 51.41
N LYS C 478 1.35 -22.85 50.84
CA LYS C 478 0.89 -22.74 49.46
C LYS C 478 -0.25 -21.73 49.32
N ASN C 479 -1.10 -21.60 50.33
CA ASN C 479 -2.26 -20.72 50.22
C ASN C 479 -1.95 -19.28 50.62
N GLY C 480 -0.71 -18.96 50.96
CA GLY C 480 -0.32 -17.60 51.24
C GLY C 480 -0.60 -17.12 52.64
N THR C 481 -0.89 -18.02 53.58
CA THR C 481 -1.15 -17.65 54.97
C THR C 481 -0.22 -18.48 55.87
N TYR C 482 0.99 -17.96 56.09
CA TYR C 482 1.96 -18.58 56.97
C TYR C 482 2.10 -17.73 58.23
N ASP C 483 1.95 -18.36 59.39
CA ASP C 483 2.06 -17.67 60.68
C ASP C 483 3.52 -17.77 61.12
N TYR C 484 4.31 -16.79 60.71
CA TYR C 484 5.72 -16.78 61.09
C TYR C 484 5.96 -16.73 62.59
N PRO C 485 5.25 -15.90 63.40
CA PRO C 485 5.57 -15.86 64.83
C PRO C 485 5.40 -17.19 65.55
N LYS C 486 4.45 -18.03 65.12
CA LYS C 486 4.17 -19.26 65.86
C LYS C 486 5.37 -20.21 65.83
N TYR C 487 6.04 -20.30 64.69
CA TYR C 487 7.22 -21.15 64.57
C TYR C 487 8.52 -20.39 64.82
N GLU C 488 8.44 -19.13 65.25
CA GLU C 488 9.66 -18.33 65.45
C GLU C 488 10.58 -18.97 66.47
N GLU C 489 10.04 -19.35 67.63
CA GLU C 489 10.89 -19.89 68.69
C GLU C 489 11.43 -21.26 68.30
N GLU C 490 10.57 -22.15 67.83
CA GLU C 490 10.98 -23.53 67.55
C GLU C 490 12.04 -23.59 66.47
N SER C 491 11.87 -22.82 65.39
CA SER C 491 12.84 -22.85 64.30
C SER C 491 14.14 -22.17 64.67
N LYS C 492 14.14 -21.39 65.76
CA LYS C 492 15.34 -20.65 66.14
C LYS C 492 16.39 -21.57 66.75
N LEU C 493 15.97 -22.52 67.59
CA LEU C 493 16.95 -23.39 68.25
C LEU C 493 17.68 -24.25 67.24
N ASN C 494 16.96 -24.81 66.26
CA ASN C 494 17.59 -25.71 65.31
C ASN C 494 18.59 -24.99 64.43
N ARG C 495 18.42 -23.68 64.24
CA ARG C 495 19.30 -22.94 63.33
C ARG C 495 20.71 -22.79 63.90
N ASN C 496 20.83 -22.36 65.16
CA ASN C 496 22.14 -22.08 65.71
C ASN C 496 22.88 -23.36 66.10
N GLU C 497 22.15 -24.41 66.46
CA GLU C 497 22.78 -25.68 66.79
C GLU C 497 23.38 -26.33 65.54
C1 GAL D . -18.91 -17.84 -50.25
C2 GAL D . -19.50 -18.31 -48.91
C3 GAL D . -19.96 -17.11 -48.06
C4 GAL D . -18.79 -16.14 -47.88
C5 GAL D . -18.17 -15.79 -49.24
C6 GAL D . -16.88 -14.96 -49.16
O1 GAL D . -18.46 -18.92 -51.00
O2 GAL D . -20.62 -19.15 -49.08
O3 GAL D . -21.05 -17.22 -47.23
O4 GAL D . -17.79 -16.71 -47.05
O5 GAL D . -17.83 -16.96 -50.00
O6 GAL D . -16.47 -14.54 -50.45
C1 SIA D . -20.33 -17.55 -44.97
C2 SIA D . -21.38 -16.87 -45.94
C3 SIA D . -22.84 -17.22 -45.64
C4 SIA D . -23.86 -16.50 -46.54
C5 SIA D . -23.47 -15.05 -46.79
C6 SIA D . -22.33 -14.55 -45.84
C7 SIA D . -21.78 -13.19 -46.32
C8 SIA D . -20.55 -12.75 -45.49
C9 SIA D . -20.82 -12.88 -44.00
C10 SIA D . -25.35 -13.88 -45.55
C11 SIA D . -26.51 -12.91 -45.77
N5 SIA D . -24.63 -14.17 -46.67
O1A SIA D . -19.97 -16.78 -44.04
O1B SIA D . -19.98 -18.73 -45.21
O4 SIA D . -23.96 -17.13 -47.82
O6 SIA D . -21.20 -15.41 -45.85
O7 SIA D . -21.48 -13.26 -47.72
O8 SIA D . -19.39 -13.48 -45.89
O9 SIA D . -20.02 -13.95 -43.47
O10 SIA D . -25.12 -14.31 -44.43
C1 GAL E . 8.73 25.35 -49.86
C2 GAL E . 9.70 24.34 -49.25
C3 GAL E . 9.00 23.02 -48.94
C4 GAL E . 7.78 23.29 -48.03
C5 GAL E . 6.90 24.38 -48.65
C6 GAL E . 5.76 24.85 -47.74
O1 GAL E . 9.36 26.58 -50.12
O2 GAL E . 10.79 24.04 -50.12
O3 GAL E . 9.66 21.82 -49.04
O4 GAL E . 8.22 23.68 -46.75
O5 GAL E . 7.65 25.56 -48.97
O6 GAL E . 4.90 25.73 -48.42
C1 SIA E . 10.35 21.07 -46.87
C2 SIA E . 9.81 20.66 -48.30
C3 SIA E . 10.68 19.64 -49.05
C4 SIA E . 10.11 19.20 -50.40
C5 SIA E . 8.59 19.01 -50.34
C6 SIA E . 8.04 18.99 -48.90
C7 SIA E . 6.49 19.08 -48.91
C8 SIA E . 5.93 19.21 -47.47
C9 SIA E . 6.53 18.19 -46.53
C10 SIA E . 8.47 16.49 -50.69
C11 SIA E . 7.91 15.44 -51.64
N5 SIA E . 8.21 17.78 -51.05
O1A SIA E . 9.79 20.42 -45.94
O1B SIA E . 11.24 21.95 -46.80
O4 SIA E . 10.37 20.18 -51.42
O6 SIA E . 8.45 20.11 -48.14
O7 SIA E . 6.08 20.16 -49.74
O8 SIA E . 6.11 20.55 -47.00
O9 SIA E . 7.39 18.84 -45.59
O10 SIA E . 9.11 16.15 -49.68
C1 NAG F . 31.54 -5.12 -3.62
C2 NAG F . 32.48 -5.40 -4.78
C3 NAG F . 33.32 -6.64 -4.50
C4 NAG F . 34.02 -6.52 -3.15
C5 NAG F . 33.01 -6.20 -2.05
C6 NAG F . 33.66 -5.94 -0.72
C7 NAG F . 31.55 -4.54 -6.88
C8 NAG F . 30.77 -4.88 -8.12
N2 NAG F . 31.76 -5.55 -6.03
O3 NAG F . 34.29 -6.81 -5.53
O4 NAG F . 34.69 -7.73 -2.84
O5 NAG F . 32.28 -5.02 -2.39
O6 NAG F . 32.88 -6.47 0.35
O7 NAG F . 31.98 -3.41 -6.66
C1 NAG G . 36.09 -27.62 35.52
C2 NAG G . 36.81 -28.76 36.25
C3 NAG G . 37.41 -29.72 35.23
C4 NAG G . 36.36 -30.20 34.24
C5 NAG G . 35.65 -29.00 33.61
C6 NAG G . 34.50 -29.39 32.71
C7 NAG G . 37.59 -27.96 38.43
C8 NAG G . 38.76 -27.45 39.21
N2 NAG G . 37.83 -28.25 37.14
O3 NAG G . 37.98 -30.84 35.92
O4 NAG G . 36.95 -30.98 33.22
O5 NAG G . 35.10 -28.15 34.64
O6 NAG G . 34.81 -29.14 31.35
O7 NAG G . 36.48 -28.11 38.93
C1 NAG H . 2.18 -17.54 -43.47
C2 NAG H . 0.88 -18.01 -44.14
C3 NAG H . 0.38 -19.26 -43.45
C4 NAG H . 1.45 -20.33 -43.44
C5 NAG H . 2.74 -19.80 -42.84
C6 NAG H . 3.89 -20.76 -42.95
C7 NAG H . -1.06 -16.86 -45.09
C8 NAG H . -2.03 -15.73 -44.93
N2 NAG H . -0.13 -16.97 -44.14
O3 NAG H . -0.78 -19.74 -44.13
O4 NAG H . 1.01 -21.46 -42.68
O5 NAG H . 3.15 -18.59 -43.51
O6 NAG H . 4.81 -20.63 -41.87
O7 NAG H . -1.11 -17.63 -46.04
C1 NAG I . 23.26 14.17 50.71
C2 NAG I . 23.88 14.80 51.95
C3 NAG I . 24.36 16.21 51.64
C4 NAG I . 25.28 16.21 50.44
C5 NAG I . 24.62 15.51 49.26
C6 NAG I . 25.53 15.35 48.07
C7 NAG I . 23.05 14.01 54.12
C8 NAG I . 21.99 14.15 55.17
N2 NAG I . 22.94 14.81 53.06
O3 NAG I . 25.03 16.75 52.78
O4 NAG I . 25.61 17.54 50.07
O5 NAG I . 24.21 14.19 49.65
O6 NAG I . 24.95 15.90 46.89
O7 NAG I . 23.96 13.20 54.22
C1 NAG J . -14.40 -2.80 29.71
C2 NAG J . -15.25 -4.03 29.39
C3 NAG J . -16.34 -3.66 28.39
C4 NAG J . -17.17 -2.48 28.89
C5 NAG J . -16.24 -1.32 29.25
C6 NAG J . -16.97 -0.15 29.88
C7 NAG J . -13.92 -6.08 29.63
C8 NAG J . -13.10 -7.10 28.93
N2 NAG J . -14.43 -5.10 28.86
O3 NAG J . -17.20 -4.79 28.18
O4 NAG J . -18.09 -2.06 27.90
O5 NAG J . -15.25 -1.75 30.20
O6 NAG J . -16.15 1.00 29.93
O7 NAG J . -14.12 -6.12 30.84
C1 NAG K . 3.47 35.33 -30.65
C2 NAG K . 4.20 35.18 -31.99
C3 NAG K . 5.70 35.01 -31.76
C4 NAG K . 6.23 36.15 -30.91
C5 NAG K . 5.43 36.27 -29.62
C6 NAG K . 5.84 37.47 -28.79
C7 NAG K . 3.63 34.04 -34.08
C8 NAG K . 3.06 32.80 -34.70
N2 NAG K . 3.68 34.06 -32.74
O3 NAG K . 6.36 34.99 -33.02
O4 NAG K . 7.60 35.93 -30.60
O5 NAG K . 4.04 36.42 -29.92
O6 NAG K . 4.93 37.69 -27.73
O7 NAG K . 4.04 34.97 -34.76
C1 SIA L . -35.08 27.06 -29.06
C2 SIA L . -34.80 27.74 -30.46
C3 SIA L . -34.22 29.16 -30.40
C4 SIA L . -33.98 29.77 -31.77
C5 SIA L . -33.36 28.77 -32.75
C6 SIA L . -32.88 27.46 -32.05
C7 SIA L . -32.60 26.36 -33.11
C8 SIA L . -32.54 24.96 -32.48
C9 SIA L . -31.39 24.86 -31.46
C10 SIA L . -31.06 29.81 -32.99
C11 SIA L . -30.12 30.40 -34.04
N5 SIA L . -32.25 29.37 -33.48
O1A SIA L . -34.07 26.42 -28.63
O1B SIA L . -36.21 27.23 -28.53
O2 SIA L . -35.99 27.74 -31.17
O4 SIA L . -35.19 30.25 -32.38
O6 SIA L . -33.87 26.87 -31.22
O7 SIA L . -33.57 26.43 -34.14
O8 SIA L . -33.79 24.63 -31.89
O9 SIA L . -31.94 24.81 -30.15
O10 SIA L . -30.71 29.76 -31.81
C1 NAG M . 15.45 -26.19 12.86
C2 NAG M . 16.83 -26.11 12.23
C3 NAG M . 16.72 -26.21 10.71
C4 NAG M . 15.94 -27.47 10.31
C5 NAG M . 14.59 -27.49 11.04
C6 NAG M . 13.82 -28.77 10.79
C7 NAG M . 18.49 -24.83 13.50
C8 NAG M . 19.07 -23.48 13.78
N2 NAG M . 17.50 -24.88 12.60
O3 NAG M . 18.02 -26.26 10.14
O4 NAG M . 15.72 -27.48 8.91
O5 NAG M . 14.80 -27.40 12.45
O6 NAG M . 12.48 -28.64 11.23
O7 NAG M . 18.88 -25.83 14.09
C1 NAG N . -16.36 -25.90 8.91
C2 NAG N . -17.35 -27.02 8.65
C3 NAG N . -18.39 -27.08 9.75
C4 NAG N . -17.72 -27.19 11.12
C5 NAG N . -16.70 -26.07 11.28
C6 NAG N . -15.89 -26.18 12.55
C7 NAG N . -17.59 -27.51 6.25
C8 NAG N . -18.37 -27.21 5.01
N2 NAG N . -17.99 -26.86 7.35
O3 NAG N . -19.25 -28.20 9.55
O4 NAG N . -18.69 -27.09 12.15
O5 NAG N . -15.76 -26.09 10.20
O6 NAG N . -16.03 -25.02 13.37
O7 NAG N . -16.66 -28.30 6.27
C1 NAG O . -5.85 -21.40 52.56
C2 NAG O . -6.95 -20.64 53.30
C3 NAG O . -6.99 -21.05 54.77
C4 NAG O . -7.11 -22.57 54.89
C5 NAG O . -6.01 -23.25 54.09
C6 NAG O . -6.14 -24.75 54.06
C7 NAG O . -7.43 -18.44 52.31
C8 NAG O . -7.11 -16.98 52.32
N2 NAG O . -6.76 -19.20 53.19
O3 NAG O . -8.10 -20.43 55.41
O4 NAG O . -7.01 -22.96 56.25
O5 NAG O . -6.05 -22.80 52.72
O6 NAG O . -4.94 -25.39 54.49
O7 NAG O . -8.25 -18.92 51.53
#